data_4PA0
#
_entry.id   4PA0
#
_cell.length_a   100.167
_cell.length_b   88.924
_cell.length_c   137.786
_cell.angle_alpha   90.00
_cell.angle_beta   93.92
_cell.angle_gamma   90.00
#
_symmetry.space_group_name_H-M   'P 1 21 1'
#
loop_
_entity.id
_entity.type
_entity.pdbx_description
1 polymer 'Myosin-7,Green fluorescent protein'
2 non-polymer 'methyl 4-(2-fluoro-3-{[(6-methylpyridin-3-yl)carbamoyl]amino}benzyl)piperazine-1-carboxylate'
3 non-polymer GLYCEROL
4 water water
#
_entity_poly.entity_id   1
_entity_poly.type   'polypeptide(L)'
_entity_poly.pdbx_seq_one_letter_code
;MGDSEMAVFGAAAPYLRKSEKERLEAQTRPFDLKKDVFVPDDKQEFVKAKIVSREGGKVTAETEYGKTVTVKEDQVMQQN
PPKFDKIEDMAMLTFLHEPAVLYNLKDRYGSWMIYTYSGLFCVTVNPYKWLPVYTPEVVAAYRGKKRSEAPPHIFSISDN
AYQYMLTDRENQSILITGESGAGKTVNTKRVIQYFAVIAAIGDRSKKDQSPGKGTLEDQIIQANPALEAFGNAKTVRNDN
SSRFGKFIRIHFGATGKLASADIETYLLEKSRVIFQLKAERDYHIFYQILSNKKPELLDMLLITNNPYDYAFISQGETTV
ASIDDAEELMATDNAFDVLGFTSEEKNSMYKLTGAIMHFGNMKFKLKQREEQAEPDGTEEADKSAYLMGLNSADLLKGLC
HPRVKVGNEYVTKGQNVQQVIYATGALAKAVYERMFNWMVTRINATLETKQPRQYFIGVLDIAGFEIFDFNSFEQLCINF
TNEKLQQFFNHHMFVLEQEEYKKEGIEWTFIDFGMDLQACIDLIEKPMGIMSILEEECMFPKATDMTFKAKLFDNHLGKS
ANFQKPRNIKGKPEAHFSLIHYAGIVDYNIIGWLQKNKDPLNETVVGLYQKSSLKLLSTLFANYAGADAPIEKGKGKAKK
GSSFQTVSALHRENLNKLMTNLRSTHPHFVRCIIPNETKSPGVMDNPLVMHQLRCNGVLEGIRICRKGFPNRILYGDFRQ
RYRILNPAAIPEGQFIDSRKGAEKLLSSLDIDHNQYKFGHTKVFFKAGLLGLLEEMRDERLSRIITRTQAAEELFTGVVP
ILVELDGDVNGHKFSVSGEGEGDATYGKLTLKFICTTGKLPVPWPTLVTTF(CRO)VQCFSRYPDHMKRHDFFKSAMPEG
YVQERTIFFKDDGNYKTRAEVKFEGDTLVNRIELKGIDFKEDGNILGHKLEYNYNSHNVYIMADKQKNGIKANFKTRHNI
EDGGVQLADHYQQNTPIGNGPVLLPDNHYLSTQSALSKDPNEKRDHMVLLEFVTAAGITHGMDYKDHD
;
_entity_poly.pdbx_strand_id   A,B
#
loop_
_chem_comp.id
_chem_comp.type
_chem_comp.name
_chem_comp.formula
2OW non-polymer 'methyl 4-(2-fluoro-3-{[(6-methylpyridin-3-yl)carbamoyl]amino}benzyl)piperazine-1-carboxylate' 'C20 H24 F N5 O3'
GOL non-polymer GLYCEROL 'C3 H8 O3'
#
# COMPACT_ATOMS: atom_id res chain seq x y z
N GLY A 2 -25.06 -40.36 -1.21
CA GLY A 2 -25.77 -41.47 -1.84
C GLY A 2 -27.08 -41.02 -2.45
N ASP A 3 -27.47 -41.65 -3.57
CA ASP A 3 -28.65 -41.24 -4.33
C ASP A 3 -29.98 -41.27 -3.59
N SER A 4 -30.13 -42.16 -2.62
CA SER A 4 -31.41 -42.31 -1.97
C SER A 4 -31.67 -41.09 -1.08
N GLU A 5 -30.62 -40.59 -0.43
CA GLU A 5 -30.74 -39.37 0.38
C GLU A 5 -31.28 -38.16 -0.39
N MET A 6 -31.15 -38.18 -1.72
CA MET A 6 -31.58 -37.07 -2.57
C MET A 6 -33.01 -37.23 -3.07
N ALA A 7 -33.57 -38.44 -2.96
CA ALA A 7 -34.95 -38.70 -3.36
C ALA A 7 -35.93 -37.66 -2.85
N VAL A 8 -35.77 -37.25 -1.59
CA VAL A 8 -36.71 -36.33 -0.97
C VAL A 8 -36.79 -34.97 -1.68
N PHE A 9 -35.89 -34.70 -2.61
CA PHE A 9 -35.91 -33.37 -3.24
C PHE A 9 -36.58 -33.36 -4.58
N GLY A 10 -36.93 -34.54 -5.07
CA GLY A 10 -37.59 -34.64 -6.37
C GLY A 10 -36.85 -33.94 -7.50
N ALA A 11 -37.56 -33.09 -8.22
CA ALA A 11 -37.04 -32.50 -9.45
C ALA A 11 -35.97 -31.47 -9.15
N ALA A 12 -35.89 -31.03 -7.91
CA ALA A 12 -34.84 -30.08 -7.57
C ALA A 12 -33.47 -30.73 -7.49
N ALA A 13 -33.41 -32.05 -7.34
CA ALA A 13 -32.14 -32.71 -6.98
C ALA A 13 -30.93 -32.39 -7.90
N PRO A 14 -31.09 -32.47 -9.24
CA PRO A 14 -29.98 -32.10 -10.12
C PRO A 14 -29.47 -30.69 -9.96
N TYR A 15 -30.28 -29.80 -9.42
CA TYR A 15 -29.85 -28.44 -9.23
C TYR A 15 -29.27 -28.24 -7.81
N LEU A 16 -29.14 -29.31 -7.05
CA LEU A 16 -28.64 -29.20 -5.70
C LEU A 16 -27.47 -30.12 -5.45
N ARG A 17 -27.47 -31.28 -6.09
CA ARG A 17 -26.36 -32.21 -5.97
C ARG A 17 -26.43 -33.26 -7.08
N LYS A 18 -25.31 -33.56 -7.71
CA LYS A 18 -25.34 -34.52 -8.79
C LYS A 18 -25.37 -35.91 -8.19
N SER A 19 -25.82 -36.90 -8.97
CA SER A 19 -25.89 -38.29 -8.53
C SER A 19 -24.51 -38.89 -8.33
N GLU A 20 -24.42 -39.94 -7.52
CA GLU A 20 -23.13 -40.58 -7.25
C GLU A 20 -22.51 -41.16 -8.53
N LYS A 21 -23.34 -41.52 -9.50
CA LYS A 21 -22.88 -41.95 -10.82
C LYS A 21 -22.12 -40.83 -11.53
N GLU A 22 -22.75 -39.67 -11.70
CA GLU A 22 -22.05 -38.48 -12.22
C GLU A 22 -20.80 -38.22 -11.44
N ARG A 23 -20.97 -38.04 -10.13
CA ARG A 23 -19.84 -37.67 -9.29
C ARG A 23 -18.75 -38.74 -9.34
N LEU A 24 -19.10 -40.01 -9.50
CA LEU A 24 -18.06 -41.03 -9.60
C LEU A 24 -17.21 -40.78 -10.83
N GLU A 25 -17.85 -40.56 -11.98
CA GLU A 25 -17.13 -40.29 -13.24
C GLU A 25 -16.16 -39.11 -13.17
N ALA A 26 -16.69 -37.95 -12.81
CA ALA A 26 -15.92 -36.73 -12.69
C ALA A 26 -14.67 -36.92 -11.82
N GLN A 27 -14.74 -37.80 -10.85
CA GLN A 27 -13.62 -37.96 -9.93
C GLN A 27 -12.67 -39.07 -10.39
N THR A 28 -12.90 -39.56 -11.61
CA THR A 28 -11.98 -40.51 -12.23
C THR A 28 -11.30 -39.89 -13.43
N ARG A 29 -11.52 -38.59 -13.63
CA ARG A 29 -10.88 -37.94 -14.77
C ARG A 29 -9.37 -37.88 -14.54
N PRO A 30 -8.63 -37.78 -15.65
CA PRO A 30 -7.17 -37.72 -15.59
C PRO A 30 -6.70 -36.45 -14.88
N PHE A 31 -5.72 -36.65 -14.01
CA PHE A 31 -5.21 -35.56 -13.24
C PHE A 31 -3.78 -35.82 -12.83
N ASP A 32 -2.93 -34.83 -13.07
CA ASP A 32 -1.53 -34.85 -12.66
C ASP A 32 -1.24 -33.61 -11.84
N LEU A 33 -1.03 -33.80 -10.53
CA LEU A 33 -0.77 -32.73 -9.59
C LEU A 33 0.43 -31.88 -10.02
N LYS A 34 1.36 -32.49 -10.76
CA LYS A 34 2.56 -31.84 -11.23
C LYS A 34 2.36 -30.96 -12.45
N LYS A 35 1.43 -31.34 -13.32
CA LYS A 35 1.20 -30.61 -14.57
C LYS A 35 -0.01 -29.68 -14.55
N ASP A 36 -1.07 -30.05 -13.84
CA ASP A 36 -2.34 -29.31 -13.93
C ASP A 36 -2.41 -28.22 -12.88
N VAL A 37 -2.28 -26.97 -13.31
CA VAL A 37 -2.07 -25.92 -12.35
C VAL A 37 -2.96 -24.73 -12.66
N PHE A 38 -2.88 -23.69 -11.82
CA PHE A 38 -3.37 -22.36 -12.17
C PHE A 38 -2.21 -21.40 -12.41
N VAL A 39 -2.35 -20.51 -13.38
CA VAL A 39 -1.37 -19.45 -13.56
C VAL A 39 -2.10 -18.13 -13.59
N PRO A 40 -1.43 -17.04 -13.23
CA PRO A 40 -2.06 -15.73 -13.40
C PRO A 40 -2.22 -15.44 -14.89
N ASP A 41 -3.10 -14.50 -15.23
CA ASP A 41 -3.41 -14.21 -16.62
C ASP A 41 -3.84 -12.77 -16.70
N ASP A 42 -3.45 -12.09 -17.77
CA ASP A 42 -3.65 -10.65 -17.89
C ASP A 42 -5.12 -10.30 -18.01
N LYS A 43 -5.80 -10.94 -18.95
CA LYS A 43 -7.18 -10.58 -19.23
C LYS A 43 -8.18 -11.38 -18.37
N GLN A 44 -7.75 -12.49 -17.77
CA GLN A 44 -8.67 -13.35 -17.02
C GLN A 44 -8.39 -13.55 -15.54
N GLU A 45 -7.39 -12.86 -15.01
CA GLU A 45 -7.01 -13.00 -13.61
C GLU A 45 -6.40 -14.37 -13.33
N PHE A 46 -7.13 -15.45 -13.57
CA PHE A 46 -6.53 -16.77 -13.41
C PHE A 46 -7.12 -17.67 -14.43
N VAL A 47 -6.29 -18.60 -14.90
CA VAL A 47 -6.69 -19.63 -15.83
C VAL A 47 -5.99 -20.93 -15.44
N LYS A 48 -6.60 -22.05 -15.83
CA LYS A 48 -5.97 -23.36 -15.67
C LYS A 48 -4.90 -23.49 -16.73
N ALA A 49 -3.95 -24.37 -16.53
CA ALA A 49 -2.89 -24.51 -17.49
C ALA A 49 -2.22 -25.83 -17.27
N LYS A 50 -1.57 -26.36 -18.30
CA LYS A 50 -0.80 -27.60 -18.16
C LYS A 50 0.68 -27.28 -18.30
N ILE A 51 1.48 -27.61 -17.30
CA ILE A 51 2.90 -27.32 -17.40
C ILE A 51 3.53 -28.17 -18.50
N VAL A 52 4.31 -27.53 -19.37
CA VAL A 52 4.99 -28.17 -20.48
C VAL A 52 6.48 -28.32 -20.20
N SER A 53 7.10 -27.26 -19.69
CA SER A 53 8.53 -27.33 -19.36
C SER A 53 8.94 -26.40 -18.23
N ARG A 54 10.21 -26.46 -17.86
CA ARG A 54 10.73 -25.69 -16.74
C ARG A 54 12.24 -25.43 -16.85
N GLU A 55 12.67 -24.27 -16.36
CA GLU A 55 14.10 -23.93 -16.26
C GLU A 55 14.33 -22.56 -15.62
N GLY A 56 15.38 -22.50 -14.81
CA GLY A 56 15.81 -21.27 -14.18
C GLY A 56 14.76 -20.62 -13.31
N GLY A 57 13.91 -21.43 -12.72
CA GLY A 57 12.87 -20.90 -11.86
C GLY A 57 11.77 -20.22 -12.67
N LYS A 58 11.68 -20.57 -13.93
CA LYS A 58 10.56 -20.17 -14.74
C LYS A 58 9.76 -21.43 -15.05
N VAL A 59 8.49 -21.29 -15.36
CA VAL A 59 7.71 -22.45 -15.77
C VAL A 59 7.09 -22.09 -17.10
N THR A 60 7.08 -23.03 -18.04
CA THR A 60 6.33 -22.81 -19.27
C THR A 60 5.08 -23.72 -19.23
N ALA A 61 3.93 -23.23 -19.69
CA ALA A 61 2.68 -23.99 -19.57
C ALA A 61 1.73 -23.61 -20.67
N GLU A 62 0.79 -24.52 -20.98
CA GLU A 62 -0.25 -24.17 -21.91
C GLU A 62 -1.58 -24.02 -21.20
N THR A 63 -2.02 -22.77 -21.23
CA THR A 63 -3.32 -22.28 -20.80
C THR A 63 -4.47 -23.14 -21.34
N GLU A 64 -5.58 -23.21 -20.62
CA GLU A 64 -6.79 -23.88 -21.11
C GLU A 64 -7.35 -23.21 -22.37
N TYR A 65 -6.99 -21.95 -22.62
CA TYR A 65 -7.38 -21.26 -23.86
C TYR A 65 -6.41 -21.52 -25.00
N GLY A 66 -5.35 -22.28 -24.74
CA GLY A 66 -4.40 -22.62 -25.79
C GLY A 66 -3.17 -21.71 -25.90
N LYS A 67 -3.09 -20.69 -25.06
CA LYS A 67 -1.97 -19.76 -25.04
C LYS A 67 -0.74 -20.31 -24.33
N THR A 68 0.42 -20.18 -24.96
CA THR A 68 1.67 -20.54 -24.29
C THR A 68 2.14 -19.41 -23.39
N VAL A 69 2.47 -19.72 -22.14
CA VAL A 69 2.89 -18.69 -21.20
C VAL A 69 4.06 -19.18 -20.39
N THR A 70 4.86 -18.24 -19.87
CA THR A 70 5.86 -18.58 -18.90
C THR A 70 5.72 -17.67 -17.72
N VAL A 71 6.01 -18.18 -16.56
CA VAL A 71 5.72 -17.47 -15.34
C VAL A 71 6.73 -17.90 -14.30
N LYS A 72 6.92 -17.10 -13.26
CA LYS A 72 7.86 -17.46 -12.21
C LYS A 72 7.28 -18.65 -11.50
N GLU A 73 8.13 -19.56 -11.04
CA GLU A 73 7.71 -20.75 -10.29
C GLU A 73 6.76 -20.46 -9.12
N ASP A 74 6.99 -19.36 -8.38
CA ASP A 74 6.16 -19.04 -7.22
C ASP A 74 4.81 -18.44 -7.58
N GLN A 75 4.56 -18.26 -8.88
CA GLN A 75 3.24 -17.78 -9.31
C GLN A 75 2.36 -18.94 -9.77
N VAL A 76 2.85 -20.16 -9.66
CA VAL A 76 2.08 -21.32 -10.08
C VAL A 76 1.35 -21.85 -8.87
N MET A 77 0.09 -22.15 -9.03
CA MET A 77 -0.71 -22.65 -7.93
C MET A 77 -1.31 -23.98 -8.28
N GLN A 78 -1.40 -24.88 -7.30
CA GLN A 78 -1.95 -26.20 -7.50
C GLN A 78 -3.45 -26.20 -7.68
N GLN A 79 -3.92 -27.08 -8.55
CA GLN A 79 -5.32 -27.47 -8.60
C GLN A 79 -5.64 -28.50 -7.54
N ASN A 80 -6.85 -28.43 -7.00
CA ASN A 80 -7.35 -29.52 -6.18
C ASN A 80 -7.59 -30.73 -7.08
N PRO A 81 -7.25 -31.95 -6.60
CA PRO A 81 -7.55 -33.17 -7.36
C PRO A 81 -9.05 -33.37 -7.55
N PRO A 82 -9.45 -34.21 -8.52
CA PRO A 82 -10.86 -34.46 -8.89
C PRO A 82 -11.79 -34.88 -7.75
N LYS A 83 -11.28 -35.47 -6.67
CA LYS A 83 -12.18 -35.85 -5.56
C LYS A 83 -12.89 -34.63 -5.01
N PHE A 84 -12.31 -33.47 -5.25
CA PHE A 84 -12.82 -32.20 -4.75
C PHE A 84 -13.64 -31.42 -5.77
N ASP A 85 -13.88 -32.00 -6.94
CA ASP A 85 -14.64 -31.31 -7.98
C ASP A 85 -16.04 -30.91 -7.45
N LYS A 86 -16.46 -29.69 -7.77
CA LYS A 86 -17.74 -29.15 -7.34
C LYS A 86 -18.04 -29.44 -5.87
N ILE A 87 -17.06 -29.27 -4.99
CA ILE A 87 -17.32 -29.49 -3.58
C ILE A 87 -18.35 -28.45 -3.03
N GLU A 88 -19.15 -28.89 -2.06
CA GLU A 88 -20.26 -28.14 -1.51
C GLU A 88 -19.83 -27.14 -0.45
N ASP A 89 -18.78 -27.47 0.29
CA ASP A 89 -18.16 -26.53 1.22
C ASP A 89 -16.68 -26.35 0.89
N MET A 90 -16.32 -25.17 0.41
CA MET A 90 -14.96 -24.94 -0.08
C MET A 90 -13.88 -24.91 1.01
N ALA A 91 -14.29 -24.79 2.27
CA ALA A 91 -13.38 -24.92 3.41
C ALA A 91 -12.75 -26.33 3.47
N MET A 92 -13.30 -27.28 2.73
CA MET A 92 -12.74 -28.63 2.69
C MET A 92 -11.66 -28.79 1.59
N LEU A 93 -11.45 -27.78 0.76
CA LEU A 93 -10.47 -27.91 -0.30
C LEU A 93 -9.07 -28.06 0.30
N THR A 94 -8.22 -28.83 -0.35
CA THR A 94 -6.84 -28.97 0.09
C THR A 94 -6.12 -27.66 -0.22
N PHE A 95 -6.20 -27.21 -1.47
CA PHE A 95 -5.67 -25.90 -1.87
C PHE A 95 -6.78 -24.88 -1.89
N LEU A 96 -6.66 -23.87 -1.06
CA LEU A 96 -7.76 -22.96 -0.85
C LEU A 96 -7.29 -21.54 -1.20
N HIS A 97 -6.63 -21.40 -2.33
CA HIS A 97 -6.25 -20.10 -2.86
C HIS A 97 -7.35 -19.49 -3.74
N GLU A 98 -7.12 -18.31 -4.34
CA GLU A 98 -8.17 -17.59 -5.08
C GLU A 98 -8.70 -18.37 -6.28
N PRO A 99 -7.82 -18.87 -7.17
CA PRO A 99 -8.43 -19.59 -8.30
C PRO A 99 -9.13 -20.87 -7.93
N ALA A 100 -8.75 -21.55 -6.86
CA ALA A 100 -9.43 -22.81 -6.50
C ALA A 100 -10.88 -22.52 -6.08
N VAL A 101 -11.07 -21.47 -5.32
CA VAL A 101 -12.40 -21.04 -4.93
C VAL A 101 -13.19 -20.65 -6.17
N LEU A 102 -12.57 -19.81 -6.98
CA LEU A 102 -13.23 -19.33 -8.20
C LEU A 102 -13.68 -20.46 -9.10
N TYR A 103 -12.82 -21.45 -9.29
CA TYR A 103 -13.14 -22.48 -10.26
C TYR A 103 -14.11 -23.50 -9.72
N ASN A 104 -14.17 -23.67 -8.40
CA ASN A 104 -15.22 -24.49 -7.79
C ASN A 104 -16.60 -23.84 -7.97
N LEU A 105 -16.70 -22.55 -7.70
CA LEU A 105 -17.93 -21.82 -8.01
C LEU A 105 -18.33 -21.96 -9.46
N LYS A 106 -17.37 -21.74 -10.33
CA LYS A 106 -17.62 -21.72 -11.77
C LYS A 106 -18.07 -23.10 -12.23
N ASP A 107 -17.42 -24.14 -11.71
CA ASP A 107 -17.79 -25.54 -12.06
C ASP A 107 -19.19 -25.88 -11.55
N ARG A 108 -19.50 -25.53 -10.31
CA ARG A 108 -20.80 -25.79 -9.76
C ARG A 108 -21.83 -25.02 -10.57
N TYR A 109 -21.57 -23.76 -10.85
CA TYR A 109 -22.55 -22.92 -11.57
C TYR A 109 -22.76 -23.38 -12.99
N GLY A 110 -21.70 -23.84 -13.63
CA GLY A 110 -21.84 -24.37 -14.97
C GLY A 110 -22.67 -25.63 -15.03
N SER A 111 -22.80 -26.36 -13.91
CA SER A 111 -23.76 -27.49 -13.84
C SER A 111 -25.05 -27.15 -13.10
N TRP A 112 -25.41 -25.87 -13.12
CA TRP A 112 -26.73 -25.40 -12.67
C TRP A 112 -26.93 -25.46 -11.17
N MET A 113 -25.84 -25.67 -10.44
CA MET A 113 -25.85 -25.55 -9.00
C MET A 113 -25.43 -24.14 -8.54
N ILE A 114 -26.40 -23.35 -8.11
CA ILE A 114 -26.06 -21.96 -7.82
C ILE A 114 -25.67 -21.68 -6.37
N TYR A 115 -25.79 -22.67 -5.49
CA TYR A 115 -25.48 -22.48 -4.06
C TYR A 115 -24.24 -23.24 -3.66
N THR A 116 -23.44 -22.61 -2.78
CA THR A 116 -22.14 -23.17 -2.33
C THR A 116 -21.79 -22.58 -0.97
N TYR A 117 -21.28 -23.44 -0.09
CA TYR A 117 -20.77 -22.98 1.19
C TYR A 117 -19.25 -22.70 1.07
N SER A 118 -18.81 -21.69 1.80
CA SER A 118 -17.41 -21.46 2.06
C SER A 118 -17.26 -21.07 3.53
N GLY A 119 -16.94 -22.04 4.37
CA GLY A 119 -16.97 -21.79 5.80
C GLY A 119 -18.35 -21.37 6.21
N LEU A 120 -18.45 -20.25 6.92
CA LEU A 120 -19.72 -19.73 7.35
C LEU A 120 -20.59 -19.23 6.19
N PHE A 121 -19.94 -18.85 5.09
CA PHE A 121 -20.66 -18.23 4.00
C PHE A 121 -21.52 -19.15 3.17
N CYS A 122 -22.72 -18.67 2.87
CA CYS A 122 -23.52 -19.26 1.82
C CYS A 122 -23.41 -18.40 0.60
N VAL A 123 -22.86 -18.95 -0.47
CA VAL A 123 -22.66 -18.17 -1.69
C VAL A 123 -23.75 -18.47 -2.74
N THR A 124 -24.38 -17.40 -3.26
CA THR A 124 -25.48 -17.51 -4.21
C THR A 124 -25.16 -16.89 -5.55
N VAL A 125 -25.12 -17.68 -6.61
CA VAL A 125 -24.92 -17.08 -7.91
C VAL A 125 -26.23 -16.89 -8.66
N ASN A 126 -26.51 -15.66 -9.06
CA ASN A 126 -27.69 -15.33 -9.85
C ASN A 126 -27.81 -16.23 -11.07
N PRO A 127 -28.90 -16.99 -11.17
CA PRO A 127 -28.98 -18.02 -12.21
C PRO A 127 -29.44 -17.53 -13.59
N TYR A 128 -30.15 -16.41 -13.68
CA TYR A 128 -30.71 -15.91 -14.94
C TYR A 128 -31.58 -16.95 -15.62
N LYS A 129 -32.32 -17.71 -14.84
CA LYS A 129 -33.04 -18.87 -15.33
C LYS A 129 -33.90 -19.38 -14.19
N TRP A 130 -35.07 -19.87 -14.50
CA TRP A 130 -35.99 -20.39 -13.51
C TRP A 130 -35.51 -21.76 -13.07
N LEU A 131 -35.46 -22.00 -11.77
CA LEU A 131 -35.02 -23.29 -11.25
C LEU A 131 -36.11 -23.87 -10.40
N PRO A 132 -36.26 -25.19 -10.39
CA PRO A 132 -37.35 -25.76 -9.58
C PRO A 132 -36.94 -26.05 -8.14
N VAL A 133 -36.12 -25.21 -7.53
CA VAL A 133 -35.65 -25.55 -6.20
C VAL A 133 -36.32 -24.79 -5.04
N TYR A 134 -37.43 -24.10 -5.32
CA TYR A 134 -38.17 -23.32 -4.33
C TYR A 134 -39.63 -23.79 -4.18
N THR A 135 -39.88 -25.07 -4.43
CA THR A 135 -41.24 -25.59 -4.32
C THR A 135 -41.54 -25.95 -2.86
N PRO A 136 -42.81 -26.17 -2.51
CA PRO A 136 -43.18 -26.60 -1.15
C PRO A 136 -42.47 -27.89 -0.72
N GLU A 137 -42.23 -28.74 -1.70
CA GLU A 137 -41.58 -30.01 -1.49
C GLU A 137 -40.14 -29.78 -1.02
N VAL A 138 -39.49 -28.76 -1.58
CA VAL A 138 -38.12 -28.47 -1.16
C VAL A 138 -38.12 -27.77 0.19
N VAL A 139 -39.12 -26.93 0.47
CA VAL A 139 -39.28 -26.39 1.82
C VAL A 139 -39.37 -27.53 2.86
N ALA A 140 -40.28 -28.48 2.65
CA ALA A 140 -40.41 -29.61 3.57
C ALA A 140 -39.12 -30.38 3.73
N ALA A 141 -38.41 -30.57 2.63
CA ALA A 141 -37.17 -31.36 2.75
C ALA A 141 -36.02 -30.59 3.48
N TYR A 142 -36.14 -29.28 3.70
CA TYR A 142 -35.08 -28.55 4.43
C TYR A 142 -35.42 -28.26 5.90
N ARG A 143 -36.66 -28.52 6.31
CA ARG A 143 -37.11 -28.22 7.68
C ARG A 143 -36.38 -29.04 8.70
N GLY A 144 -35.77 -28.36 9.65
CA GLY A 144 -35.06 -29.05 10.70
C GLY A 144 -33.74 -29.73 10.36
N LYS A 145 -33.22 -29.53 9.15
CA LYS A 145 -31.93 -30.12 8.83
C LYS A 145 -30.77 -29.19 9.14
N LYS A 146 -29.75 -29.73 9.77
CA LYS A 146 -28.50 -29.00 9.96
C LYS A 146 -27.91 -28.78 8.58
N ARG A 147 -27.02 -27.80 8.48
CA ARG A 147 -26.38 -27.50 7.21
C ARG A 147 -25.71 -28.68 6.51
N SER A 148 -25.00 -29.48 7.28
CA SER A 148 -24.29 -30.62 6.72
C SER A 148 -25.18 -31.78 6.25
N GLU A 149 -26.46 -31.77 6.60
CA GLU A 149 -27.33 -32.90 6.31
C GLU A 149 -28.10 -32.73 5.01
N ALA A 150 -27.83 -31.67 4.26
CA ALA A 150 -28.53 -31.42 3.01
C ALA A 150 -27.58 -30.64 2.08
N PRO A 151 -27.81 -30.64 0.76
CA PRO A 151 -27.01 -29.83 -0.15
C PRO A 151 -27.08 -28.32 0.16
N PRO A 152 -26.11 -27.53 -0.32
CA PRO A 152 -26.23 -26.09 -0.05
C PRO A 152 -27.54 -25.53 -0.58
N HIS A 153 -28.10 -24.56 0.11
CA HIS A 153 -29.33 -23.93 -0.30
C HIS A 153 -29.51 -22.76 0.65
N ILE A 154 -30.07 -21.66 0.16
CA ILE A 154 -30.48 -20.60 1.08
C ILE A 154 -31.60 -21.04 2.08
N PHE A 155 -32.42 -22.07 1.78
CA PHE A 155 -33.38 -22.53 2.79
C PHE A 155 -32.66 -23.01 4.02
N SER A 156 -31.44 -23.51 3.85
CA SER A 156 -30.67 -23.97 4.99
C SER A 156 -30.34 -22.86 5.91
N ILE A 157 -30.01 -21.70 5.35
CA ILE A 157 -29.66 -20.55 6.14
C ILE A 157 -30.87 -20.10 6.92
N SER A 158 -31.99 -19.93 6.22
CA SER A 158 -33.24 -19.51 6.86
C SER A 158 -33.75 -20.49 7.93
N ASP A 159 -33.72 -21.79 7.63
CA ASP A 159 -34.28 -22.76 8.56
C ASP A 159 -33.44 -22.86 9.80
N ASN A 160 -32.12 -22.81 9.61
CA ASN A 160 -31.24 -22.84 10.76
C ASN A 160 -31.25 -21.59 11.59
N ALA A 161 -31.41 -20.45 10.96
CA ALA A 161 -31.46 -19.21 11.73
C ALA A 161 -32.70 -19.28 12.61
N TYR A 162 -33.81 -19.74 12.03
CA TYR A 162 -35.07 -19.95 12.79
C TYR A 162 -34.94 -20.92 13.93
N GLN A 163 -34.40 -22.11 13.68
CA GLN A 163 -34.17 -23.11 14.73
C GLN A 163 -33.21 -22.61 15.80
N TYR A 164 -32.13 -21.96 15.41
CA TYR A 164 -31.23 -21.41 16.45
C TYR A 164 -31.97 -20.47 17.37
N MET A 165 -32.80 -19.59 16.82
CA MET A 165 -33.59 -18.73 17.69
C MET A 165 -34.49 -19.51 18.67
N LEU A 166 -35.18 -20.55 18.18
CA LEU A 166 -36.07 -21.29 19.08
C LEU A 166 -35.29 -22.11 20.06
N THR A 167 -34.19 -22.67 19.60
CA THR A 167 -33.41 -23.58 20.44
C THR A 167 -32.49 -22.83 21.44
N ASP A 168 -31.81 -21.79 20.99
CA ASP A 168 -30.90 -21.06 21.88
C ASP A 168 -31.61 -19.91 22.60
N ARG A 169 -32.80 -19.58 22.12
CA ARG A 169 -33.55 -18.41 22.58
C ARG A 169 -32.68 -17.17 22.60
N GLU A 170 -32.10 -16.88 21.43
CA GLU A 170 -31.34 -15.67 21.26
C GLU A 170 -31.54 -15.12 19.84
N ASN A 171 -31.42 -13.80 19.69
CA ASN A 171 -31.57 -13.15 18.40
C ASN A 171 -30.66 -13.71 17.31
N GLN A 172 -31.09 -13.57 16.08
CA GLN A 172 -30.31 -14.06 14.97
C GLN A 172 -30.30 -12.98 13.92
N SER A 173 -29.27 -12.98 13.08
CA SER A 173 -29.34 -12.09 11.95
C SER A 173 -28.82 -12.81 10.74
N ILE A 174 -29.25 -12.37 9.57
CA ILE A 174 -28.82 -12.94 8.28
C ILE A 174 -28.34 -11.77 7.45
N LEU A 175 -27.06 -11.79 7.07
CA LEU A 175 -26.45 -10.64 6.38
C LEU A 175 -26.21 -10.98 4.90
N ILE A 176 -26.85 -10.20 4.04
CA ILE A 176 -26.87 -10.51 2.62
C ILE A 176 -26.23 -9.36 1.85
N THR A 177 -25.06 -9.57 1.24
CA THR A 177 -24.45 -8.52 0.42
C THR A 177 -24.27 -8.95 -1.02
N GLY A 178 -23.90 -7.96 -1.82
CA GLY A 178 -23.61 -8.17 -3.21
C GLY A 178 -23.54 -6.83 -3.92
N GLU A 179 -23.04 -6.86 -5.14
CA GLU A 179 -23.06 -5.69 -6.00
C GLU A 179 -24.48 -5.54 -6.48
N SER A 180 -24.78 -4.37 -7.05
CA SER A 180 -26.06 -4.15 -7.69
C SER A 180 -26.25 -5.23 -8.75
N GLY A 181 -27.41 -5.89 -8.69
CA GLY A 181 -27.75 -6.94 -9.65
C GLY A 181 -27.27 -8.33 -9.30
N ALA A 182 -26.61 -8.49 -8.16
CA ALA A 182 -26.14 -9.82 -7.77
C ALA A 182 -27.28 -10.68 -7.26
N GLY A 183 -28.44 -10.10 -6.96
CA GLY A 183 -29.53 -10.92 -6.46
C GLY A 183 -29.82 -10.80 -4.97
N LYS A 184 -29.33 -9.75 -4.30
CA LYS A 184 -29.65 -9.51 -2.89
C LYS A 184 -31.15 -9.42 -2.59
N THR A 185 -31.87 -8.70 -3.43
CA THR A 185 -33.27 -8.39 -3.16
C THR A 185 -34.15 -9.61 -3.30
N VAL A 186 -33.92 -10.40 -4.36
CA VAL A 186 -34.63 -11.65 -4.54
C VAL A 186 -34.36 -12.60 -3.36
N ASN A 187 -33.11 -12.64 -2.91
CA ASN A 187 -32.75 -13.53 -1.81
C ASN A 187 -33.32 -13.12 -0.49
N THR A 188 -33.35 -11.81 -0.27
CA THR A 188 -34.01 -11.23 0.88
C THR A 188 -35.50 -11.60 0.93
N LYS A 189 -36.16 -11.56 -0.22
CA LYS A 189 -37.59 -11.89 -0.25
C LYS A 189 -37.72 -13.36 0.02
N ARG A 190 -36.85 -14.18 -0.58
CA ARG A 190 -36.92 -15.62 -0.35
C ARG A 190 -36.82 -15.94 1.11
N VAL A 191 -35.87 -15.31 1.78
CA VAL A 191 -35.68 -15.58 3.19
C VAL A 191 -36.93 -15.18 3.98
N ILE A 192 -37.49 -13.99 3.74
CA ILE A 192 -38.65 -13.56 4.52
C ILE A 192 -39.93 -14.40 4.20
N GLN A 193 -40.15 -14.75 2.94
CA GLN A 193 -41.22 -15.60 2.58
C GLN A 193 -41.12 -16.93 3.32
N TYR A 194 -39.90 -17.41 3.51
CA TYR A 194 -39.69 -18.69 4.16
C TYR A 194 -40.08 -18.56 5.63
N PHE A 195 -39.80 -17.40 6.21
CA PHE A 195 -40.18 -17.22 7.61
C PHE A 195 -41.71 -17.19 7.74
N ALA A 196 -42.36 -16.51 6.79
CA ALA A 196 -43.81 -16.38 6.80
C ALA A 196 -44.48 -17.76 6.61
N VAL A 197 -43.85 -18.66 5.85
CA VAL A 197 -44.38 -20.00 5.63
C VAL A 197 -44.33 -20.89 6.90
N ILE A 198 -43.25 -20.78 7.68
CA ILE A 198 -43.01 -21.74 8.74
C ILE A 198 -43.24 -21.22 10.16
N ALA A 199 -43.27 -19.91 10.33
CA ALA A 199 -43.29 -19.34 11.70
C ALA A 199 -44.59 -19.72 12.37
N ALA A 200 -44.54 -20.00 13.66
CA ALA A 200 -45.73 -20.29 14.39
C ALA A 200 -46.52 -19.01 14.60
N ILE A 201 -47.83 -19.11 14.56
CA ILE A 201 -48.67 -17.97 14.87
C ILE A 201 -48.92 -18.12 16.38
N GLY A 202 -49.10 -17.03 17.10
CA GLY A 202 -49.40 -15.74 16.53
C GLY A 202 -50.71 -15.43 17.24
N ASP A 203 -50.81 -15.62 18.55
CA ASP A 203 -52.08 -15.38 19.29
C ASP A 203 -52.74 -14.02 18.98
N ARG A 204 -54.06 -14.04 18.79
CA ARG A 204 -54.80 -12.86 18.30
C ARG A 204 -55.13 -11.81 19.38
N SER A 205 -54.98 -10.53 19.02
CA SER A 205 -55.44 -9.41 19.84
C SER A 205 -55.69 -8.16 18.97
N GLN A 209 -55.09 -4.49 17.92
CA GLN A 209 -55.55 -3.12 17.70
C GLN A 209 -54.60 -2.38 16.76
N SER A 210 -54.73 -2.63 15.45
CA SER A 210 -53.72 -2.26 14.47
C SER A 210 -54.28 -2.24 13.05
N PRO A 211 -53.85 -1.27 12.23
CA PRO A 211 -54.25 -1.13 10.82
C PRO A 211 -53.73 -2.28 9.95
N GLY A 212 -54.27 -2.42 8.73
CA GLY A 212 -53.84 -3.48 7.86
C GLY A 212 -54.95 -4.51 7.67
N LYS A 213 -54.94 -5.14 6.50
CA LYS A 213 -55.83 -6.21 6.12
C LYS A 213 -54.99 -7.48 6.16
N GLY A 214 -55.62 -8.63 6.38
CA GLY A 214 -54.88 -9.88 6.46
C GLY A 214 -54.13 -10.11 7.76
N THR A 215 -53.26 -11.12 7.72
CA THR A 215 -52.40 -11.45 8.84
C THR A 215 -51.14 -10.60 8.81
N LEU A 216 -50.38 -10.63 9.88
CA LEU A 216 -49.08 -9.99 9.91
C LEU A 216 -48.19 -10.50 8.77
N GLU A 217 -48.27 -11.81 8.46
CA GLU A 217 -47.47 -12.36 7.38
C GLU A 217 -47.83 -11.72 6.03
N ASP A 218 -49.11 -11.47 5.80
CA ASP A 218 -49.51 -10.85 4.56
C ASP A 218 -48.88 -9.45 4.59
N GLN A 219 -48.92 -8.80 5.75
CA GLN A 219 -48.52 -7.40 5.76
C GLN A 219 -47.01 -7.25 5.56
N ILE A 220 -46.23 -8.08 6.26
CA ILE A 220 -44.80 -8.18 6.08
C ILE A 220 -44.43 -8.35 4.59
N ILE A 221 -45.11 -9.27 3.91
CA ILE A 221 -44.83 -9.53 2.51
C ILE A 221 -45.31 -8.38 1.61
N GLN A 222 -46.37 -7.68 1.98
CA GLN A 222 -46.85 -6.60 1.13
C GLN A 222 -46.03 -5.31 1.24
N ALA A 223 -45.21 -5.19 2.28
CA ALA A 223 -44.28 -4.06 2.39
C ALA A 223 -43.39 -3.99 1.17
N ASN A 224 -43.11 -5.13 0.57
CA ASN A 224 -42.29 -5.19 -0.65
C ASN A 224 -42.82 -4.44 -1.90
N PRO A 225 -44.03 -4.77 -2.41
CA PRO A 225 -44.38 -3.98 -3.61
C PRO A 225 -44.59 -2.50 -3.30
N ALA A 226 -44.99 -2.19 -2.07
CA ALA A 226 -45.07 -0.80 -1.65
C ALA A 226 -43.69 -0.08 -1.73
N LEU A 227 -42.70 -0.57 -0.99
CA LEU A 227 -41.36 0.01 -1.03
C LEU A 227 -40.72 -0.02 -2.40
N GLU A 228 -40.99 -1.05 -3.19
CA GLU A 228 -40.29 -1.16 -4.47
C GLU A 228 -40.71 -0.13 -5.49
N ALA A 229 -41.95 0.34 -5.42
CA ALA A 229 -42.41 1.36 -6.36
C ALA A 229 -41.61 2.65 -6.17
N PHE A 230 -41.25 2.95 -4.94
CA PHE A 230 -40.57 4.21 -4.65
C PHE A 230 -39.04 4.07 -4.51
N GLY A 231 -38.56 2.84 -4.34
CA GLY A 231 -37.16 2.60 -4.04
C GLY A 231 -36.46 1.71 -5.05
N ASN A 232 -37.16 1.32 -6.10
CA ASN A 232 -36.54 0.43 -7.08
C ASN A 232 -36.58 0.99 -8.47
N ALA A 233 -35.64 0.56 -9.30
CA ALA A 233 -35.47 1.15 -10.61
C ALA A 233 -34.75 0.21 -11.57
N LYS A 234 -35.08 0.39 -12.84
CA LYS A 234 -34.39 -0.23 -13.97
C LYS A 234 -33.03 0.37 -14.07
N THR A 235 -32.01 -0.46 -13.85
CA THR A 235 -30.62 -0.08 -14.01
C THR A 235 -30.05 -0.88 -15.14
N VAL A 236 -28.81 -0.55 -15.50
CA VAL A 236 -28.15 -1.29 -16.56
C VAL A 236 -28.05 -2.75 -16.13
N ARG A 237 -27.76 -3.02 -14.86
CA ARG A 237 -27.53 -4.42 -14.44
C ARG A 237 -28.78 -5.17 -14.01
N ASN A 238 -29.88 -4.47 -13.75
CA ASN A 238 -31.08 -5.13 -13.21
C ASN A 238 -32.36 -4.34 -13.47
N ASP A 239 -33.34 -4.98 -14.13
CA ASP A 239 -34.63 -4.35 -14.41
C ASP A 239 -35.37 -3.91 -13.14
N ASN A 240 -35.03 -4.51 -12.00
CA ASN A 240 -35.72 -4.19 -10.74
C ASN A 240 -34.77 -4.06 -9.54
N SER A 241 -33.90 -3.06 -9.56
CA SER A 241 -32.82 -2.94 -8.58
C SER A 241 -33.26 -2.10 -7.39
N SER A 242 -33.01 -2.57 -6.17
CA SER A 242 -33.24 -1.73 -5.00
C SER A 242 -32.17 -0.66 -4.93
N ARG A 243 -32.56 0.59 -4.68
CA ARG A 243 -31.59 1.67 -4.62
C ARG A 243 -31.57 2.16 -3.19
N PHE A 244 -31.78 1.22 -2.28
CA PHE A 244 -31.73 1.56 -0.88
C PHE A 244 -31.34 0.33 -0.09
N GLY A 245 -30.74 0.53 1.07
CA GLY A 245 -30.42 -0.60 1.91
C GLY A 245 -31.56 -0.81 2.88
N LYS A 246 -31.66 -2.02 3.41
CA LYS A 246 -32.81 -2.38 4.19
C LYS A 246 -32.42 -3.36 5.29
N PHE A 247 -32.88 -3.10 6.52
CA PHE A 247 -32.77 -4.04 7.64
C PHE A 247 -34.18 -4.37 8.21
N ILE A 248 -34.64 -5.62 8.09
CA ILE A 248 -35.94 -5.92 8.63
C ILE A 248 -35.79 -6.88 9.80
N ARG A 249 -36.40 -6.53 10.94
CA ARG A 249 -36.42 -7.42 12.10
C ARG A 249 -37.80 -8.07 12.18
N ILE A 250 -37.85 -9.40 12.26
CA ILE A 250 -39.09 -10.13 12.50
C ILE A 250 -39.09 -10.53 13.98
N HIS A 251 -40.04 -10.02 14.77
CA HIS A 251 -40.04 -10.28 16.23
C HIS A 251 -40.88 -11.46 16.66
N PHE A 252 -40.40 -12.17 17.67
CA PHE A 252 -41.06 -13.34 18.24
C PHE A 252 -41.21 -13.13 19.72
N GLY A 253 -42.30 -13.67 20.31
CA GLY A 253 -42.52 -13.52 21.73
C GLY A 253 -41.86 -14.61 22.55
N ALA A 254 -42.09 -14.58 23.86
CA ALA A 254 -41.44 -15.46 24.83
C ALA A 254 -41.67 -16.97 24.61
N THR A 255 -42.64 -17.31 23.79
CA THR A 255 -42.88 -18.72 23.49
C THR A 255 -42.65 -19.11 22.02
N GLY A 256 -41.99 -18.24 21.27
CA GLY A 256 -41.58 -18.55 19.91
C GLY A 256 -42.56 -18.25 18.79
N LYS A 257 -43.63 -17.51 19.11
CA LYS A 257 -44.65 -17.18 18.10
C LYS A 257 -44.39 -15.82 17.48
N LEU A 258 -44.69 -15.72 16.19
CA LEU A 258 -44.61 -14.48 15.45
C LEU A 258 -45.32 -13.36 16.21
N ALA A 259 -44.61 -12.24 16.41
CA ALA A 259 -45.14 -11.17 17.23
C ALA A 259 -45.34 -9.88 16.43
N SER A 260 -44.30 -9.42 15.74
CA SER A 260 -44.39 -8.21 14.92
C SER A 260 -43.17 -8.02 14.04
N ALA A 261 -43.04 -6.88 13.38
CA ALA A 261 -41.90 -6.73 12.51
C ALA A 261 -41.62 -5.25 12.37
N ASP A 262 -40.36 -4.89 12.13
CA ASP A 262 -40.08 -3.50 11.78
C ASP A 262 -38.99 -3.39 10.71
N ILE A 263 -39.10 -2.34 9.91
CA ILE A 263 -38.19 -2.10 8.81
C ILE A 263 -37.40 -0.81 9.04
N GLU A 264 -36.09 -0.85 8.78
CA GLU A 264 -35.31 0.37 8.69
C GLU A 264 -34.65 0.46 7.29
N THR A 265 -34.64 1.62 6.67
CA THR A 265 -34.01 1.75 5.36
C THR A 265 -32.79 2.67 5.40
N TYR A 266 -31.92 2.52 4.42
CA TYR A 266 -30.68 3.30 4.43
C TYR A 266 -30.31 3.75 3.04
N LEU A 267 -29.84 4.99 2.95
CA LEU A 267 -29.10 5.42 1.79
C LEU A 267 -29.88 5.30 0.52
N LEU A 268 -31.02 5.95 0.46
CA LEU A 268 -31.76 5.95 -0.77
C LEU A 268 -30.99 6.81 -1.77
N GLU A 269 -30.82 6.30 -2.98
CA GLU A 269 -30.15 7.02 -4.07
C GLU A 269 -30.97 8.22 -4.55
N LYS A 270 -30.93 9.31 -3.77
CA LYS A 270 -31.69 10.51 -4.09
C LYS A 270 -31.46 11.01 -5.52
N SER A 271 -30.22 10.97 -6.00
CA SER A 271 -29.92 11.56 -7.31
C SER A 271 -30.76 11.02 -8.46
N ARG A 272 -31.21 9.77 -8.35
CA ARG A 272 -31.95 9.14 -9.44
C ARG A 272 -33.26 9.86 -9.74
N VAL A 273 -33.80 10.49 -8.72
CA VAL A 273 -35.07 11.18 -8.83
C VAL A 273 -35.08 12.21 -9.97
N ILE A 274 -33.96 12.92 -10.17
CA ILE A 274 -33.91 13.97 -11.19
C ILE A 274 -32.88 13.71 -12.31
N PHE A 275 -32.19 12.56 -12.24
CA PHE A 275 -31.21 12.24 -13.26
C PHE A 275 -31.13 10.74 -13.58
N GLN A 276 -31.00 10.43 -14.87
CA GLN A 276 -30.84 9.05 -15.34
C GLN A 276 -29.77 8.93 -16.43
N LEU A 277 -28.92 7.91 -16.33
CA LEU A 277 -28.04 7.55 -17.45
C LEU A 277 -28.89 7.02 -18.58
N LYS A 278 -28.31 6.92 -19.78
CA LYS A 278 -29.11 6.63 -20.98
C LYS A 278 -29.94 5.34 -20.92
N ALA A 279 -29.39 4.32 -20.29
CA ALA A 279 -30.04 3.01 -20.30
C ALA A 279 -30.75 2.71 -18.99
N GLU A 280 -31.10 3.73 -18.23
CA GLU A 280 -31.74 3.49 -16.96
C GLU A 280 -33.02 4.29 -16.88
N ARG A 281 -33.87 3.92 -15.92
CA ARG A 281 -35.08 4.68 -15.65
C ARG A 281 -34.95 5.34 -14.29
N ASP A 282 -35.84 6.29 -14.05
CA ASP A 282 -36.13 6.75 -12.71
C ASP A 282 -36.88 5.63 -11.94
N TYR A 283 -37.24 5.91 -10.69
CA TYR A 283 -37.96 4.97 -9.85
C TYR A 283 -39.26 4.55 -10.50
N HIS A 284 -39.66 3.29 -10.26
CA HIS A 284 -40.86 2.70 -10.87
C HIS A 284 -42.16 3.51 -10.83
N ILE A 285 -42.45 4.10 -9.68
CA ILE A 285 -43.75 4.70 -9.47
C ILE A 285 -44.14 5.74 -10.55
N PHE A 286 -43.17 6.53 -11.03
CA PHE A 286 -43.48 7.55 -12.02
C PHE A 286 -44.09 6.93 -13.28
N TYR A 287 -43.49 5.85 -13.78
CA TYR A 287 -44.02 5.22 -14.98
C TYR A 287 -45.27 4.39 -14.65
N GLN A 288 -45.41 3.97 -13.39
CA GLN A 288 -46.58 3.20 -12.97
C GLN A 288 -47.81 4.09 -13.04
N ILE A 289 -47.73 5.24 -12.40
CA ILE A 289 -48.76 6.26 -12.43
C ILE A 289 -49.06 6.66 -13.89
N LEU A 290 -48.03 6.74 -14.72
CA LEU A 290 -48.18 7.19 -16.09
C LEU A 290 -48.80 6.16 -17.00
N SER A 291 -48.97 4.95 -16.49
CA SER A 291 -49.53 3.87 -17.30
C SER A 291 -50.99 4.12 -17.69
N ASN A 292 -51.63 5.04 -16.98
CA ASN A 292 -53.04 5.39 -17.16
C ASN A 292 -53.99 4.25 -16.76
N LYS A 293 -53.43 3.22 -16.12
CA LYS A 293 -54.23 2.11 -15.61
C LYS A 293 -55.22 2.59 -14.53
N LYS A 294 -54.90 3.67 -13.83
CA LYS A 294 -55.86 4.28 -12.92
C LYS A 294 -55.97 5.74 -13.32
N PRO A 295 -56.82 6.00 -14.33
CA PRO A 295 -56.96 7.30 -15.01
C PRO A 295 -57.27 8.47 -14.08
N GLU A 296 -58.00 8.25 -12.98
CA GLU A 296 -58.30 9.35 -12.05
C GLU A 296 -57.02 9.97 -11.50
N LEU A 297 -55.92 9.20 -11.51
CA LEU A 297 -54.63 9.71 -11.05
C LEU A 297 -54.05 10.72 -12.02
N LEU A 298 -54.17 10.46 -13.33
CA LEU A 298 -53.67 11.43 -14.31
C LEU A 298 -54.40 12.76 -14.17
N ASP A 299 -55.71 12.70 -13.89
CA ASP A 299 -56.49 13.91 -13.65
C ASP A 299 -56.11 14.57 -12.34
N MET A 300 -56.01 13.77 -11.27
CA MET A 300 -55.67 14.33 -9.96
C MET A 300 -54.32 15.00 -9.95
N LEU A 301 -53.41 14.50 -10.78
CA LEU A 301 -52.01 14.92 -10.79
C LEU A 301 -51.73 15.98 -11.85
N LEU A 302 -52.75 16.33 -12.61
CA LEU A 302 -52.60 17.32 -13.67
C LEU A 302 -51.50 16.94 -14.65
N ILE A 303 -51.47 15.69 -15.09
CA ILE A 303 -50.44 15.24 -16.04
C ILE A 303 -50.98 14.51 -17.26
N THR A 304 -50.19 14.49 -18.32
CA THR A 304 -50.47 13.62 -19.47
C THR A 304 -49.98 12.22 -19.16
N ASN A 305 -50.06 11.34 -20.14
CA ASN A 305 -49.57 9.99 -19.94
C ASN A 305 -48.25 9.77 -20.66
N ASN A 306 -47.56 10.86 -20.98
CA ASN A 306 -46.29 10.76 -21.67
C ASN A 306 -45.10 11.15 -20.77
N PRO A 307 -44.23 10.17 -20.46
CA PRO A 307 -43.10 10.44 -19.57
C PRO A 307 -42.13 11.46 -20.16
N TYR A 308 -42.02 11.49 -21.48
CA TYR A 308 -41.11 12.42 -22.16
C TYR A 308 -41.55 13.88 -22.01
N ASP A 309 -42.75 14.08 -21.46
CA ASP A 309 -43.22 15.41 -21.08
C ASP A 309 -42.60 15.88 -19.75
N TYR A 310 -41.75 15.02 -19.18
CA TYR A 310 -41.22 15.29 -17.85
C TYR A 310 -39.72 15.09 -17.76
N ALA A 311 -39.03 16.22 -17.61
CA ALA A 311 -37.57 16.28 -17.65
C ALA A 311 -36.91 15.41 -16.55
N PHE A 312 -37.45 15.43 -15.34
CA PHE A 312 -36.86 14.69 -14.22
C PHE A 312 -36.84 13.17 -14.45
N ILE A 313 -37.76 12.64 -15.27
CA ILE A 313 -37.94 11.20 -15.39
C ILE A 313 -37.67 10.62 -16.79
N SER A 314 -37.23 11.45 -17.74
CA SER A 314 -37.12 10.94 -19.12
C SER A 314 -35.78 11.13 -19.78
N GLN A 315 -34.72 11.16 -18.99
CA GLN A 315 -33.37 11.35 -19.50
C GLN A 315 -32.79 10.03 -20.02
N GLY A 316 -33.29 8.90 -19.54
CA GLY A 316 -32.80 7.64 -20.03
C GLY A 316 -33.95 6.94 -20.70
N GLU A 317 -34.24 5.70 -20.29
CA GLU A 317 -35.30 4.86 -20.86
C GLU A 317 -36.59 5.10 -20.13
N THR A 318 -37.72 4.74 -20.75
CA THR A 318 -39.00 5.00 -20.12
C THR A 318 -39.88 3.75 -20.10
N THR A 319 -39.55 2.75 -20.90
CA THR A 319 -40.26 1.48 -20.80
C THR A 319 -39.30 0.31 -20.70
N VAL A 320 -39.76 -0.76 -20.04
CA VAL A 320 -38.96 -1.95 -19.87
C VAL A 320 -39.77 -3.17 -20.31
N ALA A 321 -39.15 -3.98 -21.16
CA ALA A 321 -39.80 -5.14 -21.76
C ALA A 321 -40.35 -6.10 -20.70
N SER A 322 -39.58 -6.29 -19.63
CA SER A 322 -39.95 -7.24 -18.58
C SER A 322 -40.92 -6.71 -17.56
N ILE A 323 -41.25 -5.42 -17.65
CA ILE A 323 -42.10 -4.77 -16.66
C ILE A 323 -43.36 -4.18 -17.25
N ASP A 324 -44.51 -4.69 -16.80
CA ASP A 324 -45.80 -4.15 -17.17
C ASP A 324 -46.12 -3.14 -16.09
N ASP A 325 -45.81 -1.87 -16.38
CA ASP A 325 -45.98 -0.80 -15.42
C ASP A 325 -47.45 -0.69 -14.99
N ALA A 326 -48.37 -1.12 -15.85
CA ALA A 326 -49.79 -1.09 -15.52
C ALA A 326 -50.12 -2.09 -14.40
N GLU A 327 -49.70 -3.34 -14.55
CA GLU A 327 -49.94 -4.34 -13.51
C GLU A 327 -49.32 -3.90 -12.20
N GLU A 328 -48.14 -3.31 -12.27
CA GLU A 328 -47.40 -2.98 -11.06
C GLU A 328 -48.02 -1.82 -10.28
N LEU A 329 -48.63 -0.87 -10.97
CA LEU A 329 -49.42 0.16 -10.28
C LEU A 329 -50.51 -0.46 -9.41
N MET A 330 -51.20 -1.48 -9.92
CA MET A 330 -52.23 -2.12 -9.10
C MET A 330 -51.58 -2.81 -7.88
N ALA A 331 -50.49 -3.51 -8.14
CA ALA A 331 -49.79 -4.18 -7.06
C ALA A 331 -49.40 -3.13 -6.04
N THR A 332 -48.86 -1.99 -6.50
CA THR A 332 -48.48 -0.91 -5.59
C THR A 332 -49.69 -0.38 -4.82
N ASP A 333 -50.76 -0.07 -5.52
CA ASP A 333 -51.94 0.48 -4.85
C ASP A 333 -52.57 -0.57 -3.89
N ASN A 334 -52.59 -1.85 -4.31
CA ASN A 334 -53.07 -2.93 -3.43
C ASN A 334 -52.26 -3.06 -2.15
N ALA A 335 -50.94 -2.98 -2.29
CA ALA A 335 -50.05 -3.09 -1.14
C ALA A 335 -50.33 -1.96 -0.13
N PHE A 336 -50.62 -0.77 -0.62
CA PHE A 336 -50.88 0.30 0.33
C PHE A 336 -52.19 0.09 1.01
N ASP A 337 -53.15 -0.55 0.33
CA ASP A 337 -54.39 -0.93 1.01
C ASP A 337 -54.14 -2.01 2.10
N VAL A 338 -53.41 -3.08 1.78
CA VAL A 338 -53.16 -4.13 2.77
C VAL A 338 -52.43 -3.58 3.98
N LEU A 339 -51.57 -2.58 3.76
CA LEU A 339 -50.82 -2.03 4.88
C LEU A 339 -51.61 -0.96 5.63
N GLY A 340 -52.86 -0.77 5.26
CA GLY A 340 -53.73 0.08 6.05
C GLY A 340 -53.59 1.57 5.85
N PHE A 341 -53.00 1.97 4.73
CA PHE A 341 -52.97 3.38 4.36
C PHE A 341 -54.37 3.91 3.99
N THR A 342 -54.75 5.08 4.54
CA THR A 342 -56.01 5.69 4.12
C THR A 342 -55.86 6.21 2.68
N SER A 343 -56.98 6.42 2.01
CA SER A 343 -57.02 7.01 0.68
C SER A 343 -56.41 8.41 0.67
N GLU A 344 -56.53 9.11 1.79
CA GLU A 344 -55.91 10.43 1.91
C GLU A 344 -54.38 10.31 1.91
N GLU A 345 -53.86 9.38 2.70
CA GLU A 345 -52.43 9.11 2.74
C GLU A 345 -51.96 8.71 1.35
N LYS A 346 -52.64 7.74 0.74
CA LYS A 346 -52.30 7.27 -0.61
C LYS A 346 -52.28 8.39 -1.62
N ASN A 347 -53.37 9.15 -1.69
CA ASN A 347 -53.49 10.24 -2.66
C ASN A 347 -52.47 11.33 -2.39
N SER A 348 -52.19 11.60 -1.13
CA SER A 348 -51.24 12.64 -0.82
C SER A 348 -49.88 12.28 -1.40
N MET A 349 -49.54 10.99 -1.38
CA MET A 349 -48.29 10.50 -1.96
C MET A 349 -48.23 10.55 -3.47
N TYR A 350 -49.33 10.19 -4.10
CA TYR A 350 -49.43 10.34 -5.55
C TYR A 350 -49.27 11.83 -5.96
N LYS A 351 -49.81 12.75 -5.16
CA LYS A 351 -49.78 14.18 -5.48
C LYS A 351 -48.36 14.72 -5.45
N LEU A 352 -47.63 14.35 -4.41
CA LEU A 352 -46.25 14.79 -4.25
C LEU A 352 -45.40 14.26 -5.37
N THR A 353 -45.75 13.06 -5.82
CA THR A 353 -45.05 12.47 -6.94
C THR A 353 -45.32 13.26 -8.22
N GLY A 354 -46.59 13.64 -8.44
CA GLY A 354 -46.92 14.45 -9.58
C GLY A 354 -46.30 15.84 -9.49
N ALA A 355 -46.23 16.36 -8.28
CA ALA A 355 -45.64 17.67 -8.05
C ALA A 355 -44.18 17.67 -8.47
N ILE A 356 -43.48 16.59 -8.14
CA ILE A 356 -42.07 16.45 -8.50
C ILE A 356 -41.91 16.37 -10.02
N MET A 357 -42.84 15.73 -10.70
CA MET A 357 -42.74 15.72 -12.16
C MET A 357 -42.81 17.15 -12.69
N HIS A 358 -43.72 17.97 -12.14
CA HIS A 358 -43.90 19.33 -12.63
C HIS A 358 -42.75 20.23 -12.25
N PHE A 359 -42.21 20.03 -11.05
CA PHE A 359 -41.09 20.83 -10.56
C PHE A 359 -40.00 20.92 -11.59
N GLY A 360 -39.65 19.79 -12.16
CA GLY A 360 -38.58 19.69 -13.13
C GLY A 360 -38.92 20.19 -14.51
N ASN A 361 -40.12 20.74 -14.65
CA ASN A 361 -40.53 21.33 -15.92
C ASN A 361 -40.56 22.86 -15.82
N MET A 362 -40.53 23.39 -14.60
CA MET A 362 -40.44 24.83 -14.39
C MET A 362 -39.19 25.42 -15.06
N LYS A 363 -39.37 26.44 -15.91
CA LYS A 363 -38.25 27.08 -16.58
C LYS A 363 -37.91 28.43 -15.97
N PHE A 364 -36.71 28.92 -16.26
CA PHE A 364 -36.29 30.22 -15.75
C PHE A 364 -35.43 30.94 -16.77
N LYS A 365 -35.47 32.27 -16.74
CA LYS A 365 -34.62 33.06 -17.62
C LYS A 365 -34.06 34.29 -16.92
N LEU A 366 -33.12 34.95 -17.61
CA LEU A 366 -32.44 36.12 -17.08
C LEU A 366 -33.22 37.40 -17.30
N LYS A 367 -33.19 38.29 -16.31
CA LYS A 367 -33.75 39.63 -16.43
C LYS A 367 -33.13 40.34 -17.65
N GLN A 368 -33.78 41.42 -18.11
CA GLN A 368 -33.37 42.15 -19.32
C GLN A 368 -31.86 42.23 -19.55
N ARG A 369 -31.14 42.77 -18.56
CA ARG A 369 -29.69 42.92 -18.62
C ARG A 369 -29.01 42.56 -17.29
N GLU A 370 -29.76 41.90 -16.40
CA GLU A 370 -29.24 41.48 -15.10
C GLU A 370 -28.79 40.02 -15.07
N GLU A 371 -28.13 39.63 -13.97
CA GLU A 371 -27.78 38.24 -13.71
C GLU A 371 -28.75 37.60 -12.69
N GLN A 372 -30.04 37.89 -12.83
CA GLN A 372 -31.08 37.42 -11.91
C GLN A 372 -32.11 36.60 -12.65
N ALA A 373 -32.45 35.45 -12.08
CA ALA A 373 -33.40 34.56 -12.73
C ALA A 373 -34.82 35.07 -12.55
N GLU A 374 -35.65 34.80 -13.55
CA GLU A 374 -37.07 35.00 -13.40
C GLU A 374 -37.78 33.90 -14.16
N PRO A 375 -39.03 33.59 -13.77
CA PRO A 375 -39.83 32.55 -14.41
C PRO A 375 -39.93 32.80 -15.90
N ASP A 376 -39.80 31.76 -16.70
CA ASP A 376 -39.99 31.87 -18.13
C ASP A 376 -41.48 31.63 -18.39
N GLY A 377 -41.93 30.41 -18.14
CA GLY A 377 -43.35 30.12 -18.19
C GLY A 377 -43.85 30.17 -16.76
N THR A 378 -45.08 29.73 -16.51
CA THR A 378 -45.57 29.71 -15.14
C THR A 378 -46.58 28.56 -14.93
N GLU A 379 -47.03 27.96 -16.01
CA GLU A 379 -48.01 26.89 -15.97
C GLU A 379 -47.58 25.72 -15.07
N GLU A 380 -46.40 25.16 -15.32
CA GLU A 380 -45.97 23.96 -14.61
C GLU A 380 -45.65 24.26 -13.14
N ALA A 381 -45.11 25.44 -12.86
CA ALA A 381 -44.95 25.86 -11.47
C ALA A 381 -46.31 25.94 -10.76
N ASP A 382 -47.34 26.30 -11.52
CA ASP A 382 -48.69 26.44 -10.97
C ASP A 382 -49.25 25.06 -10.59
N LYS A 383 -49.11 24.10 -11.50
CA LYS A 383 -49.64 22.77 -11.25
C LYS A 383 -48.93 22.16 -10.05
N SER A 384 -47.65 22.47 -9.91
CA SER A 384 -46.85 21.92 -8.84
C SER A 384 -47.23 22.45 -7.47
N ALA A 385 -47.26 23.76 -7.31
CA ALA A 385 -47.66 24.40 -6.05
C ALA A 385 -49.08 24.01 -5.63
N TYR A 386 -49.93 23.78 -6.61
CA TYR A 386 -51.30 23.40 -6.31
C TYR A 386 -51.31 22.05 -5.59
N LEU A 387 -50.63 21.06 -6.17
CA LEU A 387 -50.55 19.70 -5.60
C LEU A 387 -49.88 19.72 -4.23
N MET A 388 -48.94 20.65 -4.04
CA MET A 388 -48.21 20.71 -2.79
C MET A 388 -48.93 21.54 -1.73
N GLY A 389 -50.09 22.08 -2.09
CA GLY A 389 -50.87 22.91 -1.19
C GLY A 389 -50.15 24.21 -0.87
N LEU A 390 -49.59 24.85 -1.90
CA LEU A 390 -48.78 26.08 -1.72
C LEU A 390 -49.19 27.18 -2.67
N ASN A 391 -48.85 28.41 -2.29
CA ASN A 391 -49.10 29.56 -3.16
C ASN A 391 -48.04 29.65 -4.27
N SER A 392 -48.49 29.57 -5.52
CA SER A 392 -47.60 29.55 -6.69
C SER A 392 -46.66 30.78 -6.79
N ALA A 393 -47.19 31.96 -6.44
CA ALA A 393 -46.38 33.16 -6.50
C ALA A 393 -45.35 33.12 -5.38
N ASP A 394 -45.77 32.64 -4.20
CA ASP A 394 -44.86 32.45 -3.07
C ASP A 394 -43.74 31.46 -3.43
N LEU A 395 -44.12 30.36 -4.09
CA LEU A 395 -43.12 29.39 -4.49
C LEU A 395 -42.05 30.06 -5.37
N LEU A 396 -42.48 30.58 -6.52
CA LEU A 396 -41.55 31.18 -7.47
C LEU A 396 -40.81 32.38 -6.87
N LYS A 397 -41.40 33.05 -5.88
CA LYS A 397 -40.70 34.14 -5.21
C LYS A 397 -39.64 33.62 -4.26
N GLY A 398 -39.93 32.49 -3.62
CA GLY A 398 -38.98 31.85 -2.73
C GLY A 398 -37.75 31.38 -3.47
N LEU A 399 -37.98 30.80 -4.65
CA LEU A 399 -36.88 30.24 -5.43
C LEU A 399 -35.92 31.32 -5.88
N CYS A 400 -36.47 32.42 -6.39
CA CYS A 400 -35.66 33.42 -7.06
C CYS A 400 -34.98 34.36 -6.09
N HIS A 401 -35.67 34.64 -4.99
CA HIS A 401 -35.16 35.61 -4.03
C HIS A 401 -35.30 35.09 -2.61
N PRO A 402 -34.48 34.08 -2.25
CA PRO A 402 -34.47 33.45 -0.93
C PRO A 402 -34.22 34.45 0.18
N ARG A 403 -34.62 34.15 1.41
CA ARG A 403 -34.41 35.06 2.51
C ARG A 403 -33.35 34.55 3.50
N VAL A 404 -32.28 35.31 3.66
CA VAL A 404 -31.35 35.07 4.76
C VAL A 404 -31.12 36.40 5.50
N LYS A 405 -31.33 36.38 6.82
CA LYS A 405 -30.98 37.49 7.71
C LYS A 405 -31.41 38.87 7.20
N THR A 412 -31.44 40.07 2.09
CA THR A 412 -31.93 38.74 1.80
C THR A 412 -32.42 38.61 0.35
N LYS A 413 -31.60 38.00 -0.52
CA LYS A 413 -31.97 37.69 -1.92
C LYS A 413 -30.87 37.05 -2.78
N GLY A 414 -31.01 37.20 -4.10
CA GLY A 414 -29.98 36.91 -5.09
C GLY A 414 -29.80 35.50 -5.62
N GLN A 415 -30.40 35.18 -6.76
CA GLN A 415 -30.15 33.91 -7.49
C GLN A 415 -30.15 34.06 -9.01
N ASN A 416 -29.17 33.46 -9.67
CA ASN A 416 -29.22 33.32 -11.13
C ASN A 416 -29.93 32.02 -11.58
N VAL A 417 -29.95 31.75 -12.89
CA VAL A 417 -30.68 30.61 -13.45
C VAL A 417 -30.05 29.29 -13.03
N GLN A 418 -28.72 29.26 -13.01
CA GLN A 418 -27.95 28.10 -12.58
C GLN A 418 -28.34 27.69 -11.17
N GLN A 419 -28.39 28.68 -10.28
CA GLN A 419 -28.66 28.40 -8.88
C GLN A 419 -30.12 27.97 -8.68
N VAL A 420 -31.05 28.59 -9.39
CA VAL A 420 -32.46 28.23 -9.25
C VAL A 420 -32.65 26.80 -9.73
N ILE A 421 -32.11 26.47 -10.91
CA ILE A 421 -32.19 25.10 -11.39
C ILE A 421 -31.57 24.12 -10.40
N TYR A 422 -30.46 24.50 -9.81
CA TYR A 422 -29.89 23.66 -8.78
C TYR A 422 -30.79 23.54 -7.56
N ALA A 423 -31.37 24.65 -7.13
CA ALA A 423 -32.18 24.64 -5.90
C ALA A 423 -33.44 23.81 -6.03
N THR A 424 -34.07 23.81 -7.21
CA THR A 424 -35.35 23.11 -7.33
C THR A 424 -35.09 21.62 -7.36
N GLY A 425 -33.98 21.24 -8.01
CA GLY A 425 -33.53 19.87 -8.03
C GLY A 425 -33.26 19.31 -6.65
N ALA A 426 -32.69 20.12 -5.77
CA ALA A 426 -32.37 19.64 -4.44
C ALA A 426 -33.64 19.50 -3.61
N LEU A 427 -34.61 20.37 -3.87
CA LEU A 427 -35.89 20.29 -3.18
C LEU A 427 -36.68 19.05 -3.66
N ALA A 428 -36.60 18.73 -4.95
CA ALA A 428 -37.30 17.56 -5.46
C ALA A 428 -36.78 16.30 -4.77
N LYS A 429 -35.45 16.20 -4.66
CA LYS A 429 -34.80 15.07 -4.02
C LYS A 429 -35.10 15.00 -2.55
N ALA A 430 -35.14 16.14 -1.87
CA ALA A 430 -35.41 16.11 -0.44
C ALA A 430 -36.87 15.74 -0.14
N VAL A 431 -37.82 16.22 -0.96
CA VAL A 431 -39.21 15.84 -0.69
C VAL A 431 -39.33 14.31 -0.86
N TYR A 432 -38.87 13.80 -1.99
CA TYR A 432 -38.87 12.38 -2.29
C TYR A 432 -38.18 11.53 -1.23
N GLU A 433 -37.00 11.91 -0.78
CA GLU A 433 -36.38 11.09 0.26
C GLU A 433 -37.24 11.09 1.51
N ARG A 434 -37.72 12.25 1.92
CA ARG A 434 -38.43 12.31 3.21
C ARG A 434 -39.83 11.64 3.06
N MET A 435 -40.30 11.54 1.82
CA MET A 435 -41.56 10.90 1.62
C MET A 435 -41.34 9.41 1.81
N PHE A 436 -40.17 8.95 1.37
CA PHE A 436 -39.82 7.54 1.42
C PHE A 436 -39.69 7.14 2.87
N ASN A 437 -38.99 7.92 3.67
CA ASN A 437 -38.90 7.62 5.08
C ASN A 437 -40.26 7.65 5.78
N TRP A 438 -41.14 8.54 5.34
CA TRP A 438 -42.43 8.66 5.99
C TRP A 438 -43.23 7.36 5.76
N MET A 439 -43.25 6.91 4.52
CA MET A 439 -43.92 5.68 4.14
C MET A 439 -43.38 4.49 4.93
N VAL A 440 -42.07 4.39 5.12
CA VAL A 440 -41.52 3.29 5.90
C VAL A 440 -41.99 3.37 7.38
N THR A 441 -41.98 4.55 7.97
CA THR A 441 -42.49 4.67 9.34
C THR A 441 -43.99 4.35 9.42
N ARG A 442 -44.76 4.66 8.37
CA ARG A 442 -46.19 4.27 8.38
C ARG A 442 -46.39 2.74 8.26
N ILE A 443 -45.65 2.09 7.35
CA ILE A 443 -45.58 0.62 7.26
C ILE A 443 -45.22 0.03 8.63
N ASN A 444 -44.26 0.65 9.32
CA ASN A 444 -43.86 0.17 10.64
C ASN A 444 -45.01 0.29 11.64
N ALA A 445 -45.86 1.29 11.46
CA ALA A 445 -46.98 1.50 12.35
C ALA A 445 -48.05 0.39 12.17
N THR A 446 -48.25 -0.07 10.95
CA THR A 446 -49.08 -1.23 10.67
C THR A 446 -48.48 -2.55 11.24
N LEU A 447 -47.16 -2.71 11.09
CA LEU A 447 -46.48 -3.93 11.51
C LEU A 447 -46.27 -3.96 13.02
N GLU A 448 -46.60 -2.87 13.68
CA GLU A 448 -46.55 -2.81 15.13
C GLU A 448 -47.84 -3.33 15.79
N THR A 449 -47.74 -4.47 16.45
CA THR A 449 -48.91 -5.14 16.97
C THR A 449 -49.05 -5.01 18.48
N LYS A 450 -48.05 -4.38 19.08
CA LYS A 450 -47.95 -4.22 20.53
C LYS A 450 -47.99 -5.55 21.32
N GLN A 451 -47.93 -6.69 20.60
CA GLN A 451 -47.76 -7.98 21.26
C GLN A 451 -46.32 -8.04 21.76
N PRO A 452 -46.07 -8.69 22.92
CA PRO A 452 -44.73 -8.70 23.53
C PRO A 452 -43.65 -9.32 22.65
N ARG A 453 -42.48 -8.70 22.60
CA ARG A 453 -41.35 -9.20 21.84
C ARG A 453 -40.20 -9.67 22.77
N GLN A 454 -39.59 -10.81 22.47
CA GLN A 454 -38.43 -11.27 23.23
C GLN A 454 -37.21 -11.49 22.35
N TYR A 455 -37.44 -11.95 21.13
CA TYR A 455 -36.32 -12.29 20.26
C TYR A 455 -36.65 -11.79 18.88
N PHE A 456 -35.62 -11.57 18.06
CA PHE A 456 -35.84 -11.29 16.64
C PHE A 456 -34.87 -12.01 15.74
N ILE A 457 -35.26 -12.09 14.48
CA ILE A 457 -34.39 -12.49 13.40
C ILE A 457 -34.31 -11.29 12.49
N GLY A 458 -33.10 -10.73 12.37
CA GLY A 458 -32.88 -9.56 11.55
C GLY A 458 -32.34 -9.93 10.19
N VAL A 459 -32.95 -9.42 9.14
CA VAL A 459 -32.42 -9.64 7.81
C VAL A 459 -31.83 -8.31 7.27
N LEU A 460 -30.53 -8.25 7.06
CA LEU A 460 -29.89 -7.02 6.55
C LEU A 460 -29.61 -7.26 5.09
N ASP A 461 -30.02 -6.31 4.27
CA ASP A 461 -29.75 -6.36 2.84
C ASP A 461 -29.24 -5.01 2.36
N ILE A 462 -27.93 -4.91 2.14
CA ILE A 462 -27.30 -3.61 1.84
C ILE A 462 -26.24 -3.75 0.74
N ALA A 463 -25.97 -2.68 -0.01
CA ALA A 463 -24.94 -2.71 -1.03
C ALA A 463 -23.60 -3.15 -0.45
N GLY A 464 -22.94 -4.08 -1.11
CA GLY A 464 -21.64 -4.54 -0.64
C GLY A 464 -20.53 -3.60 -1.04
N PHE A 465 -19.33 -3.92 -0.62
CA PHE A 465 -18.17 -3.15 -0.98
C PHE A 465 -18.02 -3.11 -2.50
N GLU A 466 -17.89 -1.93 -3.05
CA GLU A 466 -17.65 -1.86 -4.48
C GLU A 466 -16.61 -0.78 -4.83
N ILE A 467 -15.80 -1.07 -5.83
CA ILE A 467 -14.83 -0.12 -6.30
C ILE A 467 -15.22 0.26 -7.70
N PHE A 468 -15.43 1.55 -7.91
CA PHE A 468 -15.79 2.02 -9.23
C PHE A 468 -14.63 2.76 -9.88
N ASP A 469 -14.81 3.11 -11.16
CA ASP A 469 -13.84 3.97 -11.83
C ASP A 469 -13.78 5.32 -11.11
N PHE A 470 -14.94 5.79 -10.64
CA PHE A 470 -15.08 7.04 -9.91
C PHE A 470 -15.75 6.83 -8.55
N ASN A 471 -15.00 7.04 -7.46
CA ASN A 471 -15.54 6.77 -6.14
C ASN A 471 -15.67 8.06 -5.36
N SER A 472 -16.88 8.40 -4.95
CA SER A 472 -17.11 9.70 -4.32
C SER A 472 -17.68 9.52 -2.91
N PHE A 473 -18.36 10.55 -2.39
CA PHE A 473 -18.82 10.55 -0.99
C PHE A 473 -19.78 9.40 -0.67
N GLU A 474 -20.65 9.07 -1.63
CA GLU A 474 -21.61 8.00 -1.43
C GLU A 474 -20.91 6.65 -1.28
N GLN A 475 -19.89 6.42 -2.09
CA GLN A 475 -19.13 5.18 -2.00
C GLN A 475 -18.39 5.12 -0.68
N LEU A 476 -17.92 6.25 -0.18
CA LEU A 476 -17.22 6.22 1.10
C LEU A 476 -18.16 5.76 2.21
N CYS A 477 -19.39 6.27 2.20
CA CYS A 477 -20.40 5.78 3.14
C CYS A 477 -20.68 4.28 3.01
N ILE A 478 -20.89 3.79 1.78
CA ILE A 478 -21.10 2.36 1.55
C ILE A 478 -19.95 1.52 2.12
N ASN A 479 -18.71 1.94 1.80
CA ASN A 479 -17.50 1.19 2.11
C ASN A 479 -17.19 1.19 3.60
N PHE A 480 -17.42 2.33 4.24
CA PHE A 480 -17.31 2.42 5.68
C PHE A 480 -18.24 1.39 6.33
N THR A 481 -19.53 1.42 5.96
CA THR A 481 -20.53 0.45 6.45
C THR A 481 -20.04 -0.98 6.25
N ASN A 482 -19.58 -1.28 5.04
CA ASN A 482 -19.12 -2.64 4.80
C ASN A 482 -17.86 -2.98 5.56
N GLU A 483 -17.03 -1.97 5.87
CA GLU A 483 -15.86 -2.22 6.68
C GLU A 483 -16.31 -2.60 8.10
N LYS A 484 -17.32 -1.91 8.60
CA LYS A 484 -17.85 -2.28 9.89
C LYS A 484 -18.51 -3.65 9.84
N LEU A 485 -19.18 -3.99 8.74
CA LEU A 485 -19.82 -5.33 8.64
C LEU A 485 -18.76 -6.43 8.51
N GLN A 486 -17.67 -6.16 7.81
CA GLN A 486 -16.62 -7.18 7.64
C GLN A 486 -15.86 -7.40 8.97
N GLN A 487 -15.73 -6.33 9.75
CA GLN A 487 -15.05 -6.48 11.04
C GLN A 487 -15.86 -7.38 11.91
N PHE A 488 -17.16 -7.12 11.95
CA PHE A 488 -18.15 -7.98 12.61
C PHE A 488 -18.06 -9.47 12.22
N PHE A 489 -18.01 -9.76 10.93
CA PHE A 489 -17.73 -11.12 10.51
C PHE A 489 -16.37 -11.66 11.04
N ASN A 490 -15.29 -10.86 10.91
CA ASN A 490 -13.96 -11.33 11.32
C ASN A 490 -13.96 -11.68 12.80
N HIS A 491 -14.59 -10.83 13.59
CA HIS A 491 -14.60 -11.08 15.02
C HIS A 491 -15.36 -12.38 15.33
N HIS A 492 -16.50 -12.58 14.65
CA HIS A 492 -17.32 -13.77 14.81
C HIS A 492 -16.53 -14.99 14.36
N MET A 493 -15.83 -14.85 13.25
CA MET A 493 -15.00 -15.94 12.76
C MET A 493 -13.88 -16.27 13.76
N PHE A 494 -13.29 -15.23 14.37
CA PHE A 494 -12.28 -15.40 15.42
C PHE A 494 -12.77 -16.21 16.63
N VAL A 495 -13.88 -15.80 17.21
CA VAL A 495 -14.50 -16.53 18.32
C VAL A 495 -14.78 -18.03 17.98
N LEU A 496 -15.28 -18.32 16.79
CA LEU A 496 -15.53 -19.73 16.38
C LEU A 496 -14.23 -20.53 16.23
N GLU A 497 -13.21 -19.89 15.63
CA GLU A 497 -11.89 -20.47 15.51
C GLU A 497 -11.35 -20.83 16.87
N GLN A 498 -11.39 -19.87 17.80
CA GLN A 498 -10.93 -20.14 19.16
C GLN A 498 -11.68 -21.32 19.76
N GLU A 499 -12.98 -21.37 19.56
CA GLU A 499 -13.75 -22.46 20.15
C GLU A 499 -13.28 -23.80 19.60
N GLU A 500 -12.99 -23.81 18.31
CA GLU A 500 -12.52 -25.00 17.66
C GLU A 500 -11.10 -25.42 18.11
N TYR A 501 -10.19 -24.46 18.25
CA TYR A 501 -8.84 -24.82 18.67
C TYR A 501 -8.92 -25.36 20.11
N LYS A 502 -9.79 -24.77 20.91
CA LYS A 502 -9.96 -25.17 22.30
C LYS A 502 -10.53 -26.57 22.44
N LYS A 503 -11.55 -26.88 21.66
CA LYS A 503 -12.18 -28.18 21.72
C LYS A 503 -11.18 -29.28 21.37
N GLU A 504 -10.24 -28.95 20.48
CA GLU A 504 -9.28 -29.93 19.99
C GLU A 504 -8.02 -29.88 20.82
N GLY A 505 -8.02 -29.03 21.83
CA GLY A 505 -6.87 -28.92 22.69
C GLY A 505 -5.64 -28.32 22.02
N ILE A 506 -5.82 -27.50 20.98
CA ILE A 506 -4.67 -26.86 20.35
C ILE A 506 -4.38 -25.52 20.98
N GLU A 507 -3.16 -25.34 21.47
CA GLU A 507 -2.77 -24.09 22.09
C GLU A 507 -2.39 -23.07 21.05
N TRP A 508 -3.33 -22.24 20.64
CA TRP A 508 -3.04 -21.23 19.65
C TRP A 508 -3.82 -19.96 19.94
N THR A 509 -3.23 -18.81 19.63
CA THR A 509 -4.07 -17.65 19.57
C THR A 509 -3.45 -16.55 18.70
N PHE A 510 -4.12 -15.42 18.65
CA PHE A 510 -3.75 -14.37 17.75
C PHE A 510 -4.62 -13.27 18.21
N ILE A 511 -4.31 -12.07 17.75
CA ILE A 511 -5.11 -10.92 18.05
C ILE A 511 -6.38 -11.08 17.24
N ASP A 512 -7.51 -10.71 17.85
CA ASP A 512 -8.83 -10.72 17.22
C ASP A 512 -8.81 -10.29 15.76
N PHE A 513 -9.29 -11.17 14.87
CA PHE A 513 -9.34 -10.89 13.43
C PHE A 513 -10.08 -9.58 13.11
N GLY A 514 -10.95 -9.13 14.01
CA GLY A 514 -11.71 -7.93 13.72
C GLY A 514 -10.80 -6.73 13.89
N MET A 515 -9.67 -6.94 14.57
CA MET A 515 -8.76 -5.83 14.81
C MET A 515 -8.05 -5.38 13.55
N ASP A 516 -7.87 -6.27 12.57
CA ASP A 516 -7.21 -5.89 11.32
C ASP A 516 -7.87 -4.74 10.54
N LEU A 517 -9.14 -4.47 10.85
CA LEU A 517 -9.94 -3.48 10.14
C LEU A 517 -10.10 -2.22 10.99
N GLN A 518 -9.60 -2.26 12.21
CA GLN A 518 -9.78 -1.14 13.12
C GLN A 518 -9.11 0.15 12.66
N ALA A 519 -7.94 0.05 12.05
CA ALA A 519 -7.21 1.26 11.66
C ALA A 519 -8.00 1.98 10.58
N CYS A 520 -8.47 1.22 9.60
CA CYS A 520 -9.26 1.81 8.53
C CYS A 520 -10.49 2.49 9.11
N ILE A 521 -11.10 1.84 10.10
CA ILE A 521 -12.34 2.34 10.66
C ILE A 521 -12.07 3.60 11.48
N ASP A 522 -11.00 3.56 12.26
CA ASP A 522 -10.62 4.73 13.07
C ASP A 522 -10.28 5.92 12.17
N LEU A 523 -9.52 5.70 11.11
CA LEU A 523 -9.24 6.73 10.11
C LEU A 523 -10.50 7.45 9.62
N ILE A 524 -11.58 6.69 9.40
CA ILE A 524 -12.83 7.25 8.94
C ILE A 524 -13.68 7.85 10.09
N GLU A 525 -13.75 7.19 11.24
CA GLU A 525 -14.82 7.57 12.15
C GLU A 525 -14.41 8.29 13.44
N LYS A 526 -13.16 8.14 13.88
CA LYS A 526 -12.72 8.77 15.14
C LYS A 526 -12.62 10.31 15.00
N PRO A 527 -12.46 11.03 16.12
CA PRO A 527 -12.30 12.49 16.00
C PRO A 527 -11.06 12.88 15.21
N MET A 528 -11.18 13.92 14.39
CA MET A 528 -10.17 14.31 13.42
C MET A 528 -9.97 13.27 12.34
N GLY A 529 -10.88 12.29 12.26
CA GLY A 529 -10.92 11.36 11.15
C GLY A 529 -11.54 11.98 9.92
N ILE A 530 -11.66 11.23 8.83
CA ILE A 530 -12.17 11.83 7.60
C ILE A 530 -13.59 12.44 7.75
N MET A 531 -14.55 11.73 8.34
CA MET A 531 -15.92 12.28 8.50
C MET A 531 -15.94 13.46 9.49
N SER A 532 -15.16 13.34 10.56
CA SER A 532 -15.05 14.41 11.56
C SER A 532 -14.51 15.68 10.93
N ILE A 533 -13.55 15.56 10.03
CA ILE A 533 -13.05 16.74 9.36
C ILE A 533 -14.11 17.32 8.44
N LEU A 534 -14.78 16.45 7.69
CA LEU A 534 -15.84 16.87 6.78
C LEU A 534 -16.96 17.58 7.54
N GLU A 535 -17.32 17.06 8.71
CA GLU A 535 -18.37 17.68 9.51
C GLU A 535 -17.97 19.04 10.11
N GLU A 536 -16.74 19.12 10.61
CA GLU A 536 -16.14 20.36 11.11
C GLU A 536 -16.11 21.41 10.01
N GLU A 537 -15.64 21.00 8.83
CA GLU A 537 -15.47 21.91 7.68
C GLU A 537 -16.72 22.48 7.05
N CYS A 538 -17.82 21.74 7.03
CA CYS A 538 -18.99 22.25 6.32
C CYS A 538 -19.81 23.15 7.27
N MET A 539 -19.37 23.24 8.51
CA MET A 539 -19.85 24.25 9.45
C MET A 539 -19.07 25.57 9.32
N PHE A 540 -18.07 25.61 8.43
CA PHE A 540 -17.35 26.84 8.09
C PHE A 540 -17.82 27.37 6.74
N PRO A 541 -18.47 28.53 6.74
CA PRO A 541 -19.06 29.12 5.53
C PRO A 541 -18.06 29.37 4.38
N LYS A 542 -16.81 29.69 4.72
CA LYS A 542 -15.81 29.99 3.70
C LYS A 542 -14.98 28.77 3.24
N ALA A 543 -15.26 27.60 3.82
CA ALA A 543 -14.56 26.36 3.45
C ALA A 543 -14.85 25.98 2.01
N THR A 544 -13.92 25.27 1.38
CA THR A 544 -14.04 24.91 -0.03
C THR A 544 -13.63 23.45 -0.24
N ASP A 545 -13.83 22.92 -1.45
CA ASP A 545 -13.36 21.56 -1.72
C ASP A 545 -11.84 21.51 -1.50
N MET A 546 -11.14 22.58 -1.89
CA MET A 546 -9.68 22.60 -1.74
C MET A 546 -9.23 22.72 -0.29
N THR A 547 -9.94 23.48 0.54
CA THR A 547 -9.51 23.57 1.93
C THR A 547 -9.79 22.24 2.61
N PHE A 548 -10.84 21.56 2.16
CA PHE A 548 -11.15 20.23 2.70
C PHE A 548 -10.01 19.26 2.36
N LYS A 549 -9.60 19.25 1.08
CA LYS A 549 -8.54 18.36 0.64
C LYS A 549 -7.33 18.55 1.52
N ALA A 550 -7.01 19.81 1.78
CA ALA A 550 -5.84 20.18 2.54
C ALA A 550 -5.95 19.73 3.98
N LYS A 551 -7.12 19.90 4.59
CA LYS A 551 -7.20 19.55 6.00
C LYS A 551 -7.05 18.03 6.18
N LEU A 552 -7.38 17.27 5.13
CA LEU A 552 -7.24 15.82 5.22
C LEU A 552 -5.78 15.44 5.12
N PHE A 553 -5.10 15.95 4.10
CA PHE A 553 -3.66 15.69 3.94
C PHE A 553 -2.87 16.19 5.14
N ASP A 554 -3.14 17.42 5.59
CA ASP A 554 -2.41 17.99 6.71
C ASP A 554 -2.59 17.16 7.97
N ASN A 555 -3.76 16.53 8.09
CA ASN A 555 -4.04 15.72 9.28
C ASN A 555 -3.65 14.24 9.17
N HIS A 556 -3.54 13.72 7.94
CA HIS A 556 -3.37 12.27 7.80
C HIS A 556 -2.23 11.80 6.88
N LEU A 557 -1.90 12.56 5.84
CA LEU A 557 -0.84 12.10 4.94
C LEU A 557 0.40 12.05 5.78
N GLY A 558 1.02 10.89 5.82
CA GLY A 558 2.23 10.71 6.60
C GLY A 558 1.92 10.18 7.97
N LYS A 559 0.78 10.54 8.54
CA LYS A 559 0.45 10.04 9.89
C LYS A 559 -0.45 8.77 9.95
N SER A 560 -1.41 8.64 9.05
CA SER A 560 -2.24 7.44 8.99
C SER A 560 -1.90 6.61 7.75
N ALA A 561 -1.36 5.43 7.98
CA ALA A 561 -0.89 4.57 6.88
C ALA A 561 -2.02 4.20 5.90
N ASN A 562 -3.25 4.05 6.40
CA ASN A 562 -4.35 3.75 5.48
C ASN A 562 -4.73 4.93 4.59
N PHE A 563 -4.17 6.11 4.86
CA PHE A 563 -4.45 7.32 4.07
C PHE A 563 -3.33 7.55 3.09
N GLN A 564 -3.64 7.67 1.81
CA GLN A 564 -2.61 7.68 0.79
C GLN A 564 -2.95 8.59 -0.38
N LYS A 565 -1.91 8.97 -1.11
CA LYS A 565 -2.06 9.74 -2.32
C LYS A 565 -2.84 8.93 -3.35
N PRO A 566 -3.60 9.62 -4.21
CA PRO A 566 -4.34 8.89 -5.24
C PRO A 566 -3.39 8.20 -6.19
N ARG A 567 -3.80 7.10 -6.78
CA ARG A 567 -2.88 6.39 -7.65
C ARG A 567 -3.03 6.79 -9.11
N ASN A 568 -3.84 7.84 -9.35
CA ASN A 568 -4.32 8.29 -10.68
C ASN A 568 -3.89 7.37 -11.84
N ILE A 569 -4.72 6.37 -12.08
CA ILE A 569 -4.42 5.25 -12.97
C ILE A 569 -5.05 5.36 -14.35
N LYS A 570 -4.23 5.12 -15.38
CA LYS A 570 -4.66 5.08 -16.78
C LYS A 570 -5.70 6.15 -17.17
N GLY A 571 -6.81 5.68 -17.71
CA GLY A 571 -7.88 6.51 -18.23
C GLY A 571 -8.98 6.76 -17.22
N LYS A 572 -8.66 6.64 -15.93
CA LYS A 572 -9.63 6.87 -14.87
C LYS A 572 -9.65 8.32 -14.35
N PRO A 573 -10.85 8.83 -14.03
CA PRO A 573 -11.10 10.22 -13.62
C PRO A 573 -10.21 10.66 -12.46
N GLU A 574 -10.11 11.97 -12.29
CA GLU A 574 -9.25 12.53 -11.24
C GLU A 574 -9.70 12.02 -9.89
N ALA A 575 -8.75 11.57 -9.08
CA ALA A 575 -9.00 11.29 -7.67
C ALA A 575 -8.15 12.19 -6.79
N HIS A 576 -8.49 12.31 -5.52
CA HIS A 576 -7.76 13.18 -4.60
C HIS A 576 -7.06 12.46 -3.47
N PHE A 577 -7.57 11.33 -3.02
CA PHE A 577 -6.81 10.55 -2.06
C PHE A 577 -7.20 9.11 -2.20
N SER A 578 -6.46 8.23 -1.56
CA SER A 578 -6.79 6.85 -1.69
C SER A 578 -6.76 6.24 -0.31
N LEU A 579 -7.61 5.24 -0.10
CA LEU A 579 -7.80 4.64 1.22
C LEU A 579 -7.47 3.16 1.17
N ILE A 580 -6.84 2.64 2.20
CA ILE A 580 -6.54 1.22 2.15
C ILE A 580 -7.62 0.52 2.97
N HIS A 581 -8.55 -0.13 2.27
CA HIS A 581 -9.64 -0.91 2.88
C HIS A 581 -9.28 -2.38 2.88
N TYR A 582 -10.07 -3.22 3.58
CA TYR A 582 -9.86 -4.67 3.53
C TYR A 582 -10.04 -5.15 2.09
N ALA A 583 -10.87 -4.48 1.31
CA ALA A 583 -11.23 -5.04 0.01
C ALA A 583 -10.28 -4.58 -1.05
N GLY A 584 -9.35 -3.73 -0.65
CA GLY A 584 -8.41 -3.12 -1.57
C GLY A 584 -8.25 -1.63 -1.37
N ILE A 585 -7.49 -1.01 -2.28
CA ILE A 585 -7.19 0.40 -2.20
C ILE A 585 -8.19 1.16 -3.06
N VAL A 586 -8.81 2.18 -2.49
CA VAL A 586 -9.83 2.88 -3.26
C VAL A 586 -9.45 4.33 -3.45
N ASP A 587 -9.54 4.82 -4.68
CA ASP A 587 -9.35 6.25 -4.94
C ASP A 587 -10.62 7.06 -4.78
N TYR A 588 -10.63 8.04 -3.89
CA TYR A 588 -11.76 8.95 -3.75
C TYR A 588 -11.57 10.34 -4.33
N ASN A 589 -12.58 10.76 -5.07
CA ASN A 589 -12.67 12.12 -5.57
C ASN A 589 -13.55 12.90 -4.60
N ILE A 590 -13.05 14.02 -4.10
CA ILE A 590 -13.76 14.73 -3.05
C ILE A 590 -14.49 15.99 -3.50
N ILE A 591 -14.62 16.17 -4.81
CA ILE A 591 -15.39 17.31 -5.30
C ILE A 591 -16.83 17.22 -4.81
N GLY A 592 -17.28 18.29 -4.15
CA GLY A 592 -18.68 18.39 -3.76
C GLY A 592 -19.11 17.82 -2.43
N TRP A 593 -18.14 17.31 -1.66
CA TRP A 593 -18.49 16.63 -0.41
C TRP A 593 -19.05 17.55 0.66
N LEU A 594 -18.54 18.78 0.74
CA LEU A 594 -19.08 19.78 1.66
C LEU A 594 -20.56 20.03 1.36
N GLN A 595 -20.86 20.11 0.07
CA GLN A 595 -22.21 20.29 -0.42
C GLN A 595 -23.08 19.07 -0.11
N LYS A 596 -22.61 17.88 -0.47
CA LYS A 596 -23.39 16.68 -0.27
C LYS A 596 -23.62 16.45 1.20
N ASN A 597 -22.63 16.76 2.03
CA ASN A 597 -22.75 16.44 3.43
C ASN A 597 -23.76 17.35 4.12
N LYS A 598 -23.78 18.63 3.79
CA LYS A 598 -24.69 19.54 4.51
C LYS A 598 -26.04 19.60 3.81
N ASP A 599 -26.03 19.26 2.53
CA ASP A 599 -27.25 19.15 1.73
C ASP A 599 -28.12 20.40 1.83
N PRO A 600 -27.56 21.57 1.50
CA PRO A 600 -28.30 22.82 1.74
C PRO A 600 -29.60 22.87 0.96
N LEU A 601 -30.67 23.33 1.61
CA LEU A 601 -31.95 23.52 0.92
C LEU A 601 -32.34 24.97 1.03
N ASN A 602 -32.95 25.49 -0.04
CA ASN A 602 -33.63 26.80 0.01
C ASN A 602 -34.66 26.88 1.14
N GLU A 603 -34.30 27.54 2.22
CA GLU A 603 -35.09 27.46 3.44
C GLU A 603 -36.30 28.39 3.42
N THR A 604 -36.43 29.16 2.35
CA THR A 604 -37.62 29.96 2.13
C THR A 604 -38.71 29.00 1.63
N VAL A 605 -38.35 28.22 0.61
CA VAL A 605 -39.26 27.22 0.06
C VAL A 605 -39.57 26.16 1.10
N VAL A 606 -38.58 25.76 1.89
CA VAL A 606 -38.83 24.84 3.00
C VAL A 606 -39.84 25.44 4.00
N GLY A 607 -39.77 26.74 4.19
CA GLY A 607 -40.75 27.43 5.02
C GLY A 607 -42.17 27.28 4.51
N LEU A 608 -42.34 27.42 3.20
CA LEU A 608 -43.61 27.16 2.54
C LEU A 608 -44.08 25.69 2.71
N TYR A 609 -43.18 24.71 2.50
CA TYR A 609 -43.54 23.29 2.71
C TYR A 609 -44.08 23.09 4.11
N GLN A 610 -43.45 23.74 5.08
CA GLN A 610 -43.84 23.56 6.47
C GLN A 610 -45.21 24.10 6.76
N LYS A 611 -45.63 25.08 5.95
CA LYS A 611 -46.92 25.73 6.11
C LYS A 611 -47.94 25.28 5.05
N SER A 612 -47.60 24.22 4.32
CA SER A 612 -48.44 23.71 3.25
C SER A 612 -49.80 23.33 3.85
N SER A 613 -50.83 23.38 3.02
CA SER A 613 -52.15 22.98 3.46
C SER A 613 -52.32 21.48 3.28
N LEU A 614 -51.40 20.87 2.52
CA LEU A 614 -51.36 19.41 2.41
C LEU A 614 -50.62 18.85 3.60
N LYS A 615 -51.35 18.16 4.48
CA LYS A 615 -50.80 17.71 5.76
C LYS A 615 -49.50 16.90 5.58
N LEU A 616 -49.45 16.06 4.54
CA LEU A 616 -48.31 15.18 4.32
C LEU A 616 -47.02 15.98 4.11
N LEU A 617 -47.05 16.90 3.15
CA LEU A 617 -45.86 17.72 2.84
C LEU A 617 -45.42 18.50 4.06
N SER A 618 -46.39 19.00 4.80
CA SER A 618 -46.15 19.69 6.06
C SER A 618 -45.50 18.80 7.12
N THR A 619 -45.92 17.55 7.18
CA THR A 619 -45.32 16.56 8.09
C THR A 619 -43.85 16.23 7.70
N LEU A 620 -43.60 16.10 6.39
CA LEU A 620 -42.28 15.76 5.89
C LEU A 620 -41.19 16.74 6.27
N PHE A 621 -41.54 18.00 6.52
CA PHE A 621 -40.53 18.99 6.91
C PHE A 621 -40.71 19.58 8.31
N ALA A 622 -41.62 19.01 9.08
CA ALA A 622 -41.85 19.42 10.46
C ALA A 622 -40.53 19.58 11.22
N ASN A 623 -39.85 18.46 11.42
CA ASN A 623 -38.58 18.46 12.11
C ASN A 623 -37.45 18.80 11.12
N TYR A 624 -37.24 20.09 10.92
CA TYR A 624 -36.19 20.58 10.03
C TYR A 624 -35.50 21.79 10.66
N PHE A 644 -29.12 20.80 13.86
CA PHE A 644 -28.83 20.47 12.47
C PHE A 644 -28.16 19.11 12.39
N GLN A 645 -28.28 18.46 11.24
CA GLN A 645 -27.59 17.20 11.06
C GLN A 645 -27.13 17.02 9.62
N THR A 646 -25.85 16.71 9.46
CA THR A 646 -25.27 16.40 8.14
C THR A 646 -25.54 14.93 7.77
N VAL A 647 -25.41 14.61 6.50
CA VAL A 647 -25.57 13.25 6.02
C VAL A 647 -24.67 12.27 6.77
N SER A 648 -23.42 12.67 6.99
CA SER A 648 -22.42 11.80 7.63
C SER A 648 -22.72 11.58 9.11
N ALA A 649 -23.21 12.59 9.81
CA ALA A 649 -23.56 12.41 11.22
C ALA A 649 -24.72 11.43 11.36
N LEU A 650 -25.70 11.54 10.46
CA LEU A 650 -26.90 10.68 10.52
C LEU A 650 -26.54 9.22 10.25
N HIS A 651 -25.71 9.04 9.22
CA HIS A 651 -25.22 7.76 8.80
C HIS A 651 -24.49 7.10 9.96
N ARG A 652 -23.75 7.89 10.70
CA ARG A 652 -22.98 7.36 11.79
C ARG A 652 -23.96 6.87 12.84
N GLU A 653 -25.01 7.65 13.03
CA GLU A 653 -26.02 7.33 14.02
C GLU A 653 -26.72 6.03 13.66
N ASN A 654 -27.15 5.92 12.41
CA ASN A 654 -27.87 4.74 11.90
C ASN A 654 -26.99 3.50 11.93
N LEU A 655 -25.69 3.68 11.66
CA LEU A 655 -24.79 2.53 11.60
C LEU A 655 -24.57 2.04 13.00
N ASN A 656 -24.53 2.97 13.94
CA ASN A 656 -24.28 2.56 15.30
C ASN A 656 -25.49 1.82 15.85
N LYS A 657 -26.67 2.24 15.40
CA LYS A 657 -27.90 1.62 15.80
C LYS A 657 -27.97 0.25 15.13
N LEU A 658 -27.61 0.18 13.86
CA LEU A 658 -27.57 -1.11 13.19
C LEU A 658 -26.58 -2.10 13.86
N MET A 659 -25.37 -1.64 14.18
CA MET A 659 -24.37 -2.55 14.75
C MET A 659 -24.71 -3.01 16.17
N THR A 660 -25.25 -2.12 17.00
CA THR A 660 -25.71 -2.55 18.32
C THR A 660 -26.73 -3.70 18.19
N ASN A 661 -27.65 -3.58 17.24
CA ASN A 661 -28.55 -4.68 16.95
C ASN A 661 -27.85 -5.93 16.50
N LEU A 662 -26.94 -5.80 15.54
CA LEU A 662 -26.29 -6.99 14.99
C LEU A 662 -25.45 -7.67 16.05
N ARG A 663 -24.81 -6.88 16.92
CA ARG A 663 -23.96 -7.47 17.95
C ARG A 663 -24.71 -8.21 19.02
N SER A 664 -26.02 -8.03 19.07
CA SER A 664 -26.82 -8.78 20.00
C SER A 664 -27.31 -10.11 19.39
N THR A 665 -26.79 -10.46 18.22
CA THR A 665 -27.28 -11.63 17.50
C THR A 665 -26.20 -12.66 17.22
N HIS A 666 -26.65 -13.87 16.95
CA HIS A 666 -25.89 -14.93 16.30
C HIS A 666 -26.08 -14.75 14.79
N PRO A 667 -25.01 -14.36 14.04
CA PRO A 667 -25.13 -14.00 12.61
C PRO A 667 -24.94 -15.15 11.62
N HIS A 668 -25.49 -14.98 10.41
CA HIS A 668 -25.39 -15.92 9.29
C HIS A 668 -25.16 -15.06 8.06
N PHE A 669 -24.37 -15.51 7.09
CA PHE A 669 -23.89 -14.58 6.08
C PHE A 669 -24.18 -15.15 4.73
N VAL A 670 -24.75 -14.34 3.86
CA VAL A 670 -25.12 -14.79 2.52
C VAL A 670 -24.46 -13.86 1.52
N ARG A 671 -23.77 -14.42 0.53
CA ARG A 671 -23.06 -13.66 -0.48
C ARG A 671 -23.69 -13.82 -1.85
N CYS A 672 -24.17 -12.74 -2.44
CA CYS A 672 -24.72 -12.86 -3.80
C CYS A 672 -23.67 -12.47 -4.85
N ILE A 673 -23.56 -13.30 -5.88
CA ILE A 673 -22.56 -13.14 -6.92
C ILE A 673 -23.24 -12.84 -8.22
N ILE A 674 -22.84 -11.76 -8.90
CA ILE A 674 -23.28 -11.59 -10.28
C ILE A 674 -22.22 -12.24 -11.17
N PRO A 675 -22.62 -13.24 -11.97
CA PRO A 675 -21.68 -14.06 -12.74
C PRO A 675 -21.09 -13.39 -14.02
N ASN A 676 -21.86 -12.49 -14.63
CA ASN A 676 -21.46 -11.90 -15.92
C ASN A 676 -22.29 -10.64 -16.13
N GLU A 677 -21.97 -9.85 -17.15
CA GLU A 677 -22.69 -8.58 -17.38
C GLU A 677 -23.83 -8.67 -18.41
N THR A 678 -24.07 -9.84 -18.98
CA THR A 678 -25.04 -9.96 -20.07
C THR A 678 -26.27 -10.82 -19.74
N LYS A 679 -26.57 -10.92 -18.45
CA LYS A 679 -27.67 -11.74 -17.94
C LYS A 679 -27.72 -13.09 -18.57
N SER A 680 -26.55 -13.71 -18.74
CA SER A 680 -26.47 -15.02 -19.38
C SER A 680 -26.37 -16.14 -18.37
N PRO A 681 -27.27 -17.11 -18.47
CA PRO A 681 -27.20 -18.25 -17.54
C PRO A 681 -25.98 -19.14 -17.75
N GLY A 682 -25.47 -19.64 -16.64
CA GLY A 682 -24.42 -20.66 -16.69
C GLY A 682 -23.00 -20.18 -16.89
N VAL A 683 -22.80 -18.94 -17.31
CA VAL A 683 -21.44 -18.49 -17.65
C VAL A 683 -20.90 -17.44 -16.68
N MET A 684 -19.65 -17.65 -16.28
CA MET A 684 -18.95 -16.71 -15.43
C MET A 684 -17.79 -16.00 -16.10
N ASP A 685 -17.74 -14.68 -15.99
CA ASP A 685 -16.50 -13.87 -16.20
C ASP A 685 -15.56 -14.00 -15.01
N ASN A 686 -14.39 -14.62 -15.17
CA ASN A 686 -13.45 -14.74 -14.04
C ASN A 686 -13.14 -13.42 -13.33
N PRO A 687 -12.83 -12.33 -14.05
CA PRO A 687 -12.43 -11.12 -13.31
C PRO A 687 -13.54 -10.45 -12.47
N LEU A 688 -14.72 -10.31 -13.06
CA LEU A 688 -15.90 -9.85 -12.35
C LEU A 688 -16.12 -10.65 -11.05
N VAL A 689 -16.03 -11.96 -11.15
CA VAL A 689 -16.33 -12.79 -9.98
C VAL A 689 -15.22 -12.64 -8.97
N MET A 690 -13.97 -12.63 -9.44
CA MET A 690 -12.82 -12.38 -8.57
C MET A 690 -12.97 -11.08 -7.82
N HIS A 691 -13.28 -9.96 -8.50
CA HIS A 691 -13.48 -8.67 -7.81
C HIS A 691 -14.46 -8.86 -6.66
N GLN A 692 -15.52 -9.63 -6.91
CA GLN A 692 -16.56 -9.74 -5.92
C GLN A 692 -16.05 -10.52 -4.72
N LEU A 693 -15.34 -11.62 -4.99
CA LEU A 693 -14.78 -12.46 -3.96
C LEU A 693 -13.76 -11.71 -3.11
N ARG A 694 -12.99 -10.80 -3.72
CA ARG A 694 -12.05 -9.99 -2.93
C ARG A 694 -12.79 -8.98 -2.07
N CYS A 695 -13.96 -8.53 -2.52
CA CYS A 695 -14.70 -7.47 -1.81
C CYS A 695 -15.73 -7.92 -0.78
N ASN A 696 -16.29 -9.14 -0.94
CA ASN A 696 -17.45 -9.53 -0.12
C ASN A 696 -17.17 -10.32 1.13
N GLY A 697 -15.90 -10.54 1.45
CA GLY A 697 -15.57 -11.22 2.68
C GLY A 697 -15.08 -12.64 2.48
N VAL A 698 -15.30 -13.21 1.31
CA VAL A 698 -15.02 -14.65 1.15
C VAL A 698 -13.53 -14.89 1.18
N LEU A 699 -12.78 -14.11 0.42
CA LEU A 699 -11.35 -14.29 0.44
C LEU A 699 -10.79 -13.82 1.76
N GLU A 700 -11.44 -12.83 2.36
CA GLU A 700 -11.06 -12.35 3.70
C GLU A 700 -11.14 -13.48 4.71
N GLY A 701 -12.26 -14.20 4.68
CA GLY A 701 -12.44 -15.34 5.57
C GLY A 701 -11.35 -16.37 5.44
N ILE A 702 -10.99 -16.70 4.21
CA ILE A 702 -9.86 -17.61 4.00
C ILE A 702 -8.56 -17.03 4.63
N ARG A 703 -8.22 -15.78 4.32
CA ARG A 703 -6.97 -15.18 4.81
C ARG A 703 -6.81 -15.32 6.32
N ILE A 704 -7.84 -14.98 7.09
CA ILE A 704 -7.66 -14.90 8.53
C ILE A 704 -7.60 -16.28 9.20
N CYS A 705 -8.24 -17.29 8.62
CA CYS A 705 -8.15 -18.61 9.22
C CYS A 705 -6.82 -19.22 8.82
N ARG A 706 -6.25 -18.68 7.76
CA ARG A 706 -4.97 -19.09 7.24
C ARG A 706 -3.82 -18.66 8.20
N LYS A 707 -4.07 -17.61 8.98
CA LYS A 707 -3.16 -17.17 10.07
C LYS A 707 -2.84 -18.35 11.00
N GLY A 708 -3.81 -19.22 11.25
CA GLY A 708 -3.55 -20.35 12.10
C GLY A 708 -3.27 -21.63 11.36
N PHE A 709 -3.99 -22.68 11.74
CA PHE A 709 -3.83 -23.95 11.10
C PHE A 709 -5.19 -24.31 10.47
N PRO A 710 -5.43 -23.88 9.22
CA PRO A 710 -6.68 -24.07 8.50
C PRO A 710 -6.94 -25.50 8.08
N ASN A 711 -5.92 -26.29 7.73
CA ASN A 711 -6.20 -27.62 7.23
C ASN A 711 -6.23 -28.62 8.41
N ARG A 712 -7.37 -29.27 8.61
CA ARG A 712 -7.54 -30.21 9.71
C ARG A 712 -7.94 -31.60 9.27
N ILE A 713 -7.16 -32.58 9.69
CA ILE A 713 -7.41 -33.94 9.25
C ILE A 713 -7.55 -34.94 10.40
N LEU A 714 -8.69 -35.62 10.42
CA LEU A 714 -8.90 -36.77 11.30
C LEU A 714 -7.75 -37.76 11.20
N TYR A 715 -7.24 -38.24 12.33
CA TYR A 715 -6.10 -39.16 12.34
C TYR A 715 -6.30 -40.37 11.42
N GLY A 716 -7.54 -40.83 11.31
CA GLY A 716 -7.88 -41.95 10.45
C GLY A 716 -7.65 -41.66 8.98
N ASP A 717 -8.18 -40.53 8.51
CA ASP A 717 -7.97 -40.11 7.12
C ASP A 717 -6.51 -39.80 6.85
N PHE A 718 -5.81 -39.35 7.87
CA PHE A 718 -4.41 -38.97 7.67
C PHE A 718 -3.58 -40.21 7.34
N ARG A 719 -3.77 -41.27 8.10
CA ARG A 719 -3.13 -42.57 7.88
C ARG A 719 -3.47 -43.13 6.48
N GLN A 720 -4.76 -43.15 6.15
CA GLN A 720 -5.21 -43.70 4.88
C GLN A 720 -4.96 -42.81 3.66
N ARG A 721 -4.01 -41.87 3.77
CA ARG A 721 -3.77 -40.93 2.69
C ARG A 721 -2.28 -40.59 2.60
N TYR A 722 -1.61 -40.44 3.74
CA TYR A 722 -0.22 -40.05 3.76
C TYR A 722 0.68 -41.15 4.32
N ARG A 723 0.14 -42.37 4.41
CA ARG A 723 0.92 -43.51 4.89
C ARG A 723 2.15 -43.78 4.03
N ILE A 724 1.91 -43.79 2.72
CA ILE A 724 2.90 -44.06 1.70
C ILE A 724 4.20 -43.24 1.86
N LEU A 725 4.16 -42.15 2.61
CA LEU A 725 5.35 -41.33 2.86
C LEU A 725 6.38 -42.02 3.75
N ASN A 726 5.90 -42.96 4.56
CA ASN A 726 6.75 -43.72 5.47
C ASN A 726 5.96 -44.90 6.08
N PRO A 727 5.70 -45.95 5.29
CA PRO A 727 4.83 -47.06 5.67
C PRO A 727 5.30 -47.81 6.91
N ALA A 728 6.61 -47.74 7.16
CA ALA A 728 7.22 -48.28 8.38
C ALA A 728 6.60 -47.73 9.68
N ALA A 729 6.46 -46.41 9.77
CA ALA A 729 5.98 -45.75 11.00
C ALA A 729 4.48 -45.92 11.24
N ILE A 730 3.76 -46.45 10.28
CA ILE A 730 2.37 -46.83 10.51
C ILE A 730 2.18 -48.30 10.13
N PRO A 731 2.26 -49.20 11.12
CA PRO A 731 2.04 -50.63 10.92
C PRO A 731 0.68 -50.90 10.32
N GLU A 732 0.48 -52.11 9.82
CA GLU A 732 -0.85 -52.51 9.33
C GLU A 732 -1.48 -53.44 10.36
N GLY A 733 -2.76 -53.77 10.14
CA GLY A 733 -3.47 -54.66 11.05
C GLY A 733 -4.76 -54.03 11.54
N GLN A 734 -5.24 -54.50 12.69
CA GLN A 734 -6.51 -54.02 13.25
C GLN A 734 -6.32 -52.80 14.17
N PHE A 735 -6.14 -53.05 15.46
CA PHE A 735 -6.12 -52.00 16.47
C PHE A 735 -4.90 -51.11 16.38
N ILE A 736 -5.02 -50.04 15.59
CA ILE A 736 -3.86 -49.18 15.36
C ILE A 736 -4.07 -47.79 16.00
N ASP A 737 -3.04 -47.30 16.72
CA ASP A 737 -3.05 -46.00 17.40
C ASP A 737 -2.74 -44.83 16.44
N SER A 738 -3.79 -44.34 15.79
CA SER A 738 -3.63 -43.40 14.68
C SER A 738 -2.88 -42.12 15.03
N ARG A 739 -3.03 -41.64 16.25
CA ARG A 739 -2.32 -40.45 16.68
C ARG A 739 -0.81 -40.74 16.75
N LYS A 740 -0.45 -41.94 17.21
CA LYS A 740 0.97 -42.32 17.29
C LYS A 740 1.51 -42.50 15.88
N GLY A 741 0.70 -43.08 15.01
CA GLY A 741 1.11 -43.27 13.62
C GLY A 741 1.48 -41.96 12.95
N ALA A 742 0.64 -40.94 13.15
CA ALA A 742 0.84 -39.64 12.54
C ALA A 742 1.98 -38.90 13.23
N GLU A 743 2.06 -39.08 14.54
CA GLU A 743 3.14 -38.47 15.28
C GLU A 743 4.49 -39.09 14.91
N LYS A 744 4.49 -40.38 14.60
CA LYS A 744 5.74 -41.03 14.19
C LYS A 744 6.06 -40.69 12.75
N LEU A 745 5.06 -40.74 11.88
CA LEU A 745 5.27 -40.43 10.46
C LEU A 745 5.75 -38.99 10.21
N LEU A 746 5.04 -38.00 10.72
CA LEU A 746 5.43 -36.61 10.50
C LEU A 746 6.81 -36.30 11.09
N SER A 747 7.09 -36.93 12.23
CA SER A 747 8.34 -36.65 12.91
C SER A 747 9.51 -37.16 12.08
N SER A 748 9.21 -38.11 11.19
CA SER A 748 10.20 -38.72 10.35
C SER A 748 10.32 -38.12 8.95
N LEU A 749 9.82 -36.91 8.74
CA LEU A 749 9.97 -36.29 7.42
C LEU A 749 10.81 -35.03 7.55
N ASP A 750 11.40 -34.58 6.45
CA ASP A 750 12.20 -33.36 6.44
C ASP A 750 11.33 -32.10 6.25
N ILE A 751 10.61 -31.76 7.30
CA ILE A 751 9.60 -30.71 7.26
C ILE A 751 9.68 -29.81 8.49
N ASP A 752 9.15 -28.60 8.36
CA ASP A 752 9.10 -27.69 9.50
C ASP A 752 8.11 -28.29 10.50
N HIS A 753 8.64 -28.97 11.51
CA HIS A 753 7.83 -29.67 12.50
C HIS A 753 6.97 -28.76 13.38
N ASN A 754 7.16 -27.44 13.25
CA ASN A 754 6.32 -26.45 13.94
C ASN A 754 5.08 -26.01 13.14
N GLN A 755 4.85 -26.63 11.99
CA GLN A 755 3.76 -26.19 11.15
C GLN A 755 2.55 -27.15 11.25
N TYR A 756 2.50 -27.93 12.33
CA TYR A 756 1.38 -28.82 12.57
C TYR A 756 1.24 -29.03 14.06
N LYS A 757 0.02 -29.28 14.52
CA LYS A 757 -0.18 -29.54 15.92
C LYS A 757 -1.18 -30.67 16.04
N PHE A 758 -1.12 -31.35 17.17
CA PHE A 758 -1.91 -32.55 17.30
C PHE A 758 -3.04 -32.23 18.24
N GLY A 759 -4.25 -32.37 17.74
CA GLY A 759 -5.43 -32.17 18.54
C GLY A 759 -5.92 -33.53 19.03
N HIS A 760 -7.02 -33.52 19.77
CA HIS A 760 -7.58 -34.75 20.33
C HIS A 760 -8.00 -35.72 19.22
N THR A 761 -8.61 -35.21 18.17
CA THR A 761 -9.07 -36.06 17.06
C THR A 761 -8.52 -35.73 15.65
N LYS A 762 -7.74 -34.65 15.54
CA LYS A 762 -7.26 -34.23 14.23
C LYS A 762 -5.84 -33.72 14.26
N VAL A 763 -5.21 -33.71 13.09
CA VAL A 763 -3.94 -33.02 12.94
C VAL A 763 -4.24 -31.67 12.28
N PHE A 764 -3.65 -30.63 12.84
CA PHE A 764 -3.84 -29.29 12.31
C PHE A 764 -2.60 -28.93 11.51
N PHE A 765 -2.78 -28.43 10.30
CA PHE A 765 -1.65 -28.10 9.43
C PHE A 765 -1.70 -26.65 8.96
N LYS A 766 -0.55 -26.01 8.89
CA LYS A 766 -0.41 -24.80 8.12
C LYS A 766 -0.75 -25.17 6.68
N ALA A 767 -1.33 -24.25 5.92
CA ALA A 767 -1.65 -24.55 4.54
C ALA A 767 -0.42 -24.97 3.72
N GLY A 768 0.69 -24.28 3.88
CA GLY A 768 1.87 -24.61 3.10
C GLY A 768 2.33 -26.04 3.32
N LEU A 769 2.31 -26.49 4.58
CA LEU A 769 2.78 -27.83 4.89
C LEU A 769 1.91 -28.93 4.30
N LEU A 770 0.59 -28.78 4.36
CA LEU A 770 -0.20 -29.89 3.83
C LEU A 770 -0.08 -29.90 2.33
N GLY A 771 0.26 -28.75 1.77
CA GLY A 771 0.37 -28.63 0.33
C GLY A 771 1.64 -29.35 -0.07
N LEU A 772 2.66 -29.26 0.79
CA LEU A 772 3.90 -30.00 0.59
C LEU A 772 3.70 -31.51 0.74
N LEU A 773 3.00 -31.93 1.79
CA LEU A 773 2.73 -33.36 1.99
C LEU A 773 2.02 -33.90 0.76
N GLU A 774 1.13 -33.09 0.21
CA GLU A 774 0.38 -33.52 -0.97
C GLU A 774 1.27 -33.63 -2.22
N GLU A 775 2.32 -32.82 -2.32
CA GLU A 775 3.26 -32.91 -3.43
C GLU A 775 4.24 -34.10 -3.27
N MET A 776 4.76 -34.27 -2.07
CA MET A 776 5.58 -35.41 -1.71
C MET A 776 4.83 -36.73 -1.98
N ARG A 777 3.56 -36.78 -1.59
CA ARG A 777 2.77 -37.97 -1.85
C ARG A 777 2.65 -38.22 -3.33
N ASP A 778 2.40 -37.18 -4.12
CA ASP A 778 2.33 -37.36 -5.57
C ASP A 778 3.69 -37.83 -6.10
N GLU A 779 4.77 -37.33 -5.53
CA GLU A 779 6.08 -37.77 -5.98
C GLU A 779 6.31 -39.24 -5.60
N ARG A 780 6.10 -39.62 -4.35
CA ARG A 780 6.31 -41.01 -3.96
C ARG A 780 5.42 -41.96 -4.78
N LEU A 781 4.15 -41.61 -4.91
CA LEU A 781 3.21 -42.38 -5.72
C LEU A 781 3.63 -42.46 -7.17
N SER A 782 4.36 -41.45 -7.63
CA SER A 782 4.74 -41.36 -9.03
C SER A 782 5.90 -42.29 -9.32
N ARG A 783 6.86 -42.32 -8.41
CA ARG A 783 7.99 -43.24 -8.51
C ARG A 783 7.48 -44.68 -8.50
N ILE A 784 6.58 -45.00 -7.57
CA ILE A 784 6.01 -46.34 -7.49
C ILE A 784 5.37 -46.81 -8.79
N ILE A 785 4.51 -45.99 -9.40
CA ILE A 785 3.86 -46.36 -10.65
C ILE A 785 4.88 -46.68 -11.74
N THR A 786 5.94 -45.88 -11.80
CA THR A 786 7.04 -46.16 -12.71
C THR A 786 7.63 -47.54 -12.42
N ARG A 787 8.05 -47.77 -11.18
CA ARG A 787 8.73 -49.01 -10.82
C ARG A 787 7.89 -50.26 -10.98
N THR A 788 6.59 -50.18 -10.77
CA THR A 788 5.75 -51.35 -10.93
C THR A 788 5.46 -51.62 -12.39
N GLN A 789 5.46 -50.58 -13.21
CA GLN A 789 5.19 -50.74 -14.63
C GLN A 789 6.38 -51.37 -15.31
N ALA A 790 7.57 -50.95 -14.89
CA ALA A 790 8.82 -51.52 -15.38
C ALA A 790 8.89 -53.01 -15.07
N ALA A 791 8.36 -53.38 -13.91
CA ALA A 791 8.41 -54.74 -13.40
C ALA A 791 7.26 -55.62 -13.88
N GLU A 792 6.40 -55.11 -14.77
CA GLU A 792 5.36 -55.98 -15.34
C GLU A 792 5.61 -56.20 -16.82
N GLU A 793 6.28 -55.22 -17.44
CA GLU A 793 6.68 -55.32 -18.84
C GLU A 793 8.04 -56.03 -18.92
N LEU A 794 8.47 -56.59 -17.78
CA LEU A 794 9.67 -57.41 -17.71
C LEU A 794 9.24 -58.88 -17.67
N PHE A 795 7.96 -59.10 -17.36
CA PHE A 795 7.37 -60.43 -17.21
C PHE A 795 6.13 -60.59 -18.06
N THR A 796 5.96 -59.73 -19.05
CA THR A 796 4.89 -59.90 -20.02
C THR A 796 5.32 -61.02 -20.96
N GLY A 797 4.35 -61.79 -21.45
CA GLY A 797 4.67 -62.93 -22.31
C GLY A 797 5.14 -64.12 -21.49
N VAL A 798 5.25 -65.27 -22.14
CA VAL A 798 5.76 -66.46 -21.45
C VAL A 798 7.27 -66.32 -21.28
N VAL A 799 7.76 -66.54 -20.07
CA VAL A 799 9.17 -66.33 -19.78
C VAL A 799 9.92 -67.65 -19.55
N PRO A 800 11.07 -67.79 -20.21
CA PRO A 800 11.91 -68.99 -20.09
C PRO A 800 12.57 -69.14 -18.71
N ILE A 801 12.54 -70.34 -18.15
CA ILE A 801 13.15 -70.57 -16.85
C ILE A 801 14.26 -71.62 -16.96
N LEU A 802 15.38 -71.33 -16.32
CA LEU A 802 16.42 -72.31 -16.12
C LEU A 802 16.69 -72.45 -14.63
N VAL A 803 16.68 -73.68 -14.13
CA VAL A 803 16.96 -73.91 -12.73
C VAL A 803 18.19 -74.81 -12.64
N GLU A 804 19.06 -74.51 -11.68
CA GLU A 804 20.32 -75.24 -11.47
C GLU A 804 20.55 -75.45 -9.98
N LEU A 805 20.70 -76.69 -9.55
CA LEU A 805 20.94 -76.94 -8.14
C LEU A 805 22.27 -77.67 -7.96
N ASP A 806 22.99 -77.34 -6.90
CA ASP A 806 24.18 -78.10 -6.53
C ASP A 806 24.08 -78.47 -5.07
N GLY A 807 23.63 -79.70 -4.82
CA GLY A 807 23.34 -80.12 -3.47
C GLY A 807 24.51 -80.85 -2.85
N ASP A 808 24.43 -81.02 -1.54
CA ASP A 808 25.45 -81.68 -0.73
C ASP A 808 24.82 -82.05 0.61
N VAL A 809 24.10 -83.16 0.63
CA VAL A 809 23.42 -83.58 1.83
C VAL A 809 24.18 -84.75 2.45
N ASN A 810 24.65 -84.57 3.67
CA ASN A 810 25.44 -85.58 4.38
C ASN A 810 26.68 -86.05 3.64
N GLY A 811 27.37 -85.12 2.98
CA GLY A 811 28.61 -85.44 2.29
C GLY A 811 28.42 -86.04 0.90
N HIS A 812 27.17 -86.15 0.45
CA HIS A 812 26.88 -86.79 -0.84
C HIS A 812 26.33 -85.76 -1.82
N LYS A 813 27.18 -85.35 -2.74
CA LYS A 813 26.81 -84.35 -3.75
C LYS A 813 25.91 -84.92 -4.82
N PHE A 814 25.07 -84.05 -5.35
CA PHE A 814 24.10 -84.38 -6.38
C PHE A 814 23.80 -83.10 -7.13
N SER A 815 23.23 -83.23 -8.32
CA SER A 815 23.03 -82.06 -9.12
C SER A 815 21.73 -82.18 -9.89
N VAL A 816 20.89 -81.15 -9.80
CA VAL A 816 19.63 -81.18 -10.52
C VAL A 816 19.63 -80.04 -11.50
N SER A 817 19.00 -80.26 -12.63
CA SER A 817 18.83 -79.22 -13.62
C SER A 817 17.35 -79.12 -14.02
N GLY A 818 16.89 -77.90 -14.23
CA GLY A 818 15.50 -77.67 -14.57
C GLY A 818 15.34 -76.72 -15.75
N GLU A 819 14.30 -76.95 -16.53
CA GLU A 819 13.99 -76.12 -17.67
C GLU A 819 12.46 -76.09 -17.84
N GLY A 820 11.90 -74.89 -17.93
CA GLY A 820 10.46 -74.74 -18.07
C GLY A 820 10.04 -73.37 -18.54
N GLU A 821 8.74 -73.10 -18.44
CA GLU A 821 8.21 -71.83 -18.90
C GLU A 821 7.43 -71.13 -17.78
N GLY A 822 7.53 -69.81 -17.74
CA GLY A 822 6.82 -69.03 -16.75
C GLY A 822 5.84 -68.03 -17.35
N ASP A 823 4.73 -67.81 -16.63
CA ASP A 823 3.71 -66.86 -17.09
C ASP A 823 3.08 -66.15 -15.89
N ALA A 824 3.56 -64.95 -15.60
CA ALA A 824 3.18 -64.26 -14.37
C ALA A 824 1.73 -63.81 -14.40
N THR A 825 1.23 -63.50 -15.59
CA THR A 825 -0.14 -63.00 -15.72
C THR A 825 -1.17 -63.98 -15.13
N TYR A 826 -0.88 -65.29 -15.22
CA TYR A 826 -1.80 -66.31 -14.68
C TYR A 826 -1.24 -66.98 -13.43
N GLY A 827 -0.04 -66.57 -13.02
CA GLY A 827 0.61 -67.12 -11.84
C GLY A 827 0.97 -68.60 -12.00
N LYS A 828 1.35 -68.96 -13.22
CA LYS A 828 1.64 -70.35 -13.54
C LYS A 828 3.09 -70.53 -13.93
N LEU A 829 3.67 -71.65 -13.51
CA LEU A 829 4.95 -72.08 -14.06
C LEU A 829 4.89 -73.60 -14.21
N THR A 830 5.63 -74.09 -15.20
CA THR A 830 5.72 -75.52 -15.42
C THR A 830 7.15 -75.90 -15.79
N LEU A 831 7.75 -76.73 -14.96
CA LEU A 831 9.13 -77.12 -15.17
C LEU A 831 9.33 -78.63 -15.16
N LYS A 832 10.44 -79.06 -15.75
CA LYS A 832 10.93 -80.43 -15.65
C LYS A 832 12.28 -80.38 -14.96
N PHE A 833 12.45 -81.22 -13.96
CA PHE A 833 13.71 -81.29 -13.24
C PHE A 833 14.32 -82.66 -13.43
N ILE A 834 15.58 -82.70 -13.84
CA ILE A 834 16.29 -83.96 -13.97
C ILE A 834 17.49 -84.01 -13.02
N CYS A 835 17.55 -85.06 -12.21
CA CYS A 835 18.76 -85.30 -11.43
C CYS A 835 19.87 -85.76 -12.35
N THR A 836 20.82 -84.89 -12.65
CA THR A 836 21.80 -85.19 -13.68
C THR A 836 22.97 -86.00 -13.13
N THR A 837 22.80 -86.57 -11.94
CA THR A 837 23.83 -87.44 -11.35
C THR A 837 23.27 -88.75 -10.79
N GLY A 838 22.18 -89.24 -11.36
CA GLY A 838 21.66 -90.51 -10.91
C GLY A 838 20.35 -90.39 -10.16
N LYS A 839 20.21 -91.22 -9.13
CA LYS A 839 19.03 -91.17 -8.28
C LYS A 839 19.25 -90.10 -7.22
N LEU A 840 18.17 -89.45 -6.83
CA LEU A 840 18.23 -88.30 -5.91
C LEU A 840 18.43 -88.75 -4.46
N PRO A 841 19.43 -88.17 -3.77
CA PRO A 841 19.76 -88.50 -2.37
C PRO A 841 18.65 -88.17 -1.38
N VAL A 842 17.77 -87.26 -1.77
CA VAL A 842 16.67 -86.78 -0.93
C VAL A 842 15.37 -86.87 -1.74
N PRO A 843 14.21 -86.91 -1.07
CA PRO A 843 12.95 -87.02 -1.81
C PRO A 843 12.62 -85.76 -2.62
N TRP A 844 12.04 -85.94 -3.81
CA TRP A 844 11.74 -84.82 -4.70
C TRP A 844 10.84 -83.75 -4.04
N PRO A 845 9.87 -84.16 -3.20
CA PRO A 845 9.10 -83.11 -2.54
C PRO A 845 9.80 -82.38 -1.40
N THR A 846 11.13 -82.45 -1.30
CA THR A 846 11.81 -81.66 -0.29
C THR A 846 12.60 -80.57 -0.99
N LEU A 847 12.50 -80.55 -2.31
CA LEU A 847 13.22 -79.57 -3.09
C LEU A 847 12.31 -78.57 -3.81
N VAL A 848 11.00 -78.74 -3.70
CA VAL A 848 10.06 -77.83 -4.35
C VAL A 848 10.25 -76.38 -3.88
N THR A 849 10.22 -76.14 -2.57
CA THR A 849 10.40 -74.80 -1.99
C THR A 849 11.69 -74.15 -2.44
N THR A 850 12.64 -74.97 -2.85
CA THR A 850 13.95 -74.47 -3.21
C THR A 850 14.01 -74.26 -4.72
N PHE A 851 13.33 -75.11 -5.46
CA PHE A 851 13.27 -74.96 -6.90
C PHE A 851 12.48 -73.73 -7.31
N1 CRO A 852 11.12 -73.59 -7.03
CA1 CRO A 852 10.05 -72.65 -7.12
CB1 CRO A 852 8.80 -73.35 -7.51
OG1 CRO A 852 8.51 -74.35 -6.90
C1 CRO A 852 9.83 -71.97 -5.81
N2 CRO A 852 8.72 -72.07 -5.03
N3 CRO A 852 10.70 -71.12 -5.21
C2 CRO A 852 10.15 -70.71 -4.06
O2 CRO A 852 10.70 -69.84 -3.13
CA2 CRO A 852 8.94 -71.31 -3.94
CA3 CRO A 852 11.99 -70.74 -5.70
C3 CRO A 852 12.10 -69.60 -6.65
O3 CRO A 852 12.79 -68.64 -6.37
CB2 CRO A 852 8.04 -71.06 -2.78
CG2 CRO A 852 7.04 -72.10 -2.40
CD1 CRO A 852 6.25 -72.75 -3.33
CD2 CRO A 852 6.90 -72.38 -1.04
CE1 CRO A 852 5.34 -73.70 -2.90
CE2 CRO A 852 5.99 -73.32 -0.61
CZ CRO A 852 5.20 -73.97 -1.54
OH CRO A 852 4.29 -74.90 -1.11
N VAL A 853 11.05 -69.45 -7.45
CA VAL A 853 10.99 -68.25 -8.29
C VAL A 853 9.67 -67.52 -8.10
N GLN A 854 9.50 -66.91 -6.93
CA GLN A 854 8.22 -66.32 -6.57
C GLN A 854 7.86 -65.06 -7.39
N CYS A 855 8.73 -64.71 -8.34
CA CYS A 855 8.49 -63.54 -9.18
C CYS A 855 7.47 -63.88 -10.26
N PHE A 856 7.01 -65.12 -10.28
CA PHE A 856 5.99 -65.50 -11.25
C PHE A 856 4.64 -65.58 -10.59
N SER A 857 4.59 -65.21 -9.33
CA SER A 857 3.33 -65.11 -8.62
C SER A 857 2.43 -64.14 -9.37
N ARG A 858 1.13 -64.38 -9.35
CA ARG A 858 0.20 -63.41 -9.90
C ARG A 858 -0.29 -62.53 -8.77
N TYR A 859 0.26 -61.32 -8.71
CA TYR A 859 -0.26 -60.28 -7.82
C TYR A 859 -1.50 -59.65 -8.46
N PRO A 860 -2.61 -59.57 -7.71
CA PRO A 860 -3.80 -58.95 -8.28
C PRO A 860 -3.53 -57.50 -8.72
N ASP A 861 -4.31 -56.99 -9.67
CA ASP A 861 -4.06 -55.68 -10.27
C ASP A 861 -4.03 -54.54 -9.25
N HIS A 862 -4.41 -54.83 -8.01
CA HIS A 862 -4.42 -53.83 -6.95
C HIS A 862 -3.32 -54.02 -5.90
N MET A 863 -2.55 -55.09 -6.00
CA MET A 863 -1.51 -55.35 -5.00
C MET A 863 -0.11 -55.14 -5.56
N LYS A 864 -0.05 -54.77 -6.84
CA LYS A 864 1.20 -54.72 -7.60
C LYS A 864 2.37 -53.97 -6.95
N ARG A 865 2.10 -52.96 -6.12
CA ARG A 865 3.20 -52.21 -5.50
C ARG A 865 3.88 -53.07 -4.43
N HIS A 866 3.35 -54.26 -4.22
CA HIS A 866 3.86 -55.13 -3.17
C HIS A 866 4.64 -56.30 -3.78
N ASP A 867 4.87 -56.23 -5.09
CA ASP A 867 5.61 -57.26 -5.80
C ASP A 867 7.11 -57.01 -5.76
N PHE A 868 7.71 -57.27 -4.62
CA PHE A 868 9.13 -57.09 -4.41
C PHE A 868 9.96 -57.84 -5.43
N PHE A 869 9.55 -59.07 -5.73
CA PHE A 869 10.35 -59.95 -6.58
C PHE A 869 10.53 -59.39 -7.99
N LYS A 870 9.43 -59.00 -8.61
CA LYS A 870 9.50 -58.38 -9.92
C LYS A 870 10.29 -57.05 -9.89
N SER A 871 10.19 -56.30 -8.80
CA SER A 871 10.84 -54.98 -8.77
C SER A 871 12.37 -55.10 -8.64
N ALA A 872 12.86 -56.27 -8.24
CA ALA A 872 14.30 -56.49 -8.08
C ALA A 872 14.97 -56.89 -9.40
N MET A 873 14.14 -57.22 -10.39
CA MET A 873 14.57 -57.59 -11.74
C MET A 873 14.91 -56.37 -12.58
N PRO A 874 15.75 -56.53 -13.61
CA PRO A 874 16.38 -57.77 -14.07
C PRO A 874 17.62 -58.14 -13.28
N GLU A 875 18.11 -57.23 -12.42
CA GLU A 875 19.31 -57.46 -11.63
C GLU A 875 19.14 -58.69 -10.75
N GLY A 876 17.90 -58.95 -10.36
CA GLY A 876 17.56 -60.12 -9.57
C GLY A 876 17.70 -60.00 -8.07
N TYR A 877 17.58 -61.14 -7.38
CA TYR A 877 17.68 -61.15 -5.93
C TYR A 877 18.35 -62.40 -5.39
N VAL A 878 18.86 -62.30 -4.18
CA VAL A 878 19.45 -63.42 -3.50
C VAL A 878 18.40 -64.03 -2.59
N GLN A 879 18.06 -65.31 -2.78
CA GLN A 879 17.13 -65.97 -1.89
C GLN A 879 17.94 -66.94 -1.02
N GLU A 880 18.21 -66.52 0.20
CA GLU A 880 18.91 -67.34 1.17
C GLU A 880 17.85 -67.98 2.05
N ARG A 881 17.95 -69.29 2.25
CA ARG A 881 17.01 -69.95 3.14
C ARG A 881 17.73 -70.81 4.16
N THR A 882 16.97 -71.25 5.16
CA THR A 882 17.46 -72.21 6.12
C THR A 882 16.27 -73.04 6.56
N ILE A 883 16.14 -74.21 5.94
CA ILE A 883 15.02 -75.10 6.20
C ILE A 883 15.36 -76.11 7.28
N PHE A 884 14.79 -75.95 8.46
CA PHE A 884 14.89 -76.94 9.52
C PHE A 884 13.78 -78.00 9.40
N PHE A 885 14.17 -79.26 9.18
CA PHE A 885 13.20 -80.34 9.18
C PHE A 885 12.99 -80.86 10.60
N LYS A 886 11.77 -81.25 10.93
CA LYS A 886 11.42 -81.74 12.26
C LYS A 886 12.35 -82.87 12.72
N ASP A 887 12.17 -84.04 12.11
CA ASP A 887 12.98 -85.22 12.41
C ASP A 887 14.47 -84.99 12.19
N ASP A 888 14.88 -84.95 10.93
CA ASP A 888 16.28 -84.97 10.54
C ASP A 888 17.05 -83.65 10.74
N GLY A 889 17.91 -83.35 9.78
CA GLY A 889 18.70 -82.14 9.77
C GLY A 889 18.09 -81.03 8.94
N ASN A 890 18.95 -80.20 8.34
CA ASN A 890 18.52 -78.94 7.76
C ASN A 890 19.22 -78.50 6.46
N TYR A 891 18.48 -77.83 5.58
CA TYR A 891 19.09 -77.28 4.37
C TYR A 891 19.51 -75.84 4.61
N LYS A 892 20.71 -75.49 4.14
CA LYS A 892 21.12 -74.10 4.10
C LYS A 892 21.19 -73.73 2.62
N THR A 893 20.26 -72.88 2.19
CA THR A 893 20.08 -72.57 0.78
C THR A 893 20.54 -71.15 0.44
N ARG A 894 21.22 -71.02 -0.68
CA ARG A 894 21.54 -69.72 -1.24
C ARG A 894 21.39 -69.77 -2.75
N ALA A 895 20.37 -69.10 -3.26
CA ALA A 895 20.16 -69.04 -4.68
C ALA A 895 20.30 -67.61 -5.14
N GLU A 896 20.62 -67.44 -6.41
CA GLU A 896 20.58 -66.14 -7.03
C GLU A 896 19.62 -66.24 -8.18
N VAL A 897 18.58 -65.41 -8.14
CA VAL A 897 17.56 -65.45 -9.17
C VAL A 897 17.62 -64.17 -9.96
N LYS A 898 18.16 -64.23 -11.16
CA LYS A 898 18.29 -63.04 -12.02
C LYS A 898 17.99 -63.35 -13.48
N PHE A 899 17.63 -62.32 -14.24
CA PHE A 899 17.49 -62.48 -15.67
C PHE A 899 18.87 -62.65 -16.27
N GLU A 900 18.91 -63.28 -17.45
CA GLU A 900 20.14 -63.79 -18.03
C GLU A 900 19.92 -64.01 -19.53
N GLY A 901 19.73 -62.92 -20.26
CA GLY A 901 19.22 -63.01 -21.61
C GLY A 901 17.74 -62.82 -21.47
N ASP A 902 16.94 -63.41 -22.37
CA ASP A 902 15.50 -63.31 -22.22
C ASP A 902 14.98 -64.34 -21.22
N THR A 903 15.90 -64.96 -20.47
CA THR A 903 15.53 -66.09 -19.64
C THR A 903 15.87 -65.92 -18.16
N LEU A 904 14.98 -66.45 -17.33
CA LEU A 904 15.07 -66.27 -15.88
C LEU A 904 15.80 -67.42 -15.24
N VAL A 905 16.91 -67.11 -14.59
CA VAL A 905 17.77 -68.13 -14.02
C VAL A 905 17.77 -68.16 -12.49
N ASN A 906 17.51 -69.36 -11.97
CA ASN A 906 17.47 -69.64 -10.55
C ASN A 906 18.61 -70.59 -10.23
N ARG A 907 19.71 -70.05 -9.72
CA ARG A 907 20.89 -70.85 -9.48
C ARG A 907 21.10 -71.13 -8.00
N ILE A 908 20.78 -72.35 -7.58
CA ILE A 908 20.80 -72.68 -6.17
C ILE A 908 22.04 -73.51 -5.79
N GLU A 909 22.56 -73.24 -4.60
CA GLU A 909 23.55 -74.07 -3.95
C GLU A 909 22.87 -74.55 -2.68
N LEU A 910 23.03 -75.82 -2.34
CA LEU A 910 22.38 -76.36 -1.14
C LEU A 910 23.39 -77.09 -0.26
N LYS A 911 23.09 -77.17 1.03
CA LYS A 911 23.94 -77.91 1.95
C LYS A 911 23.13 -78.45 3.11
N GLY A 912 22.68 -79.69 2.98
CA GLY A 912 22.01 -80.39 4.07
C GLY A 912 23.04 -80.99 5.02
N ILE A 913 22.84 -80.76 6.31
CA ILE A 913 23.79 -81.21 7.33
C ILE A 913 23.06 -81.84 8.51
N ASP A 914 23.82 -82.56 9.35
CA ASP A 914 23.30 -83.25 10.53
C ASP A 914 21.99 -84.00 10.27
N PHE A 915 21.87 -84.57 9.07
CA PHE A 915 20.69 -85.32 8.67
C PHE A 915 20.72 -86.77 9.16
N LYS A 916 19.63 -87.23 9.77
CA LYS A 916 19.55 -88.62 10.21
C LYS A 916 19.56 -89.54 9.00
N GLU A 917 20.44 -90.54 9.01
CA GLU A 917 20.58 -91.49 7.90
C GLU A 917 19.41 -92.47 7.83
N ASP A 918 18.67 -92.60 8.93
CA ASP A 918 17.48 -93.46 8.95
C ASP A 918 16.20 -92.64 8.87
N GLY A 919 16.34 -91.32 8.88
CA GLY A 919 15.21 -90.41 8.91
C GLY A 919 14.29 -90.41 7.70
N ASN A 920 13.06 -89.91 7.88
CA ASN A 920 12.01 -89.94 6.85
C ASN A 920 12.38 -89.18 5.58
N ILE A 921 13.34 -88.27 5.72
CA ILE A 921 13.90 -87.58 4.56
C ILE A 921 14.80 -88.55 3.81
N LEU A 922 15.93 -88.90 4.43
CA LEU A 922 17.01 -89.59 3.74
C LEU A 922 16.64 -91.03 3.37
N GLY A 923 15.69 -91.60 4.10
CA GLY A 923 15.22 -92.94 3.80
C GLY A 923 14.00 -92.95 2.91
N HIS A 924 13.94 -91.97 2.00
CA HIS A 924 12.85 -91.80 1.02
C HIS A 924 11.49 -92.26 1.52
N LYS A 925 11.03 -91.63 2.60
CA LYS A 925 9.79 -92.03 3.26
C LYS A 925 8.57 -91.21 2.79
N LEU A 926 8.83 -89.99 2.33
CA LEU A 926 7.75 -89.05 1.98
C LEU A 926 6.90 -89.49 0.79
N GLU A 927 5.64 -89.05 0.79
CA GLU A 927 4.73 -89.30 -0.32
C GLU A 927 5.10 -88.39 -1.49
N TYR A 928 4.74 -88.78 -2.71
CA TYR A 928 5.03 -87.95 -3.89
C TYR A 928 3.90 -86.94 -4.11
N ASN A 929 3.78 -85.99 -3.19
CA ASN A 929 2.75 -84.97 -3.30
C ASN A 929 3.12 -83.69 -2.54
N TYR A 930 2.38 -82.62 -2.81
CA TYR A 930 2.62 -81.36 -2.09
C TYR A 930 1.37 -80.73 -1.51
N ASN A 931 1.55 -79.99 -0.42
CA ASN A 931 0.45 -79.27 0.20
C ASN A 931 0.55 -77.76 -0.02
N SER A 932 -0.61 -77.10 0.04
CA SER A 932 -0.69 -75.64 -0.04
C SER A 932 -0.16 -74.99 1.23
N HIS A 933 0.61 -73.92 1.04
CA HIS A 933 1.14 -73.17 2.17
C HIS A 933 0.94 -71.70 1.91
N ASN A 934 0.98 -70.91 2.97
CA ASN A 934 1.06 -69.48 2.82
C ASN A 934 2.50 -69.10 3.08
N VAL A 935 3.06 -68.25 2.24
CA VAL A 935 4.38 -67.72 2.53
C VAL A 935 4.18 -66.35 3.17
N TYR A 936 4.59 -66.21 4.43
CA TYR A 936 4.41 -64.95 5.15
C TYR A 936 5.58 -63.99 4.90
N ILE A 937 5.29 -62.92 4.16
CA ILE A 937 6.32 -61.97 3.78
C ILE A 937 6.30 -60.71 4.65
N MET A 938 7.47 -60.33 5.14
CA MET A 938 7.71 -59.06 5.83
C MET A 938 8.75 -58.30 5.02
N ALA A 939 9.27 -57.20 5.55
CA ALA A 939 10.33 -56.44 4.85
C ALA A 939 11.56 -56.25 5.75
N ASP A 940 12.54 -55.46 5.31
CA ASP A 940 13.77 -55.29 6.11
C ASP A 940 14.53 -53.97 5.89
N LYS A 941 15.64 -54.08 5.16
CA LYS A 941 16.59 -52.99 4.91
C LYS A 941 17.31 -52.59 6.20
N ASN A 944 17.90 -53.88 2.01
CA ASN A 944 16.84 -53.33 1.15
C ASN A 944 15.91 -54.41 0.59
N GLY A 945 15.39 -55.26 1.46
CA GLY A 945 14.59 -56.38 0.97
C GLY A 945 13.56 -56.94 1.91
N ILE A 946 13.11 -58.16 1.60
CA ILE A 946 12.06 -58.81 2.38
C ILE A 946 12.57 -60.02 3.13
N LYS A 947 11.68 -60.66 3.87
CA LYS A 947 12.03 -61.81 4.66
C LYS A 947 10.76 -62.58 4.95
N ALA A 948 10.81 -63.91 4.80
CA ALA A 948 9.61 -64.72 4.97
C ALA A 948 9.81 -65.82 6.00
N ASN A 949 8.69 -66.42 6.40
CA ASN A 949 8.68 -67.52 7.34
C ASN A 949 7.47 -68.40 7.11
N PHE A 950 7.70 -69.68 6.83
CA PHE A 950 6.60 -70.63 6.65
C PHE A 950 7.05 -72.06 6.92
N LYS A 951 6.08 -72.90 7.27
CA LYS A 951 6.31 -74.29 7.65
C LYS A 951 5.60 -75.24 6.69
N THR A 952 6.37 -76.15 6.08
CA THR A 952 5.80 -77.07 5.10
C THR A 952 5.55 -78.47 5.67
N ARG A 953 4.43 -79.06 5.26
CA ARG A 953 3.98 -80.37 5.73
C ARG A 953 4.05 -81.39 4.58
N HIS A 954 4.52 -82.60 4.88
CA HIS A 954 4.70 -83.60 3.83
C HIS A 954 3.99 -84.93 4.09
N VAL A 961 3.56 -87.41 7.77
CA VAL A 961 3.73 -86.03 7.33
C VAL A 961 4.79 -85.33 8.17
N GLN A 962 5.87 -84.91 7.51
CA GLN A 962 7.06 -84.40 8.19
C GLN A 962 7.11 -82.87 8.26
N LEU A 963 7.38 -82.35 9.46
CA LEU A 963 7.41 -80.91 9.67
C LEU A 963 8.74 -80.31 9.23
N ALA A 964 8.65 -79.15 8.60
CA ALA A 964 9.82 -78.43 8.12
C ALA A 964 9.54 -76.92 8.11
N ASP A 965 10.36 -76.18 8.84
CA ASP A 965 10.26 -74.73 8.94
C ASP A 965 11.25 -74.00 8.04
N HIS A 966 10.80 -72.96 7.35
CA HIS A 966 11.65 -72.19 6.45
C HIS A 966 11.96 -70.78 7.00
N TYR A 967 13.20 -70.36 6.84
CA TYR A 967 13.62 -69.03 7.24
C TYR A 967 14.23 -68.34 6.03
N GLN A 968 13.38 -67.61 5.30
CA GLN A 968 13.75 -67.05 4.01
C GLN A 968 14.09 -65.56 4.05
N GLN A 969 15.17 -65.20 3.39
CA GLN A 969 15.60 -63.81 3.28
C GLN A 969 15.90 -63.50 1.82
N ASN A 970 15.33 -62.42 1.31
CA ASN A 970 15.62 -61.98 -0.05
C ASN A 970 16.26 -60.60 0.00
N THR A 971 17.16 -60.34 -0.95
CA THR A 971 17.94 -59.10 -0.98
C THR A 971 18.32 -58.77 -2.42
N PRO A 972 18.10 -57.53 -2.85
CA PRO A 972 18.39 -57.24 -4.25
C PRO A 972 19.87 -57.40 -4.57
N ILE A 973 20.18 -57.41 -5.87
CA ILE A 973 21.55 -57.61 -6.33
C ILE A 973 21.99 -56.33 -7.06
N GLY A 974 21.03 -55.62 -7.61
CA GLY A 974 21.31 -54.34 -8.23
C GLY A 974 21.24 -53.22 -7.21
N ASN A 975 22.26 -52.37 -7.19
CA ASN A 975 22.27 -51.19 -6.32
C ASN A 975 21.28 -50.15 -6.83
N GLY A 976 19.99 -50.50 -6.81
CA GLY A 976 18.90 -49.67 -7.30
C GLY A 976 17.63 -49.93 -6.52
N PRO A 977 16.60 -49.07 -6.71
CA PRO A 977 15.35 -49.05 -5.92
C PRO A 977 14.41 -50.24 -6.16
N VAL A 978 13.94 -50.84 -5.07
CA VAL A 978 12.91 -51.90 -5.13
C VAL A 978 11.75 -51.60 -4.19
N LEU A 979 10.61 -52.23 -4.46
CA LEU A 979 9.39 -52.03 -3.69
C LEU A 979 9.30 -52.90 -2.45
N LEU A 980 9.51 -52.33 -1.26
CA LEU A 980 9.31 -53.13 -0.04
C LEU A 980 7.83 -53.11 0.28
N PRO A 981 7.23 -54.29 0.47
CA PRO A 981 5.79 -54.48 0.57
C PRO A 981 5.26 -54.43 2.00
N ASP A 982 3.97 -54.18 2.15
CA ASP A 982 3.31 -54.33 3.44
C ASP A 982 3.12 -55.82 3.72
N ASN A 983 3.04 -56.18 5.00
CA ASN A 983 2.82 -57.57 5.42
C ASN A 983 1.71 -58.25 4.61
N HIS A 984 2.09 -59.25 3.82
CA HIS A 984 1.13 -60.01 3.04
C HIS A 984 1.66 -61.44 2.87
N TYR A 985 0.85 -62.29 2.24
CA TYR A 985 1.23 -63.69 2.07
C TYR A 985 0.98 -64.18 0.65
N LEU A 986 1.76 -65.17 0.23
CA LEU A 986 1.57 -65.81 -1.06
C LEU A 986 0.87 -67.15 -0.89
N SER A 987 -0.22 -67.34 -1.63
CA SER A 987 -0.90 -68.63 -1.60
C SER A 987 -0.39 -69.46 -2.75
N THR A 988 0.20 -70.61 -2.43
CA THR A 988 0.88 -71.42 -3.42
C THR A 988 0.31 -72.81 -3.52
N GLN A 989 0.20 -73.29 -4.74
CA GLN A 989 -0.24 -74.64 -4.98
C GLN A 989 0.73 -75.32 -5.94
N SER A 990 1.08 -76.57 -5.62
CA SER A 990 2.10 -77.31 -6.37
C SER A 990 1.63 -78.71 -6.77
N ALA A 991 1.81 -79.05 -8.05
CA ALA A 991 1.32 -80.31 -8.60
C ALA A 991 2.44 -81.22 -9.19
N LEU A 992 2.84 -82.23 -8.42
CA LEU A 992 3.93 -83.14 -8.80
C LEU A 992 3.49 -84.30 -9.70
N SER A 993 4.10 -84.40 -10.88
CA SER A 993 3.80 -85.49 -11.79
C SER A 993 5.08 -86.11 -12.39
N LYS A 994 4.87 -87.08 -13.26
CA LYS A 994 5.96 -87.80 -13.90
C LYS A 994 5.70 -87.83 -15.40
N ASP A 995 6.77 -87.66 -16.18
CA ASP A 995 6.69 -87.81 -17.64
C ASP A 995 6.97 -89.27 -18.03
N PRO A 996 5.90 -90.09 -18.18
CA PRO A 996 6.13 -91.50 -18.52
C PRO A 996 6.78 -91.67 -19.89
N ASN A 997 8.11 -91.58 -19.91
CA ASN A 997 8.95 -91.72 -21.09
C ASN A 997 10.34 -91.23 -20.72
N GLU A 998 10.54 -91.01 -19.43
CA GLU A 998 11.77 -90.41 -18.96
C GLU A 998 12.67 -91.41 -18.26
N LYS A 999 13.77 -91.75 -18.92
CA LYS A 999 14.74 -92.67 -18.35
C LYS A 999 15.36 -92.11 -17.07
N ARG A 1000 15.85 -90.87 -17.11
CA ARG A 1000 16.52 -90.28 -15.94
C ARG A 1000 15.53 -90.02 -14.83
N ASP A 1001 16.04 -90.00 -13.59
CA ASP A 1001 15.22 -89.71 -12.42
C ASP A 1001 14.85 -88.22 -12.38
N HIS A 1002 13.54 -87.95 -12.34
CA HIS A 1002 13.04 -86.61 -12.64
C HIS A 1002 11.80 -86.20 -11.88
N MET A 1003 11.39 -84.94 -12.11
CA MET A 1003 10.15 -84.38 -11.59
C MET A 1003 9.57 -83.36 -12.56
N VAL A 1004 8.29 -83.55 -12.89
CA VAL A 1004 7.53 -82.55 -13.63
C VAL A 1004 6.69 -81.79 -12.62
N LEU A 1005 6.68 -80.47 -12.74
CA LEU A 1005 6.02 -79.63 -11.76
C LEU A 1005 5.08 -78.63 -12.41
N LEU A 1006 3.94 -78.43 -11.73
CA LEU A 1006 2.99 -77.38 -12.05
C LEU A 1006 2.73 -76.57 -10.78
N GLU A 1007 2.99 -75.27 -10.81
CA GLU A 1007 2.75 -74.47 -9.62
C GLU A 1007 1.84 -73.29 -9.95
N PHE A 1008 0.81 -73.08 -9.13
CA PHE A 1008 -0.06 -71.90 -9.24
C PHE A 1008 0.10 -71.01 -8.00
N VAL A 1009 0.59 -69.79 -8.19
CA VAL A 1009 0.83 -68.87 -7.08
C VAL A 1009 0.16 -67.50 -7.27
N THR A 1010 -0.56 -67.07 -6.23
CA THR A 1010 -1.23 -65.78 -6.22
C THR A 1010 -1.07 -65.15 -4.84
N ALA A 1011 -0.89 -63.83 -4.80
CA ALA A 1011 -0.70 -63.13 -3.52
C ALA A 1011 -2.05 -62.72 -2.94
N ALA A 1012 -2.08 -62.46 -1.63
CA ALA A 1012 -3.30 -62.10 -0.93
C ALA A 1012 -2.99 -61.31 0.35
N GLY B 2 23.82 43.56 0.50
CA GLY B 2 24.37 44.65 -0.28
C GLY B 2 25.55 44.13 -1.06
N ASP B 3 25.81 44.72 -2.22
CA ASP B 3 26.92 44.24 -3.06
C ASP B 3 28.28 44.21 -2.34
N SER B 4 28.46 45.11 -1.37
CA SER B 4 29.77 45.22 -0.74
C SER B 4 30.02 44.04 0.19
N GLU B 5 28.97 43.57 0.86
CA GLU B 5 29.05 42.37 1.72
C GLU B 5 29.57 41.13 1.00
N MET B 6 29.43 41.10 -0.31
CA MET B 6 29.81 39.94 -1.10
C MET B 6 31.25 40.02 -1.57
N ALA B 7 31.81 41.23 -1.54
CA ALA B 7 33.21 41.48 -1.90
C ALA B 7 34.12 40.47 -1.26
N VAL B 8 33.84 40.17 0.00
CA VAL B 8 34.73 39.29 0.74
C VAL B 8 34.80 37.86 0.15
N PHE B 9 33.94 37.51 -0.81
CA PHE B 9 33.95 36.15 -1.37
C PHE B 9 34.73 36.08 -2.67
N GLY B 10 35.19 37.23 -3.13
CA GLY B 10 35.92 37.29 -4.38
C GLY B 10 35.26 36.66 -5.59
N ALA B 11 35.98 35.77 -6.27
CA ALA B 11 35.51 35.25 -7.53
C ALA B 11 34.32 34.30 -7.33
N ALA B 12 34.10 33.88 -6.09
CA ALA B 12 33.01 32.97 -5.73
C ALA B 12 31.67 33.67 -5.67
N ALA B 13 31.69 34.99 -5.58
CA ALA B 13 30.45 35.70 -5.29
C ALA B 13 29.27 35.35 -6.23
N PRO B 14 29.47 35.41 -7.58
CA PRO B 14 28.34 35.10 -8.47
C PRO B 14 27.77 33.69 -8.30
N TYR B 15 28.56 32.79 -7.73
CA TYR B 15 28.13 31.44 -7.50
C TYR B 15 27.52 31.21 -6.11
N LEU B 16 27.31 32.27 -5.34
CA LEU B 16 26.78 32.11 -3.99
C LEU B 16 25.58 33.04 -3.72
N ARG B 17 25.58 34.20 -4.37
CA ARG B 17 24.47 35.13 -4.23
C ARG B 17 24.57 36.17 -5.34
N LYS B 18 23.44 36.49 -5.96
CA LYS B 18 23.48 37.42 -7.10
C LYS B 18 23.53 38.87 -6.62
N SER B 19 23.97 39.76 -7.50
CA SER B 19 24.10 41.17 -7.15
C SER B 19 22.74 41.79 -6.89
N GLU B 20 22.70 42.89 -6.15
CA GLU B 20 21.42 43.52 -5.87
C GLU B 20 20.77 44.06 -7.15
N LYS B 21 21.56 44.35 -8.19
CA LYS B 21 21.00 44.71 -9.49
C LYS B 21 20.16 43.56 -10.06
N GLU B 22 20.81 42.40 -10.25
CA GLU B 22 20.14 41.18 -10.66
C GLU B 22 18.93 40.90 -9.79
N ARG B 23 19.17 40.86 -8.49
CA ARG B 23 18.15 40.51 -7.52
C ARG B 23 16.95 41.45 -7.52
N LEU B 24 17.19 42.74 -7.75
CA LEU B 24 16.11 43.74 -7.82
C LEU B 24 15.19 43.46 -9.01
N GLU B 25 15.78 43.29 -10.20
CA GLU B 25 15.02 43.03 -11.41
C GLU B 25 14.10 41.80 -11.26
N ALA B 26 14.70 40.66 -10.95
CA ALA B 26 13.97 39.41 -10.76
C ALA B 26 12.82 39.54 -9.77
N GLN B 27 12.94 40.42 -8.77
CA GLN B 27 11.87 40.53 -7.80
C GLN B 27 10.90 41.65 -8.15
N THR B 28 11.09 42.30 -9.29
CA THR B 28 10.12 43.28 -9.77
C THR B 28 9.56 42.93 -11.15
N ARG B 29 9.84 41.73 -11.62
CA ARG B 29 9.32 41.26 -12.92
C ARG B 29 7.79 41.15 -12.89
N PRO B 30 7.16 41.12 -14.07
CA PRO B 30 5.70 41.02 -14.13
C PRO B 30 5.13 39.72 -13.54
N PHE B 31 4.12 39.84 -12.68
CA PHE B 31 3.54 38.68 -12.01
C PHE B 31 2.08 38.91 -11.65
N ASP B 32 1.27 37.90 -11.99
CA ASP B 32 -0.15 37.91 -11.63
C ASP B 32 -0.49 36.62 -10.91
N LEU B 33 -0.81 36.75 -9.62
CA LEU B 33 -1.11 35.59 -8.78
C LEU B 33 -2.21 34.72 -9.37
N LYS B 34 -3.11 35.36 -10.12
CA LYS B 34 -4.24 34.67 -10.70
C LYS B 34 -3.82 33.89 -11.95
N LYS B 35 -2.84 34.37 -12.69
CA LYS B 35 -2.47 33.73 -13.94
C LYS B 35 -1.22 32.85 -13.88
N ASP B 36 -0.24 33.21 -13.07
CA ASP B 36 1.07 32.53 -13.12
C ASP B 36 1.15 31.38 -12.14
N VAL B 37 1.07 30.16 -12.66
CA VAL B 37 0.85 29.00 -11.81
C VAL B 37 1.72 27.81 -12.19
N PHE B 38 1.58 26.72 -11.45
CA PHE B 38 2.09 25.43 -11.89
C PHE B 38 0.94 24.56 -12.32
N VAL B 39 1.14 23.78 -13.38
CA VAL B 39 0.17 22.76 -13.76
C VAL B 39 0.90 21.42 -13.95
N PRO B 40 0.17 20.31 -13.78
CA PRO B 40 0.81 19.00 -14.01
C PRO B 40 1.24 18.83 -15.47
N ASP B 41 2.15 17.89 -15.70
CA ASP B 41 2.70 17.68 -17.03
C ASP B 41 3.07 16.22 -17.13
N ASP B 42 2.96 15.67 -18.34
CA ASP B 42 3.21 14.25 -18.58
C ASP B 42 4.70 13.91 -18.48
N LYS B 43 5.54 14.64 -19.22
CA LYS B 43 6.96 14.32 -19.30
C LYS B 43 7.77 15.00 -18.19
N GLN B 44 7.21 16.05 -17.59
CA GLN B 44 7.99 16.81 -16.59
C GLN B 44 7.37 16.88 -15.19
N GLU B 45 6.26 16.17 -14.98
CA GLU B 45 5.51 16.17 -13.71
C GLU B 45 4.82 17.52 -13.36
N PHE B 46 5.57 18.60 -13.30
CA PHE B 46 4.99 19.93 -13.13
C PHE B 46 5.75 20.88 -14.03
N VAL B 47 5.08 21.92 -14.52
CA VAL B 47 5.71 22.96 -15.32
C VAL B 47 5.06 24.28 -14.96
N LYS B 48 5.73 25.40 -15.22
CA LYS B 48 5.08 26.68 -15.02
C LYS B 48 4.09 26.88 -16.15
N ALA B 49 3.12 27.74 -15.93
CA ALA B 49 2.11 27.97 -16.96
C ALA B 49 1.38 29.25 -16.68
N LYS B 50 0.84 29.84 -17.73
CA LYS B 50 0.03 31.05 -17.58
C LYS B 50 -1.38 30.74 -18.01
N ILE B 51 -2.33 30.99 -17.12
CA ILE B 51 -3.75 30.72 -17.40
C ILE B 51 -4.28 31.67 -18.49
N VAL B 52 -5.00 31.12 -19.47
CA VAL B 52 -5.58 31.95 -20.53
C VAL B 52 -7.09 32.09 -20.37
N SER B 53 -7.78 30.99 -20.12
CA SER B 53 -9.22 31.07 -19.96
C SER B 53 -9.68 30.06 -18.94
N ARG B 54 -10.96 30.09 -18.61
CA ARG B 54 -11.44 29.26 -17.53
C ARG B 54 -12.95 28.94 -17.67
N GLU B 55 -13.29 28.24 -18.75
CA GLU B 55 -14.67 27.77 -18.94
C GLU B 55 -14.94 26.57 -18.02
N GLY B 56 -16.13 26.53 -17.44
CA GLY B 56 -16.51 25.44 -16.56
C GLY B 56 -15.56 25.41 -15.37
N GLY B 57 -15.52 24.28 -14.67
CA GLY B 57 -14.63 24.12 -13.53
C GLY B 57 -13.28 23.60 -13.95
N LYS B 58 -12.94 23.81 -15.23
CA LYS B 58 -11.63 23.49 -15.76
C LYS B 58 -10.88 24.79 -16.13
N VAL B 59 -9.57 24.68 -16.30
CA VAL B 59 -8.70 25.81 -16.64
C VAL B 59 -7.88 25.51 -17.90
N THR B 60 -7.68 26.52 -18.74
CA THR B 60 -6.75 26.41 -19.86
C THR B 60 -5.52 27.32 -19.66
N ALA B 61 -4.35 26.86 -20.07
CA ALA B 61 -3.10 27.57 -19.84
C ALA B 61 -2.09 27.25 -20.92
N GLU B 62 -1.08 28.11 -21.08
CA GLU B 62 0.04 27.80 -21.96
C GLU B 62 1.32 27.59 -21.13
N THR B 63 1.82 26.36 -21.20
CA THR B 63 3.08 25.95 -20.63
C THR B 63 4.26 26.86 -20.99
N GLU B 64 5.23 26.95 -20.09
CA GLU B 64 6.47 27.70 -20.30
C GLU B 64 7.25 27.24 -21.54
N TYR B 65 6.96 26.03 -22.02
CA TYR B 65 7.52 25.48 -23.26
C TYR B 65 6.66 25.78 -24.47
N GLY B 66 5.53 26.46 -24.25
CA GLY B 66 4.64 26.85 -25.33
C GLY B 66 3.44 25.94 -25.59
N LYS B 67 3.31 24.84 -24.85
CA LYS B 67 2.16 23.93 -25.03
C LYS B 67 0.88 24.40 -24.30
N THR B 68 -0.23 24.52 -25.02
CA THR B 68 -1.52 24.85 -24.42
C THR B 68 -2.14 23.58 -23.87
N VAL B 69 -2.66 23.65 -22.63
CA VAL B 69 -3.24 22.48 -21.95
C VAL B 69 -4.54 22.82 -21.25
N THR B 70 -5.32 21.79 -20.91
CA THR B 70 -6.48 22.00 -20.08
C THR B 70 -6.38 21.07 -18.89
N VAL B 71 -6.81 21.55 -17.74
CA VAL B 71 -6.64 20.80 -16.52
C VAL B 71 -7.70 21.29 -15.57
N LYS B 72 -8.02 20.48 -14.57
CA LYS B 72 -9.04 20.86 -13.60
C LYS B 72 -8.51 22.01 -12.72
N GLU B 73 -9.40 22.89 -12.30
CA GLU B 73 -9.04 24.00 -11.42
C GLU B 73 -8.31 23.52 -10.16
N ASP B 74 -8.74 22.38 -9.60
CA ASP B 74 -8.18 21.91 -8.35
C ASP B 74 -6.79 21.28 -8.48
N GLN B 75 -6.28 21.17 -9.70
CA GLN B 75 -4.93 20.68 -9.95
C GLN B 75 -3.90 21.80 -10.22
N VAL B 76 -4.34 23.04 -10.04
CA VAL B 76 -3.52 24.21 -10.30
C VAL B 76 -2.90 24.64 -8.97
N MET B 77 -1.63 25.01 -8.98
CA MET B 77 -1.00 25.49 -7.75
C MET B 77 -0.42 26.86 -7.98
N GLN B 78 -0.45 27.70 -6.95
CA GLN B 78 0.15 29.03 -7.10
C GLN B 78 1.66 28.96 -7.16
N GLN B 79 2.24 29.85 -7.95
CA GLN B 79 3.65 30.22 -7.89
C GLN B 79 3.93 31.15 -6.72
N ASN B 80 5.10 31.03 -6.12
CA ASN B 80 5.52 32.06 -5.18
C ASN B 80 5.77 33.36 -5.97
N PRO B 81 5.33 34.50 -5.44
CA PRO B 81 5.57 35.81 -6.07
C PRO B 81 7.05 36.15 -6.12
N PRO B 82 7.44 37.06 -7.03
CA PRO B 82 8.83 37.42 -7.35
C PRO B 82 9.75 37.84 -6.20
N LYS B 83 9.26 38.35 -5.08
CA LYS B 83 10.17 38.66 -3.99
C LYS B 83 10.90 37.40 -3.50
N PHE B 84 10.32 36.24 -3.80
CA PHE B 84 10.82 34.96 -3.30
C PHE B 84 11.74 34.27 -4.29
N ASP B 85 12.05 34.97 -5.36
CA ASP B 85 12.85 34.40 -6.41
C ASP B 85 14.23 33.94 -5.90
N LYS B 86 14.66 32.75 -6.31
CA LYS B 86 15.95 32.17 -5.90
C LYS B 86 16.26 32.41 -4.40
N ILE B 87 15.27 32.22 -3.56
CA ILE B 87 15.48 32.45 -2.14
C ILE B 87 16.52 31.48 -1.51
N GLU B 88 17.20 31.94 -0.46
CA GLU B 88 18.29 31.16 0.12
C GLU B 88 17.81 30.14 1.15
N ASP B 89 16.74 30.45 1.85
CA ASP B 89 16.11 29.48 2.75
C ASP B 89 14.66 29.26 2.32
N MET B 90 14.38 28.07 1.81
CA MET B 90 13.04 27.80 1.28
C MET B 90 11.98 27.75 2.37
N ALA B 91 12.40 27.71 3.63
CA ALA B 91 11.45 27.83 4.72
C ALA B 91 10.72 29.18 4.70
N MET B 92 11.24 30.15 3.95
CA MET B 92 10.63 31.47 3.91
C MET B 92 9.59 31.55 2.81
N LEU B 93 9.48 30.51 1.99
CA LEU B 93 8.51 30.55 0.91
C LEU B 93 7.10 30.56 1.47
N THR B 94 6.19 31.25 0.79
CA THR B 94 4.79 31.24 1.20
C THR B 94 4.13 29.93 0.86
N PHE B 95 4.29 29.58 -0.40
CA PHE B 95 3.84 28.31 -0.92
C PHE B 95 4.99 27.29 -0.94
N LEU B 96 4.78 26.17 -0.25
CA LEU B 96 5.77 25.13 -0.12
C LEU B 96 5.25 23.79 -0.63
N HIS B 97 4.56 23.80 -1.75
CA HIS B 97 4.15 22.55 -2.31
C HIS B 97 5.33 22.04 -3.13
N GLU B 98 5.19 20.86 -3.73
CA GLU B 98 6.31 20.24 -4.40
C GLU B 98 6.87 21.11 -5.53
N PRO B 99 6.00 21.64 -6.41
CA PRO B 99 6.66 22.41 -7.48
C PRO B 99 7.33 23.69 -7.04
N ALA B 100 6.91 24.33 -5.95
CA ALA B 100 7.54 25.58 -5.51
C ALA B 100 8.96 25.31 -5.06
N VAL B 101 9.12 24.22 -4.33
CA VAL B 101 10.43 23.76 -3.87
C VAL B 101 11.32 23.42 -5.05
N LEU B 102 10.81 22.59 -5.97
CA LEU B 102 11.59 22.21 -7.15
C LEU B 102 12.01 23.45 -7.91
N TYR B 103 11.11 24.41 -8.06
CA TYR B 103 11.45 25.53 -8.94
C TYR B 103 12.33 26.54 -8.24
N ASN B 104 12.32 26.58 -6.93
CA ASN B 104 13.33 27.39 -6.28
C ASN B 104 14.73 26.82 -6.49
N LEU B 105 14.88 25.51 -6.26
CA LEU B 105 16.11 24.79 -6.56
C LEU B 105 16.50 24.96 -8.00
N LYS B 106 15.55 24.74 -8.91
CA LYS B 106 15.86 24.68 -10.35
C LYS B 106 16.34 26.02 -10.85
N ASP B 107 15.67 27.08 -10.39
CA ASP B 107 16.05 28.43 -10.75
C ASP B 107 17.45 28.79 -10.20
N ARG B 108 17.74 28.40 -8.97
CA ARG B 108 19.05 28.70 -8.40
C ARG B 108 20.15 27.99 -9.17
N TYR B 109 19.90 26.73 -9.45
CA TYR B 109 20.88 25.92 -10.13
C TYR B 109 21.16 26.42 -11.52
N GLY B 110 20.12 26.91 -12.20
CA GLY B 110 20.29 27.48 -13.52
C GLY B 110 21.09 28.77 -13.49
N SER B 111 21.15 29.43 -12.33
CA SER B 111 22.04 30.57 -12.13
C SER B 111 23.32 30.20 -11.39
N TRP B 112 23.74 28.94 -11.50
CA TRP B 112 25.04 28.48 -10.99
C TRP B 112 25.22 28.52 -9.47
N MET B 113 24.10 28.70 -8.78
CA MET B 113 24.07 28.57 -7.35
C MET B 113 23.65 27.17 -6.94
N ILE B 114 24.60 26.35 -6.51
CA ILE B 114 24.26 24.96 -6.26
C ILE B 114 23.81 24.72 -4.81
N TYR B 115 23.87 25.72 -3.95
CA TYR B 115 23.55 25.51 -2.53
C TYR B 115 22.28 26.23 -2.12
N THR B 116 21.49 25.58 -1.26
CA THR B 116 20.21 26.14 -0.87
C THR B 116 19.85 25.57 0.49
N TYR B 117 19.33 26.40 1.38
CA TYR B 117 18.81 25.88 2.65
C TYR B 117 17.31 25.60 2.52
N SER B 118 16.88 24.57 3.24
CA SER B 118 15.48 24.29 3.45
C SER B 118 15.26 23.92 4.93
N GLY B 119 14.91 24.90 5.75
CA GLY B 119 14.89 24.68 7.19
C GLY B 119 16.28 24.25 7.63
N LEU B 120 16.39 23.18 8.40
CA LEU B 120 17.69 22.70 8.83
C LEU B 120 18.56 22.16 7.72
N PHE B 121 17.95 21.76 6.61
CA PHE B 121 18.69 21.09 5.53
C PHE B 121 19.57 22.05 4.76
N CYS B 122 20.78 21.59 4.43
CA CYS B 122 21.58 22.21 3.38
C CYS B 122 21.49 21.38 2.12
N VAL B 123 20.94 21.95 1.06
CA VAL B 123 20.73 21.18 -0.17
C VAL B 123 21.77 21.51 -1.22
N THR B 124 22.41 20.48 -1.74
CA THR B 124 23.49 20.64 -2.72
C THR B 124 23.20 19.99 -4.06
N VAL B 125 23.18 20.73 -5.14
CA VAL B 125 23.02 20.07 -6.43
C VAL B 125 24.40 19.87 -7.11
N ASN B 126 24.73 18.63 -7.46
CA ASN B 126 25.93 18.34 -8.23
C ASN B 126 26.05 19.20 -9.49
N PRO B 127 27.12 20.03 -9.58
CA PRO B 127 27.26 21.02 -10.65
C PRO B 127 27.87 20.47 -11.94
N TYR B 128 28.62 19.40 -11.85
CA TYR B 128 29.27 18.84 -13.04
C TYR B 128 30.18 19.86 -13.74
N LYS B 129 30.90 20.64 -12.95
CA LYS B 129 31.66 21.76 -13.45
C LYS B 129 32.47 22.29 -12.29
N TRP B 130 33.69 22.73 -12.57
CA TRP B 130 34.54 23.29 -11.56
C TRP B 130 33.98 24.65 -11.18
N LEU B 131 33.85 24.87 -9.88
CA LEU B 131 33.34 26.14 -9.35
C LEU B 131 34.37 26.70 -8.40
N PRO B 132 34.57 28.03 -8.41
CA PRO B 132 35.58 28.69 -7.60
C PRO B 132 35.08 29.04 -6.21
N VAL B 133 34.25 28.19 -5.65
CA VAL B 133 33.72 28.49 -4.34
C VAL B 133 34.41 27.71 -3.21
N TYR B 134 35.50 27.00 -3.49
CA TYR B 134 36.19 26.24 -2.43
C TYR B 134 37.64 26.68 -2.15
N THR B 135 37.95 27.94 -2.41
CA THR B 135 39.30 28.47 -2.25
C THR B 135 39.57 28.92 -0.81
N PRO B 136 40.86 29.17 -0.47
CA PRO B 136 41.15 29.65 0.88
C PRO B 136 40.42 30.93 1.19
N GLU B 137 40.21 31.75 0.19
CA GLU B 137 39.58 33.04 0.43
C GLU B 137 38.14 32.83 0.89
N VAL B 138 37.49 31.81 0.33
CA VAL B 138 36.15 31.51 0.73
C VAL B 138 36.14 30.84 2.12
N VAL B 139 37.10 29.94 2.41
CA VAL B 139 37.21 29.40 3.78
C VAL B 139 37.29 30.55 4.79
N ALA B 140 38.22 31.47 4.55
CA ALA B 140 38.38 32.65 5.41
C ALA B 140 37.08 33.40 5.52
N ALA B 141 36.36 33.54 4.42
CA ALA B 141 35.10 34.30 4.50
C ALA B 141 33.95 33.59 5.27
N TYR B 142 34.08 32.28 5.56
CA TYR B 142 33.01 31.58 6.31
C TYR B 142 33.34 31.36 7.77
N ARG B 143 34.58 31.72 8.17
CA ARG B 143 35.04 31.48 9.53
C ARG B 143 34.20 32.31 10.49
N GLY B 144 33.62 31.68 11.50
CA GLY B 144 32.86 32.38 12.54
C GLY B 144 31.51 32.98 12.20
N LYS B 145 31.00 32.75 11.00
CA LYS B 145 29.70 33.29 10.65
C LYS B 145 28.52 32.36 10.96
N LYS B 146 27.46 32.90 11.55
CA LYS B 146 26.23 32.14 11.69
C LYS B 146 25.67 31.88 10.29
N ARG B 147 24.85 30.84 10.15
CA ARG B 147 24.30 30.51 8.83
C ARG B 147 23.63 31.69 8.13
N SER B 148 22.87 32.46 8.88
CA SER B 148 22.20 33.59 8.28
C SER B 148 23.12 34.74 7.85
N GLU B 149 24.41 34.72 8.24
CA GLU B 149 25.28 35.86 7.94
C GLU B 149 26.04 35.70 6.63
N ALA B 150 25.74 34.65 5.88
CA ALA B 150 26.43 34.41 4.61
C ALA B 150 25.52 33.64 3.68
N PRO B 151 25.82 33.65 2.36
CA PRO B 151 25.07 32.78 1.43
C PRO B 151 25.17 31.28 1.80
N PRO B 152 24.24 30.45 1.29
CA PRO B 152 24.35 29.02 1.55
C PRO B 152 25.66 28.47 1.05
N HIS B 153 26.24 27.51 1.77
CA HIS B 153 27.48 26.89 1.38
C HIS B 153 27.65 25.73 2.31
N ILE B 154 28.26 24.66 1.84
CA ILE B 154 28.60 23.54 2.71
C ILE B 154 29.61 23.94 3.82
N PHE B 155 30.45 24.96 3.57
CA PHE B 155 31.39 25.44 4.59
C PHE B 155 30.61 25.98 5.77
N SER B 156 29.43 26.53 5.52
CA SER B 156 28.67 27.05 6.66
C SER B 156 28.32 25.94 7.66
N ILE B 157 27.96 24.79 7.12
CA ILE B 157 27.62 23.61 7.90
C ILE B 157 28.82 23.10 8.72
N SER B 158 29.95 22.91 8.07
CA SER B 158 31.11 22.46 8.82
C SER B 158 31.59 23.50 9.83
N ASP B 159 31.60 24.78 9.45
CA ASP B 159 32.15 25.79 10.35
C ASP B 159 31.27 25.93 11.58
N ASN B 160 29.94 25.92 11.36
CA ASN B 160 29.01 25.97 12.48
C ASN B 160 29.07 24.72 13.32
N ALA B 161 29.32 23.58 12.69
CA ALA B 161 29.42 22.35 13.48
C ALA B 161 30.65 22.47 14.42
N TYR B 162 31.78 22.91 13.88
CA TYR B 162 32.96 23.15 14.70
C TYR B 162 32.73 24.21 15.79
N GLN B 163 32.21 25.39 15.44
CA GLN B 163 31.91 26.39 16.48
C GLN B 163 30.92 25.92 17.53
N TYR B 164 29.86 25.22 17.15
CA TYR B 164 28.96 24.62 18.15
C TYR B 164 29.71 23.66 19.06
N MET B 165 30.57 22.82 18.49
CA MET B 165 31.33 21.92 19.31
C MET B 165 32.15 22.72 20.35
N LEU B 166 32.77 23.84 19.96
CA LEU B 166 33.57 24.60 20.92
C LEU B 166 32.69 25.39 21.91
N THR B 167 31.63 26.02 21.43
CA THR B 167 30.82 26.88 22.28
C THR B 167 29.91 26.10 23.22
N ASP B 168 29.23 25.07 22.70
CA ASP B 168 28.31 24.28 23.50
C ASP B 168 29.00 23.10 24.18
N ARG B 169 30.24 22.82 23.81
CA ARG B 169 30.96 21.65 24.32
C ARG B 169 30.15 20.36 24.18
N GLU B 170 29.70 20.06 22.97
CA GLU B 170 28.92 18.86 22.76
C GLU B 170 29.20 18.29 21.37
N ASN B 171 29.13 16.97 21.26
CA ASN B 171 29.37 16.31 20.00
C ASN B 171 28.44 16.80 18.89
N GLN B 172 28.87 16.67 17.64
CA GLN B 172 28.09 17.11 16.50
C GLN B 172 28.10 16.00 15.48
N SER B 173 27.12 16.00 14.59
CA SER B 173 27.20 15.10 13.47
C SER B 173 26.72 15.80 12.24
N ILE B 174 27.17 15.32 11.10
CA ILE B 174 26.77 15.87 9.83
C ILE B 174 26.30 14.68 9.03
N LEU B 175 25.04 14.72 8.62
CA LEU B 175 24.44 13.57 7.98
C LEU B 175 24.23 13.93 6.51
N ILE B 176 24.85 13.15 5.65
CA ILE B 176 24.88 13.50 4.23
C ILE B 176 24.20 12.40 3.44
N THR B 177 23.09 12.68 2.80
CA THR B 177 22.42 11.60 2.11
C THR B 177 22.35 11.94 0.64
N GLY B 178 21.98 10.95 -0.16
CA GLY B 178 21.81 11.19 -1.58
C GLY B 178 21.72 9.90 -2.37
N GLU B 179 21.28 10.01 -3.62
CA GLU B 179 21.33 8.84 -4.48
C GLU B 179 22.76 8.67 -4.93
N SER B 180 23.07 7.51 -5.50
CA SER B 180 24.38 7.32 -6.11
C SER B 180 24.63 8.38 -7.19
N GLY B 181 25.83 8.98 -7.18
CA GLY B 181 26.17 9.96 -8.19
C GLY B 181 25.70 11.35 -7.79
N ALA B 182 25.07 11.46 -6.64
CA ALA B 182 24.62 12.75 -6.18
C ALA B 182 25.76 13.63 -5.64
N GLY B 183 26.89 13.03 -5.30
CA GLY B 183 27.94 13.83 -4.73
C GLY B 183 28.15 13.71 -3.23
N LYS B 184 27.58 12.69 -2.61
CA LYS B 184 27.83 12.44 -1.19
C LYS B 184 29.33 12.29 -0.88
N THR B 185 30.07 11.58 -1.71
CA THR B 185 31.46 11.28 -1.38
C THR B 185 32.32 12.55 -1.50
N VAL B 186 32.06 13.31 -2.55
CA VAL B 186 32.74 14.59 -2.70
C VAL B 186 32.49 15.53 -1.51
N ASN B 187 31.26 15.59 -1.02
CA ASN B 187 30.89 16.49 0.06
C ASN B 187 31.48 16.06 1.40
N THR B 188 31.52 14.75 1.60
CA THR B 188 32.13 14.13 2.74
C THR B 188 33.57 14.54 2.83
N LYS B 189 34.24 14.52 1.68
CA LYS B 189 35.64 14.90 1.64
C LYS B 189 35.77 16.37 1.92
N ARG B 190 34.91 17.22 1.35
CA ARG B 190 35.01 18.66 1.60
C ARG B 190 34.88 18.99 3.06
N VAL B 191 33.91 18.35 3.71
CA VAL B 191 33.65 18.63 5.10
C VAL B 191 34.87 18.28 5.95
N ILE B 192 35.44 17.10 5.73
CA ILE B 192 36.59 16.63 6.49
C ILE B 192 37.88 17.44 6.19
N GLN B 193 38.08 17.79 4.91
CA GLN B 193 39.14 18.65 4.54
C GLN B 193 38.97 20.02 5.19
N TYR B 194 37.73 20.46 5.39
CA TYR B 194 37.50 21.77 5.99
C TYR B 194 37.95 21.73 7.45
N PHE B 195 37.72 20.61 8.13
CA PHE B 195 38.15 20.49 9.53
C PHE B 195 39.67 20.46 9.61
N ALA B 196 40.32 19.75 8.70
CA ALA B 196 41.77 19.64 8.74
C ALA B 196 42.41 21.02 8.51
N VAL B 197 41.77 21.84 7.69
CA VAL B 197 42.26 23.18 7.42
C VAL B 197 42.16 24.09 8.63
N ILE B 198 41.10 23.98 9.42
CA ILE B 198 40.87 25.01 10.47
C ILE B 198 41.06 24.54 11.92
N ALA B 199 41.10 23.23 12.13
CA ALA B 199 41.17 22.66 13.48
C ALA B 199 42.49 23.06 14.11
N ALA B 200 42.49 23.26 15.43
CA ALA B 200 43.72 23.55 16.15
C ALA B 200 44.60 22.31 16.19
N ILE B 201 45.92 22.47 16.25
CA ILE B 201 46.71 21.27 16.42
C ILE B 201 47.05 21.18 17.92
N GLY B 202 47.11 20.01 18.54
CA GLY B 202 47.15 18.68 17.96
C GLY B 202 48.44 18.19 18.61
N ASP B 203 48.64 18.68 19.84
CA ASP B 203 49.85 18.48 20.70
C ASP B 203 50.77 17.33 20.28
N ARG B 204 51.66 17.63 19.33
CA ARG B 204 52.45 16.61 18.66
C ARG B 204 53.67 16.21 19.46
N SER B 210 55.49 5.88 16.78
CA SER B 210 54.10 5.71 16.38
C SER B 210 53.99 5.36 14.89
N PRO B 211 53.13 4.38 14.55
CA PRO B 211 53.02 4.02 13.13
C PRO B 211 52.36 5.17 12.39
N GLY B 212 52.65 5.32 11.10
CA GLY B 212 52.09 6.43 10.36
C GLY B 212 53.12 7.49 10.02
N LYS B 213 52.94 8.14 8.87
CA LYS B 213 53.78 9.24 8.44
C LYS B 213 52.98 10.53 8.45
N GLY B 214 53.65 11.66 8.60
CA GLY B 214 52.94 12.92 8.57
C GLY B 214 52.12 13.22 9.82
N THR B 215 51.27 14.22 9.70
CA THR B 215 50.34 14.60 10.76
C THR B 215 49.06 13.75 10.69
N LEU B 216 48.25 13.82 11.76
CA LEU B 216 46.93 13.22 11.79
C LEU B 216 46.08 13.78 10.65
N GLU B 217 46.21 15.07 10.35
CA GLU B 217 45.52 15.66 9.20
C GLU B 217 45.90 14.95 7.89
N ASP B 218 47.18 14.64 7.69
CA ASP B 218 47.60 13.92 6.50
C ASP B 218 46.94 12.54 6.50
N GLN B 219 46.96 11.88 7.65
CA GLN B 219 46.52 10.51 7.70
C GLN B 219 44.98 10.36 7.50
N ILE B 220 44.20 11.20 8.18
CA ILE B 220 42.76 11.21 7.95
C ILE B 220 42.43 11.35 6.46
N ILE B 221 43.01 12.33 5.79
CA ILE B 221 42.73 12.54 4.37
C ILE B 221 43.25 11.37 3.54
N GLN B 222 44.35 10.75 3.98
CA GLN B 222 44.93 9.65 3.22
C GLN B 222 44.15 8.35 3.35
N ALA B 223 43.29 8.24 4.35
CA ALA B 223 42.35 7.14 4.45
C ALA B 223 41.46 7.03 3.17
N ASN B 224 41.18 8.15 2.53
CA ASN B 224 40.33 8.13 1.35
C ASN B 224 40.90 7.30 0.19
N PRO B 225 42.09 7.61 -0.30
CA PRO B 225 42.53 6.78 -1.41
C PRO B 225 42.72 5.30 -1.04
N ALA B 226 43.03 5.01 0.22
CA ALA B 226 43.04 3.62 0.70
C ALA B 226 41.67 2.91 0.61
N LEU B 227 40.65 3.44 1.26
CA LEU B 227 39.31 2.87 1.22
C LEU B 227 38.70 2.86 -0.17
N GLU B 228 39.01 3.88 -0.96
CA GLU B 228 38.38 4.02 -2.26
C GLU B 228 38.88 2.98 -3.21
N ALA B 229 40.12 2.55 -3.02
CA ALA B 229 40.63 1.48 -3.89
C ALA B 229 39.83 0.18 -3.73
N PHE B 230 39.37 -0.12 -2.51
CA PHE B 230 38.72 -1.39 -2.26
C PHE B 230 37.19 -1.23 -2.19
N GLY B 231 36.69 -0.01 -2.02
CA GLY B 231 35.27 0.17 -1.81
C GLY B 231 34.57 1.02 -2.86
N ASN B 232 35.31 1.45 -3.89
CA ASN B 232 34.75 2.33 -4.90
C ASN B 232 34.87 1.69 -6.26
N ALA B 233 33.98 2.09 -7.16
CA ALA B 233 33.85 1.41 -8.41
C ALA B 233 33.19 2.34 -9.38
N LYS B 234 33.50 2.14 -10.67
CA LYS B 234 32.78 2.86 -11.72
C LYS B 234 31.37 2.29 -11.86
N THR B 235 30.36 3.13 -11.66
CA THR B 235 28.98 2.79 -11.95
C THR B 235 28.49 3.65 -13.12
N VAL B 236 27.29 3.37 -13.62
CA VAL B 236 26.72 4.19 -14.68
C VAL B 236 26.59 5.64 -14.21
N ARG B 237 26.23 5.85 -12.96
CA ARG B 237 25.98 7.21 -12.50
C ARG B 237 27.20 7.98 -12.01
N ASN B 238 28.29 7.28 -11.74
CA ASN B 238 29.45 7.93 -11.13
C ASN B 238 30.71 7.08 -11.35
N ASP B 239 31.73 7.66 -11.97
CA ASP B 239 33.02 7.00 -12.24
C ASP B 239 33.78 6.54 -10.99
N ASN B 240 33.48 7.16 -9.86
CA ASN B 240 34.14 6.86 -8.58
C ASN B 240 33.15 6.75 -7.44
N SER B 241 32.28 5.76 -7.54
CA SER B 241 31.17 5.61 -6.64
C SER B 241 31.55 4.76 -5.45
N SER B 242 31.23 5.22 -4.24
CA SER B 242 31.39 4.41 -3.03
C SER B 242 30.28 3.36 -2.94
N ARG B 243 30.62 2.12 -2.63
CA ARG B 243 29.66 1.06 -2.53
C ARG B 243 29.59 0.57 -1.12
N PHE B 244 29.76 1.48 -0.18
CA PHE B 244 29.68 1.20 1.25
C PHE B 244 29.27 2.50 1.91
N GLY B 245 28.63 2.41 3.07
CA GLY B 245 28.31 3.61 3.81
C GLY B 245 29.43 3.81 4.79
N LYS B 246 29.57 5.01 5.31
CA LYS B 246 30.71 5.30 6.15
C LYS B 246 30.33 6.26 7.29
N PHE B 247 30.71 5.94 8.51
CA PHE B 247 30.57 6.93 9.58
C PHE B 247 31.96 7.23 10.13
N ILE B 248 32.42 8.48 10.00
CA ILE B 248 33.72 8.78 10.59
C ILE B 248 33.61 9.76 11.74
N ARG B 249 34.20 9.40 12.88
CA ARG B 249 34.20 10.35 13.98
C ARG B 249 35.56 10.99 14.06
N ILE B 250 35.56 12.32 14.03
CA ILE B 250 36.77 13.10 14.25
C ILE B 250 36.75 13.58 15.68
N HIS B 251 37.72 13.15 16.48
CA HIS B 251 37.72 13.53 17.87
C HIS B 251 38.58 14.76 18.06
N PHE B 252 38.11 15.64 18.93
CA PHE B 252 38.81 16.86 19.25
C PHE B 252 39.01 16.93 20.77
N GLY B 253 40.14 17.47 21.16
CA GLY B 253 40.48 17.72 22.54
C GLY B 253 39.98 19.12 22.87
N ALA B 254 40.60 19.69 23.89
CA ALA B 254 40.29 21.05 24.32
C ALA B 254 40.55 21.99 23.17
N THR B 255 39.71 23.01 23.07
CA THR B 255 39.85 24.13 22.14
C THR B 255 39.87 23.76 20.66
N GLY B 256 39.41 22.59 20.31
CA GLY B 256 39.33 22.28 18.89
C GLY B 256 40.54 21.56 18.38
N LYS B 257 41.33 20.95 19.26
CA LYS B 257 42.54 20.33 18.78
C LYS B 257 42.22 18.96 18.22
N LEU B 258 42.62 18.75 16.98
CA LEU B 258 42.46 17.50 16.30
C LEU B 258 43.14 16.40 17.13
N ALA B 259 42.40 15.39 17.57
CA ALA B 259 42.97 14.37 18.47
C ALA B 259 43.04 13.00 17.85
N SER B 260 41.93 12.58 17.24
CA SER B 260 41.94 11.30 16.55
C SER B 260 40.70 11.13 15.72
N ALA B 261 40.59 9.97 15.12
CA ALA B 261 39.49 9.72 14.24
C ALA B 261 39.25 8.23 14.18
N ASP B 262 38.01 7.84 13.95
CA ASP B 262 37.79 6.44 13.70
C ASP B 262 36.69 6.33 12.67
N ILE B 263 36.81 5.30 11.85
CA ILE B 263 35.88 5.04 10.78
C ILE B 263 35.10 3.75 10.99
N GLU B 264 33.79 3.83 10.80
CA GLU B 264 32.88 2.66 10.70
C GLU B 264 32.36 2.58 9.26
N THR B 265 32.30 1.37 8.70
CA THR B 265 31.76 1.20 7.35
C THR B 265 30.50 0.35 7.41
N TYR B 266 29.64 0.46 6.41
CA TYR B 266 28.38 -0.23 6.42
C TYR B 266 28.01 -0.75 5.04
N LEU B 267 27.53 -1.98 4.99
CA LEU B 267 26.81 -2.51 3.83
C LEU B 267 27.62 -2.40 2.53
N LEU B 268 28.79 -3.01 2.53
CA LEU B 268 29.61 -3.06 1.35
C LEU B 268 29.02 -4.00 0.33
N GLU B 269 28.88 -3.54 -0.90
CA GLU B 269 28.33 -4.33 -1.98
C GLU B 269 29.21 -5.50 -2.43
N LYS B 270 29.22 -6.58 -1.65
CA LYS B 270 30.02 -7.77 -1.93
C LYS B 270 29.86 -8.36 -3.32
N SER B 271 28.64 -8.29 -3.84
CA SER B 271 28.31 -8.96 -5.09
C SER B 271 29.11 -8.45 -6.28
N ARG B 272 29.51 -7.18 -6.25
CA ARG B 272 30.31 -6.58 -7.31
C ARG B 272 31.67 -7.28 -7.50
N VAL B 273 32.20 -7.83 -6.41
CA VAL B 273 33.49 -8.50 -6.42
C VAL B 273 33.55 -9.55 -7.51
N ILE B 274 32.44 -10.23 -7.74
CA ILE B 274 32.39 -11.30 -8.74
C ILE B 274 31.41 -11.06 -9.92
N PHE B 275 30.69 -9.95 -9.93
CA PHE B 275 29.73 -9.70 -11.00
C PHE B 275 29.69 -8.23 -11.41
N GLN B 276 29.57 -7.95 -12.70
CA GLN B 276 29.39 -6.56 -13.16
C GLN B 276 28.35 -6.54 -14.27
N LEU B 277 27.46 -5.54 -14.21
CA LEU B 277 26.59 -5.19 -15.34
C LEU B 277 27.48 -4.63 -16.44
N LYS B 278 26.99 -4.61 -17.67
CA LYS B 278 27.85 -4.27 -18.82
C LYS B 278 28.56 -2.90 -18.77
N ALA B 279 27.93 -1.87 -18.20
CA ALA B 279 28.58 -0.55 -18.22
C ALA B 279 29.19 -0.17 -16.87
N GLU B 280 29.55 -1.18 -16.07
CA GLU B 280 30.13 -0.94 -14.76
C GLU B 280 31.44 -1.74 -14.59
N ARG B 281 32.22 -1.37 -13.57
CA ARG B 281 33.43 -2.12 -13.20
C ARG B 281 33.31 -2.78 -11.83
N ASP B 282 34.20 -3.75 -11.61
CA ASP B 282 34.52 -4.24 -10.27
C ASP B 282 35.26 -3.09 -9.51
N TYR B 283 35.66 -3.34 -8.26
CA TYR B 283 36.38 -2.34 -7.45
C TYR B 283 37.66 -1.88 -8.11
N HIS B 284 38.00 -0.60 -7.94
CA HIS B 284 39.18 0.01 -8.55
C HIS B 284 40.45 -0.83 -8.39
N ILE B 285 40.66 -1.42 -7.21
CA ILE B 285 41.95 -2.02 -6.89
C ILE B 285 42.39 -3.03 -7.94
N PHE B 286 41.45 -3.83 -8.45
CA PHE B 286 41.81 -4.85 -9.41
C PHE B 286 42.51 -4.20 -10.64
N TYR B 287 41.94 -3.11 -11.14
CA TYR B 287 42.48 -2.51 -12.36
C TYR B 287 43.74 -1.69 -12.10
N GLN B 288 43.87 -1.21 -10.87
CA GLN B 288 45.06 -0.46 -10.44
C GLN B 288 46.25 -1.42 -10.44
N ILE B 289 46.09 -2.57 -9.81
CA ILE B 289 47.13 -3.60 -9.80
C ILE B 289 47.51 -4.05 -11.21
N LEU B 290 46.52 -4.16 -12.12
CA LEU B 290 46.74 -4.66 -13.49
C LEU B 290 47.37 -3.62 -14.39
N SER B 291 47.44 -2.38 -13.91
CA SER B 291 47.98 -1.26 -14.67
C SER B 291 49.46 -1.40 -14.96
N ASN B 292 50.11 -2.30 -14.24
CA ASN B 292 51.54 -2.56 -14.41
C ASN B 292 52.44 -1.45 -13.89
N LYS B 293 51.87 -0.46 -13.20
CA LYS B 293 52.66 0.60 -12.61
C LYS B 293 53.64 0.05 -11.59
N LYS B 294 53.32 -1.08 -10.98
CA LYS B 294 54.25 -1.79 -10.11
C LYS B 294 54.39 -3.22 -10.60
N PRO B 295 55.26 -3.45 -11.60
CA PRO B 295 55.43 -4.75 -12.28
C PRO B 295 55.72 -5.86 -11.29
N GLU B 296 56.42 -5.51 -10.20
CA GLU B 296 56.68 -6.44 -9.14
C GLU B 296 55.40 -7.06 -8.51
N LEU B 297 54.26 -6.36 -8.60
CA LEU B 297 53.00 -6.94 -8.11
C LEU B 297 52.55 -8.05 -9.04
N LEU B 298 52.74 -7.90 -10.35
CA LEU B 298 52.37 -8.94 -11.31
C LEU B 298 53.08 -10.28 -11.10
N ASP B 299 54.38 -10.23 -10.81
CA ASP B 299 55.14 -11.44 -10.50
C ASP B 299 54.72 -12.00 -9.14
N MET B 300 54.57 -11.13 -8.16
CA MET B 300 54.21 -11.60 -6.84
C MET B 300 52.84 -12.31 -6.88
N LEU B 301 51.92 -11.85 -7.73
CA LEU B 301 50.53 -12.36 -7.74
C LEU B 301 50.30 -13.43 -8.82
N LEU B 302 51.31 -13.69 -9.64
CA LEU B 302 51.25 -14.62 -10.75
C LEU B 302 50.17 -14.25 -11.74
N ILE B 303 50.10 -12.98 -12.10
CA ILE B 303 49.08 -12.54 -13.04
C ILE B 303 49.66 -11.84 -14.25
N THR B 304 48.91 -11.85 -15.34
CA THR B 304 49.22 -11.02 -16.48
C THR B 304 48.66 -9.62 -16.25
N ASN B 305 48.75 -8.76 -17.25
CA ASN B 305 48.24 -7.39 -17.15
C ASN B 305 46.96 -7.20 -17.93
N ASN B 306 46.31 -8.30 -18.26
CA ASN B 306 45.05 -8.25 -19.00
C ASN B 306 43.87 -8.60 -18.11
N PRO B 307 43.00 -7.63 -17.81
CA PRO B 307 41.85 -7.86 -16.94
C PRO B 307 40.93 -8.94 -17.52
N TYR B 308 40.87 -9.07 -18.84
CA TYR B 308 40.04 -10.09 -19.48
C TYR B 308 40.54 -11.50 -19.24
N ASP B 309 41.74 -11.67 -18.66
CA ASP B 309 42.19 -13.01 -18.26
C ASP B 309 41.53 -13.50 -16.95
N TYR B 310 40.70 -12.66 -16.33
CA TYR B 310 40.19 -12.97 -15.00
C TYR B 310 38.69 -12.78 -14.99
N ALA B 311 37.98 -13.90 -14.94
CA ALA B 311 36.51 -13.92 -15.10
C ALA B 311 35.77 -13.03 -14.08
N PHE B 312 36.21 -13.01 -12.84
CA PHE B 312 35.50 -12.21 -11.82
C PHE B 312 35.42 -10.72 -12.08
N ILE B 313 36.35 -10.15 -12.83
CA ILE B 313 36.45 -8.70 -12.93
C ILE B 313 36.26 -8.14 -14.36
N SER B 314 35.94 -8.98 -15.34
CA SER B 314 35.90 -8.51 -16.72
C SER B 314 34.55 -8.70 -17.42
N GLN B 315 33.48 -8.68 -16.64
CA GLN B 315 32.15 -8.88 -17.18
C GLN B 315 31.59 -7.59 -17.76
N GLY B 316 32.11 -6.45 -17.32
CA GLY B 316 31.66 -5.18 -17.86
C GLY B 316 32.79 -4.40 -18.48
N GLU B 317 32.95 -3.15 -18.05
CA GLU B 317 33.97 -2.28 -18.58
C GLU B 317 35.23 -2.48 -17.74
N THR B 318 36.39 -2.16 -18.31
CA THR B 318 37.63 -2.39 -17.65
C THR B 318 38.46 -1.12 -17.66
N THR B 319 38.05 -0.13 -18.45
CA THR B 319 38.72 1.18 -18.39
C THR B 319 37.76 2.34 -18.28
N VAL B 320 38.19 3.40 -17.63
CA VAL B 320 37.38 4.60 -17.51
C VAL B 320 38.21 5.82 -17.91
N ALA B 321 37.69 6.64 -18.81
CA ALA B 321 38.44 7.78 -19.31
C ALA B 321 38.91 8.72 -18.21
N SER B 322 38.08 8.95 -17.20
CA SER B 322 38.41 9.87 -16.12
C SER B 322 39.30 9.28 -15.04
N ILE B 323 39.69 8.02 -15.20
CA ILE B 323 40.50 7.40 -14.17
C ILE B 323 41.78 6.87 -14.74
N ASP B 324 42.90 7.36 -14.20
CA ASP B 324 44.24 6.85 -14.53
C ASP B 324 44.61 5.78 -13.51
N ASP B 325 44.33 4.52 -13.87
CA ASP B 325 44.57 3.41 -12.96
C ASP B 325 46.03 3.28 -12.52
N ALA B 326 46.98 3.72 -13.35
CA ALA B 326 48.40 3.68 -12.97
C ALA B 326 48.73 4.68 -11.84
N GLU B 327 48.36 5.93 -12.02
CA GLU B 327 48.60 6.90 -10.95
C GLU B 327 47.82 6.50 -9.69
N GLU B 328 46.61 5.95 -9.83
CA GLU B 328 45.78 5.67 -8.65
C GLU B 328 46.31 4.49 -7.85
N LEU B 329 46.95 3.53 -8.52
CA LEU B 329 47.71 2.53 -7.79
C LEU B 329 48.79 3.16 -6.90
N MET B 330 49.50 4.16 -7.43
CA MET B 330 50.52 4.79 -6.61
C MET B 330 49.86 5.50 -5.47
N ALA B 331 48.72 6.16 -5.73
CA ALA B 331 48.07 6.87 -4.64
C ALA B 331 47.71 5.86 -3.54
N THR B 332 47.17 4.71 -3.96
CA THR B 332 46.77 3.66 -3.03
C THR B 332 47.96 3.15 -2.26
N ASP B 333 49.03 2.81 -2.97
CA ASP B 333 50.21 2.30 -2.29
C ASP B 333 50.86 3.39 -1.39
N ASN B 334 50.86 4.65 -1.84
CA ASN B 334 51.31 5.73 -0.99
C ASN B 334 50.46 5.87 0.27
N ALA B 335 49.15 5.74 0.10
CA ALA B 335 48.26 5.94 1.24
C ALA B 335 48.53 4.86 2.30
N PHE B 336 48.85 3.65 1.87
CA PHE B 336 49.09 2.64 2.88
C PHE B 336 50.39 2.92 3.61
N ASP B 337 51.38 3.50 2.92
CA ASP B 337 52.61 3.88 3.61
C ASP B 337 52.31 5.01 4.57
N VAL B 338 51.59 6.05 4.13
CA VAL B 338 51.28 7.14 5.06
C VAL B 338 50.53 6.63 6.29
N LEU B 339 49.69 5.60 6.14
CA LEU B 339 48.90 5.09 7.25
C LEU B 339 49.60 4.03 8.07
N GLY B 340 50.90 3.83 7.82
CA GLY B 340 51.72 2.96 8.64
C GLY B 340 51.55 1.47 8.43
N PHE B 341 50.97 1.04 7.31
CA PHE B 341 50.92 -0.38 6.98
C PHE B 341 52.33 -0.88 6.66
N THR B 342 52.71 -2.01 7.24
CA THR B 342 53.98 -2.67 6.91
C THR B 342 53.95 -3.30 5.52
N SER B 343 55.12 -3.61 4.96
CA SER B 343 55.19 -4.35 3.71
C SER B 343 54.53 -5.73 3.78
N GLU B 344 54.58 -6.37 4.93
CA GLU B 344 53.95 -7.68 5.05
C GLU B 344 52.45 -7.47 4.92
N GLU B 345 51.93 -6.46 5.60
CA GLU B 345 50.53 -6.12 5.52
C GLU B 345 50.08 -5.75 4.12
N LYS B 346 50.79 -4.82 3.48
CA LYS B 346 50.47 -4.42 2.13
C LYS B 346 50.51 -5.62 1.17
N ASN B 347 51.63 -6.33 1.15
CA ASN B 347 51.77 -7.43 0.21
C ASN B 347 50.72 -8.54 0.44
N SER B 348 50.34 -8.76 1.69
CA SER B 348 49.34 -9.74 2.00
C SER B 348 47.98 -9.33 1.41
N MET B 349 47.67 -8.02 1.38
CA MET B 349 46.45 -7.53 0.77
C MET B 349 46.52 -7.66 -0.75
N TYR B 350 47.67 -7.33 -1.34
CA TYR B 350 47.87 -7.51 -2.77
C TYR B 350 47.74 -8.97 -3.19
N LYS B 351 48.33 -9.86 -2.38
CA LYS B 351 48.27 -11.28 -2.67
C LYS B 351 46.83 -11.85 -2.62
N LEU B 352 46.04 -11.47 -1.61
CA LEU B 352 44.66 -11.96 -1.51
C LEU B 352 43.80 -11.41 -2.64
N THR B 353 44.09 -10.19 -3.08
CA THR B 353 43.36 -9.62 -4.20
C THR B 353 43.70 -10.43 -5.45
N GLY B 354 44.98 -10.78 -5.60
CA GLY B 354 45.38 -11.65 -6.69
C GLY B 354 44.75 -13.04 -6.57
N ALA B 355 44.60 -13.53 -5.33
CA ALA B 355 44.03 -14.86 -5.14
C ALA B 355 42.60 -14.89 -5.65
N ILE B 356 41.85 -13.83 -5.36
CA ILE B 356 40.48 -13.73 -5.79
C ILE B 356 40.37 -13.74 -7.32
N MET B 357 41.28 -13.04 -7.99
CA MET B 357 41.29 -13.07 -9.45
C MET B 357 41.46 -14.52 -9.96
N HIS B 358 42.35 -15.29 -9.35
CA HIS B 358 42.56 -16.67 -9.81
C HIS B 358 41.39 -17.56 -9.46
N PHE B 359 40.74 -17.31 -8.33
CA PHE B 359 39.59 -18.12 -7.90
C PHE B 359 38.52 -18.24 -8.98
N GLY B 360 38.15 -17.12 -9.59
CA GLY B 360 37.06 -17.11 -10.54
C GLY B 360 37.45 -17.71 -11.86
N ASN B 361 38.69 -18.22 -11.94
CA ASN B 361 39.16 -18.87 -13.15
C ASN B 361 39.23 -20.38 -13.01
N MET B 362 39.19 -20.90 -11.79
CA MET B 362 39.14 -22.33 -11.55
C MET B 362 37.91 -22.94 -12.22
N LYS B 363 38.10 -23.94 -13.06
CA LYS B 363 36.95 -24.57 -13.71
C LYS B 363 36.69 -25.98 -13.18
N PHE B 364 35.48 -26.45 -13.40
CA PHE B 364 35.07 -27.76 -12.91
C PHE B 364 34.17 -28.46 -13.90
N LYS B 365 34.21 -29.77 -13.90
CA LYS B 365 33.30 -30.53 -14.75
C LYS B 365 32.79 -31.77 -14.01
N LEU B 366 31.80 -32.44 -14.60
CA LEU B 366 31.21 -33.60 -13.97
C LEU B 366 32.05 -34.85 -14.25
N LYS B 367 32.18 -35.71 -13.23
CA LYS B 367 32.82 -37.02 -13.41
C LYS B 367 32.19 -37.84 -14.53
N GLN B 368 32.94 -38.86 -14.96
CA GLN B 368 32.64 -39.72 -16.11
C GLN B 368 31.14 -39.97 -16.33
N ARG B 369 30.46 -40.49 -15.30
CA ARG B 369 29.04 -40.75 -15.41
C ARG B 369 28.28 -40.38 -14.15
N GLU B 370 28.93 -39.69 -13.22
CA GLU B 370 28.25 -39.24 -12.00
C GLU B 370 27.83 -37.76 -12.12
N GLU B 371 27.01 -37.28 -11.16
CA GLU B 371 26.61 -35.88 -11.10
C GLU B 371 27.44 -35.14 -10.07
N GLN B 372 28.73 -35.44 -10.05
CA GLN B 372 29.61 -34.89 -9.06
C GLN B 372 30.72 -34.10 -9.77
N ALA B 373 31.09 -32.96 -9.20
CA ALA B 373 32.11 -32.09 -9.79
C ALA B 373 33.53 -32.60 -9.54
N GLU B 374 34.39 -32.37 -10.52
CA GLU B 374 35.83 -32.57 -10.32
C GLU B 374 36.55 -31.48 -11.12
N PRO B 375 37.78 -31.14 -10.72
CA PRO B 375 38.52 -30.06 -11.38
C PRO B 375 38.69 -30.25 -12.89
N ASP B 376 38.34 -29.24 -13.68
CA ASP B 376 38.67 -29.20 -15.10
C ASP B 376 39.90 -28.32 -15.29
N GLY B 377 40.99 -28.74 -14.69
CA GLY B 377 42.25 -28.07 -14.86
C GLY B 377 42.77 -27.87 -13.47
N THR B 378 43.93 -27.23 -13.35
CA THR B 378 44.48 -27.07 -12.04
C THR B 378 45.38 -25.85 -11.88
N GLU B 379 45.75 -25.18 -12.98
CA GLU B 379 46.69 -24.04 -12.90
C GLU B 379 46.26 -23.01 -11.89
N GLU B 380 45.03 -22.54 -12.08
CA GLU B 380 44.51 -21.37 -11.37
C GLU B 380 44.25 -21.71 -9.91
N ALA B 381 43.79 -22.93 -9.64
CA ALA B 381 43.70 -23.40 -8.26
C ALA B 381 45.07 -23.47 -7.60
N ASP B 382 46.09 -23.83 -8.36
CA ASP B 382 47.42 -23.90 -7.79
C ASP B 382 47.86 -22.48 -7.44
N LYS B 383 47.63 -21.52 -8.34
CA LYS B 383 48.10 -20.16 -8.05
C LYS B 383 47.33 -19.57 -6.86
N SER B 384 46.05 -19.93 -6.73
CA SER B 384 45.22 -19.40 -5.66
C SER B 384 45.71 -19.86 -4.31
N ALA B 385 45.86 -21.18 -4.19
CA ALA B 385 46.38 -21.83 -2.99
C ALA B 385 47.78 -21.34 -2.62
N TYR B 386 48.59 -21.05 -3.63
CA TYR B 386 49.90 -20.48 -3.37
C TYR B 386 49.77 -19.10 -2.70
N LEU B 387 49.01 -18.19 -3.30
CA LEU B 387 48.87 -16.88 -2.68
C LEU B 387 48.17 -16.94 -1.32
N MET B 388 47.24 -17.88 -1.16
CA MET B 388 46.47 -17.97 0.08
C MET B 388 47.14 -18.82 1.15
N GLY B 389 48.29 -19.39 0.80
CA GLY B 389 49.00 -20.26 1.72
C GLY B 389 48.29 -21.56 2.01
N LEU B 390 47.80 -22.22 0.98
CA LEU B 390 46.97 -23.42 1.11
C LEU B 390 47.50 -24.56 0.28
N ASN B 391 47.13 -25.78 0.64
CA ASN B 391 47.38 -26.95 -0.18
C ASN B 391 46.35 -27.01 -1.27
N SER B 392 46.80 -26.93 -2.52
CA SER B 392 45.90 -26.93 -3.65
C SER B 392 45.02 -28.19 -3.71
N ALA B 393 45.57 -29.33 -3.34
CA ALA B 393 44.80 -30.58 -3.39
C ALA B 393 43.72 -30.59 -2.28
N ASP B 394 44.06 -30.11 -1.09
CA ASP B 394 43.05 -29.96 -0.05
C ASP B 394 41.96 -28.98 -0.45
N LEU B 395 42.36 -27.87 -1.04
CA LEU B 395 41.40 -26.86 -1.48
C LEU B 395 40.35 -27.46 -2.44
N LEU B 396 40.82 -28.07 -3.52
CA LEU B 396 39.91 -28.60 -4.53
C LEU B 396 39.04 -29.75 -4.00
N LYS B 397 39.57 -30.49 -3.04
CA LYS B 397 38.81 -31.59 -2.43
C LYS B 397 37.74 -31.04 -1.50
N GLY B 398 38.07 -29.95 -0.83
CA GLY B 398 37.14 -29.24 0.01
C GLY B 398 36.01 -28.68 -0.84
N LEU B 399 36.36 -28.11 -1.99
CA LEU B 399 35.33 -27.50 -2.86
C LEU B 399 34.39 -28.55 -3.40
N CYS B 400 34.95 -29.69 -3.80
CA CYS B 400 34.21 -30.77 -4.45
C CYS B 400 33.50 -31.68 -3.44
N HIS B 401 34.09 -31.88 -2.27
CA HIS B 401 33.49 -32.77 -1.29
C HIS B 401 33.49 -32.15 0.09
N PRO B 402 32.66 -31.11 0.28
CA PRO B 402 32.56 -30.44 1.59
C PRO B 402 32.10 -31.40 2.66
N ARG B 403 32.44 -31.12 3.92
CA ARG B 403 32.09 -32.02 5.02
C ARG B 403 30.97 -31.46 5.87
N VAL B 404 29.86 -32.20 5.93
CA VAL B 404 28.81 -31.93 6.92
C VAL B 404 28.43 -33.22 7.66
N THR B 412 30.22 -35.80 4.46
CA THR B 412 30.64 -35.56 3.08
C THR B 412 29.48 -35.43 2.09
N LYS B 413 29.22 -34.19 1.69
CA LYS B 413 28.22 -33.86 0.67
C LYS B 413 28.83 -33.87 -0.71
N GLY B 414 28.07 -34.32 -1.68
CA GLY B 414 28.50 -34.16 -3.05
C GLY B 414 28.21 -32.76 -3.53
N GLN B 415 28.87 -32.36 -4.60
CA GLN B 415 28.57 -31.10 -5.26
C GLN B 415 28.60 -31.33 -6.78
N ASN B 416 27.59 -30.82 -7.48
CA ASN B 416 27.68 -30.72 -8.93
C ASN B 416 28.46 -29.45 -9.29
N VAL B 417 28.56 -29.14 -10.58
CA VAL B 417 29.40 -28.02 -10.99
C VAL B 417 28.77 -26.71 -10.54
N GLN B 418 27.46 -26.62 -10.65
CA GLN B 418 26.72 -25.44 -10.22
C GLN B 418 26.97 -25.07 -8.76
N GLN B 419 26.97 -26.05 -7.88
CA GLN B 419 27.16 -25.77 -6.48
C GLN B 419 28.60 -25.31 -6.19
N VAL B 420 29.57 -25.92 -6.85
CA VAL B 420 30.96 -25.54 -6.63
C VAL B 420 31.19 -24.10 -7.11
N ILE B 421 30.72 -23.78 -8.31
CA ILE B 421 30.82 -22.43 -8.86
C ILE B 421 30.18 -21.41 -7.93
N TYR B 422 29.05 -21.80 -7.34
CA TYR B 422 28.40 -20.94 -6.35
C TYR B 422 29.30 -20.75 -5.14
N ALA B 423 29.89 -21.84 -4.67
CA ALA B 423 30.67 -21.82 -3.45
C ALA B 423 31.95 -20.98 -3.60
N THR B 424 32.57 -21.00 -4.76
CA THR B 424 33.83 -20.30 -4.93
C THR B 424 33.54 -18.83 -4.96
N GLY B 425 32.47 -18.46 -5.65
CA GLY B 425 31.97 -17.10 -5.67
C GLY B 425 31.65 -16.58 -4.28
N ALA B 426 31.11 -17.43 -3.44
CA ALA B 426 30.74 -16.99 -2.10
C ALA B 426 31.97 -16.79 -1.23
N LEU B 427 32.96 -17.66 -1.45
CA LEU B 427 34.20 -17.55 -0.71
C LEU B 427 35.00 -16.33 -1.15
N ALA B 428 34.99 -16.02 -2.45
CA ALA B 428 35.73 -14.88 -2.97
C ALA B 428 35.16 -13.63 -2.35
N LYS B 429 33.83 -13.54 -2.31
CA LYS B 429 33.16 -12.37 -1.71
C LYS B 429 33.46 -12.27 -0.23
N ALA B 430 33.51 -13.42 0.46
CA ALA B 430 33.75 -13.37 1.89
C ALA B 430 35.18 -12.91 2.21
N VAL B 431 36.19 -13.38 1.46
CA VAL B 431 37.58 -13.00 1.74
C VAL B 431 37.70 -11.50 1.56
N TYR B 432 37.21 -11.04 0.40
CA TYR B 432 37.19 -9.63 0.08
C TYR B 432 36.49 -8.77 1.14
N GLU B 433 35.34 -9.19 1.61
CA GLU B 433 34.65 -8.37 2.61
C GLU B 433 35.41 -8.30 3.93
N ARG B 434 35.90 -9.43 4.40
CA ARG B 434 36.52 -9.48 5.72
C ARG B 434 37.90 -8.80 5.58
N MET B 435 38.43 -8.72 4.36
CA MET B 435 39.67 -8.03 4.16
C MET B 435 39.46 -6.52 4.25
N PHE B 436 38.32 -6.08 3.74
CA PHE B 436 37.98 -4.68 3.75
C PHE B 436 37.79 -4.21 5.16
N ASN B 437 37.02 -4.98 5.94
CA ASN B 437 36.81 -4.64 7.36
C ASN B 437 38.11 -4.66 8.11
N TRP B 438 39.01 -5.58 7.74
CA TRP B 438 40.30 -5.69 8.42
C TRP B 438 41.14 -4.43 8.15
N MET B 439 41.20 -4.06 6.90
CA MET B 439 41.94 -2.88 6.51
C MET B 439 41.40 -1.67 7.27
N VAL B 440 40.09 -1.58 7.44
CA VAL B 440 39.52 -0.44 8.14
C VAL B 440 39.94 -0.44 9.60
N THR B 441 39.95 -1.60 10.28
CA THR B 441 40.38 -1.58 11.67
C THR B 441 41.87 -1.22 11.78
N ARG B 442 42.69 -1.60 10.80
CA ARG B 442 44.11 -1.20 10.85
C ARG B 442 44.29 0.32 10.69
N ILE B 443 43.57 0.91 9.74
CA ILE B 443 43.52 2.35 9.60
C ILE B 443 43.12 3.00 10.92
N ASN B 444 42.12 2.45 11.57
CA ASN B 444 41.64 2.99 12.85
C ASN B 444 42.75 2.91 13.92
N ALA B 445 43.59 1.88 13.85
CA ALA B 445 44.73 1.75 14.77
C ALA B 445 45.79 2.86 14.58
N THR B 446 46.02 3.28 13.34
CA THR B 446 46.90 4.40 13.03
C THR B 446 46.30 5.73 13.45
N LEU B 447 45.01 5.89 13.19
CA LEU B 447 44.32 7.14 13.50
C LEU B 447 44.01 7.24 15.00
N GLU B 448 44.26 6.15 15.73
CA GLU B 448 44.17 6.21 17.18
C GLU B 448 45.49 6.74 17.69
N THR B 449 45.45 7.98 18.15
CA THR B 449 46.62 8.77 18.49
C THR B 449 46.81 8.83 20.00
N LYS B 450 45.90 8.20 20.73
CA LYS B 450 45.91 8.23 22.20
C LYS B 450 45.93 9.66 22.78
N GLN B 451 45.85 10.67 21.93
CA GLN B 451 45.77 12.06 22.41
C GLN B 451 44.41 12.28 23.03
N PRO B 452 44.30 13.18 24.03
CA PRO B 452 43.05 13.34 24.77
C PRO B 452 41.91 13.89 23.93
N ARG B 453 40.76 13.25 24.03
CA ARG B 453 39.59 13.73 23.32
C ARG B 453 38.47 14.13 24.28
N GLN B 454 37.75 15.17 23.92
CA GLN B 454 36.60 15.57 24.71
C GLN B 454 35.32 15.49 23.91
N TYR B 455 35.40 15.71 22.59
CA TYR B 455 34.23 15.76 21.71
C TYR B 455 34.52 15.16 20.36
N PHE B 456 33.47 14.84 19.61
CA PHE B 456 33.66 14.49 18.21
C PHE B 456 32.65 15.16 17.32
N ILE B 457 32.97 15.21 16.04
CA ILE B 457 32.04 15.56 14.98
C ILE B 457 31.94 14.32 14.12
N GLY B 458 30.75 13.70 14.08
CA GLY B 458 30.63 12.48 13.32
C GLY B 458 30.11 12.84 11.95
N VAL B 459 30.79 12.38 10.92
CA VAL B 459 30.31 12.63 9.55
C VAL B 459 29.78 11.35 8.95
N LEU B 460 28.48 11.32 8.65
CA LEU B 460 27.84 10.10 8.11
C LEU B 460 27.47 10.21 6.62
N ASP B 461 27.93 9.26 5.82
CA ASP B 461 27.41 9.19 4.45
C ASP B 461 27.09 7.78 3.99
N ILE B 462 25.80 7.51 3.85
CA ILE B 462 25.27 6.21 3.47
C ILE B 462 24.34 6.53 2.30
N ALA B 463 24.13 5.56 1.43
CA ALA B 463 23.15 5.67 0.37
C ALA B 463 21.81 6.12 0.94
N GLY B 464 21.14 7.07 0.28
CA GLY B 464 19.82 7.50 0.76
C GLY B 464 18.67 6.58 0.37
N PHE B 465 17.46 6.95 0.78
CA PHE B 465 16.27 6.20 0.43
C PHE B 465 16.12 6.19 -1.08
N GLU B 466 15.99 5.01 -1.68
CA GLU B 466 15.79 4.95 -3.11
C GLU B 466 14.75 3.87 -3.50
N ILE B 467 13.93 4.17 -4.50
CA ILE B 467 12.96 3.20 -5.00
C ILE B 467 13.30 2.86 -6.43
N PHE B 468 13.59 1.58 -6.69
CA PHE B 468 13.92 1.10 -8.02
C PHE B 468 12.76 0.27 -8.54
N ASP B 469 12.85 -0.11 -9.81
CA ASP B 469 11.88 -1.02 -10.40
C ASP B 469 11.89 -2.37 -9.69
N PHE B 470 13.08 -2.78 -9.25
CA PHE B 470 13.28 -4.05 -8.57
C PHE B 470 13.97 -3.82 -7.22
N ASN B 471 13.25 -4.04 -6.11
CA ASN B 471 13.82 -3.81 -4.79
C ASN B 471 13.92 -5.11 -4.02
N SER B 472 15.12 -5.44 -3.61
CA SER B 472 15.35 -6.71 -2.98
C SER B 472 15.92 -6.46 -1.56
N PHE B 473 16.64 -7.44 -1.02
CA PHE B 473 17.11 -7.40 0.35
C PHE B 473 18.04 -6.20 0.62
N GLU B 474 18.92 -5.89 -0.33
CA GLU B 474 19.85 -4.79 -0.15
C GLU B 474 19.07 -3.50 -0.02
N GLN B 475 18.04 -3.35 -0.83
CA GLN B 475 17.24 -2.15 -0.74
C GLN B 475 16.50 -2.05 0.59
N LEU B 476 15.99 -3.18 1.07
CA LEU B 476 15.28 -3.13 2.35
C LEU B 476 16.21 -2.67 3.48
N CYS B 477 17.44 -3.18 3.49
CA CYS B 477 18.45 -2.71 4.46
C CYS B 477 18.73 -1.19 4.36
N ILE B 478 18.99 -0.67 3.15
CA ILE B 478 19.14 0.80 2.94
C ILE B 478 17.93 1.57 3.39
N ASN B 479 16.75 1.13 2.94
CA ASN B 479 15.55 1.89 3.18
C ASN B 479 15.22 1.88 4.66
N PHE B 480 15.43 0.74 5.29
CA PHE B 480 15.34 0.66 6.75
C PHE B 480 16.28 1.68 7.42
N THR B 481 17.58 1.60 7.14
CA THR B 481 18.56 2.54 7.69
C THR B 481 18.07 3.98 7.57
N ASN B 482 17.58 4.32 6.39
CA ASN B 482 17.10 5.67 6.19
C ASN B 482 15.83 5.98 6.95
N GLU B 483 15.02 4.96 7.25
CA GLU B 483 13.81 5.22 8.01
C GLU B 483 14.23 5.64 9.46
N LYS B 484 15.26 5.00 9.99
CA LYS B 484 15.80 5.38 11.30
C LYS B 484 16.45 6.78 11.30
N LEU B 485 17.15 7.11 10.23
CA LEU B 485 17.75 8.44 10.12
C LEU B 485 16.66 9.50 9.94
N GLN B 486 15.59 9.16 9.22
CA GLN B 486 14.59 10.20 8.98
C GLN B 486 13.84 10.42 10.27
N GLN B 487 13.72 9.36 11.05
CA GLN B 487 13.02 9.46 12.32
C GLN B 487 13.81 10.36 13.25
N PHE B 488 15.13 10.14 13.23
CA PHE B 488 16.08 10.95 13.93
C PHE B 488 15.94 12.45 13.64
N PHE B 489 15.87 12.79 12.37
CA PHE B 489 15.60 14.15 11.97
C PHE B 489 14.26 14.65 12.49
N ASN B 490 13.20 13.87 12.29
CA ASN B 490 11.87 14.29 12.69
C ASN B 490 11.82 14.61 14.18
N HIS B 491 12.45 13.75 14.96
CA HIS B 491 12.45 13.94 16.40
C HIS B 491 13.22 15.22 16.78
N HIS B 492 14.35 15.45 16.11
CA HIS B 492 15.16 16.66 16.35
C HIS B 492 14.35 17.91 15.96
N MET B 493 13.62 17.80 14.85
CA MET B 493 12.76 18.87 14.40
C MET B 493 11.62 19.11 15.39
N PHE B 494 11.08 18.04 15.95
CA PHE B 494 10.06 18.14 17.00
C PHE B 494 10.55 18.93 18.22
N VAL B 495 11.69 18.52 18.79
CA VAL B 495 12.26 19.25 19.92
C VAL B 495 12.49 20.75 19.66
N LEU B 496 13.04 21.08 18.50
CA LEU B 496 13.29 22.50 18.15
C LEU B 496 12.00 23.28 18.01
N GLU B 497 11.04 22.67 17.31
CA GLU B 497 9.68 23.20 17.16
C GLU B 497 9.05 23.42 18.51
N GLN B 498 9.14 22.37 19.32
CA GLN B 498 8.61 22.35 20.68
C GLN B 498 9.15 23.51 21.53
N GLU B 499 10.46 23.73 21.49
CA GLU B 499 11.04 24.85 22.23
C GLU B 499 10.62 26.20 21.67
N GLU B 500 10.57 26.34 20.35
CA GLU B 500 10.21 27.64 19.75
C GLU B 500 8.78 28.02 20.14
N TYR B 501 7.88 27.04 20.19
CA TYR B 501 6.50 27.25 20.60
C TYR B 501 6.38 27.55 22.11
N LYS B 502 7.21 26.92 22.94
CA LYS B 502 7.18 27.18 24.37
C LYS B 502 7.67 28.60 24.68
N LYS B 503 8.76 29.01 24.06
CA LYS B 503 9.31 30.34 24.27
C LYS B 503 8.31 31.41 23.84
N GLU B 504 7.56 31.14 22.78
CA GLU B 504 6.65 32.13 22.24
C GLU B 504 5.24 31.96 22.84
N GLY B 505 5.13 31.04 23.80
CA GLY B 505 3.89 30.87 24.54
C GLY B 505 2.73 30.34 23.72
N ILE B 506 3.04 29.57 22.68
CA ILE B 506 1.98 29.03 21.84
C ILE B 506 1.47 27.68 22.33
N GLU B 507 0.14 27.55 22.32
CA GLU B 507 -0.54 26.34 22.80
C GLU B 507 -0.29 25.25 21.78
N TRP B 508 0.58 24.31 22.14
CA TRP B 508 0.95 23.30 21.19
C TRP B 508 0.74 21.95 21.81
N THR B 509 0.40 20.99 20.96
CA THR B 509 -0.15 19.73 21.41
C THR B 509 0.14 18.54 20.50
N PHE B 510 1.26 18.58 19.79
CA PHE B 510 1.46 17.57 18.78
C PHE B 510 2.28 16.44 19.39
N ILE B 511 2.11 15.24 18.85
CA ILE B 511 2.91 14.11 19.24
C ILE B 511 4.26 14.15 18.49
N ASP B 512 5.34 13.70 19.15
CA ASP B 512 6.66 13.61 18.53
C ASP B 512 6.58 13.23 17.04
N PHE B 513 7.07 14.10 16.15
CA PHE B 513 7.07 13.82 14.70
C PHE B 513 7.75 12.50 14.37
N GLY B 514 8.59 12.01 15.27
CA GLY B 514 9.31 10.78 15.04
C GLY B 514 8.40 9.58 15.22
N MET B 515 7.25 9.80 15.86
CA MET B 515 6.31 8.72 16.12
C MET B 515 5.63 8.26 14.84
N ASP B 516 5.44 9.17 13.89
CA ASP B 516 4.85 8.77 12.60
C ASP B 516 5.62 7.65 11.89
N LEU B 517 6.89 7.46 12.21
CA LEU B 517 7.70 6.50 11.51
C LEU B 517 7.94 5.26 12.36
N GLN B 518 7.45 5.30 13.60
CA GLN B 518 7.71 4.19 14.49
C GLN B 518 7.04 2.87 14.00
N ALA B 519 5.86 2.99 13.38
CA ALA B 519 5.15 1.77 12.99
C ALA B 519 5.97 0.99 11.96
N CYS B 520 6.45 1.67 10.93
CA CYS B 520 7.25 1.03 9.90
C CYS B 520 8.55 0.42 10.45
N ILE B 521 9.19 1.15 11.36
CA ILE B 521 10.46 0.70 11.90
C ILE B 521 10.22 -0.55 12.72
N ASP B 522 9.19 -0.54 13.53
CA ASP B 522 8.83 -1.73 14.33
C ASP B 522 8.56 -2.96 13.46
N LEU B 523 7.77 -2.74 12.42
CA LEU B 523 7.50 -3.81 11.47
C LEU B 523 8.75 -4.46 10.93
N ILE B 524 9.77 -3.66 10.65
CA ILE B 524 11.02 -4.23 10.13
C ILE B 524 11.89 -4.82 11.23
N GLU B 525 12.01 -4.16 12.37
CA GLU B 525 13.11 -4.52 13.30
C GLU B 525 12.72 -5.26 14.59
N LYS B 526 11.46 -5.19 15.00
CA LYS B 526 11.04 -5.85 16.23
C LYS B 526 11.06 -7.39 16.12
N PRO B 527 10.98 -8.10 17.25
CA PRO B 527 10.85 -9.56 17.17
C PRO B 527 9.54 -9.97 16.45
N MET B 528 9.65 -11.00 15.62
CA MET B 528 8.61 -11.41 14.67
C MET B 528 8.31 -10.34 13.61
N GLY B 529 9.17 -9.33 13.52
CA GLY B 529 9.08 -8.38 12.43
C GLY B 529 9.71 -9.00 11.19
N ILE B 530 9.77 -8.22 10.12
CA ILE B 530 10.30 -8.73 8.87
C ILE B 530 11.72 -9.33 8.96
N MET B 531 12.67 -8.63 9.58
CA MET B 531 14.02 -9.21 9.71
C MET B 531 14.03 -10.36 10.69
N SER B 532 13.31 -10.21 11.79
CA SER B 532 13.25 -11.28 12.77
C SER B 532 12.75 -12.59 12.16
N ILE B 533 11.73 -12.49 11.32
CA ILE B 533 11.20 -13.66 10.64
C ILE B 533 12.23 -14.18 9.61
N LEU B 534 12.89 -13.27 8.91
CA LEU B 534 13.91 -13.67 7.95
C LEU B 534 15.05 -14.43 8.63
N GLU B 535 15.47 -13.94 9.79
CA GLU B 535 16.57 -14.56 10.52
C GLU B 535 16.16 -15.95 11.01
N GLU B 536 14.93 -16.08 11.50
CA GLU B 536 14.37 -17.38 11.91
C GLU B 536 14.44 -18.38 10.74
N GLU B 537 13.93 -17.96 9.58
CA GLU B 537 13.86 -18.86 8.43
C GLU B 537 15.20 -19.26 7.79
N CYS B 538 16.19 -18.38 7.72
CA CYS B 538 17.33 -18.77 6.90
C CYS B 538 18.26 -19.66 7.70
N MET B 539 18.00 -19.77 8.99
CA MET B 539 18.72 -20.74 9.79
C MET B 539 17.97 -22.09 9.81
N PHE B 540 16.83 -22.16 9.14
CA PHE B 540 16.10 -23.42 9.02
C PHE B 540 16.37 -24.09 7.65
N PRO B 541 16.97 -25.28 7.68
CA PRO B 541 17.46 -25.93 6.45
C PRO B 541 16.40 -26.16 5.37
N LYS B 542 15.17 -26.46 5.76
CA LYS B 542 14.10 -26.74 4.79
C LYS B 542 13.27 -25.52 4.41
N ALA B 543 13.58 -24.36 5.01
CA ALA B 543 12.87 -23.10 4.70
C ALA B 543 13.11 -22.73 3.27
N THR B 544 12.15 -22.04 2.64
CA THR B 544 12.21 -21.65 1.25
C THR B 544 11.67 -20.23 1.12
N ASP B 545 11.83 -19.61 -0.05
CA ASP B 545 11.33 -18.26 -0.26
C ASP B 545 9.81 -18.24 0.00
N MET B 546 9.10 -19.31 -0.36
CA MET B 546 7.65 -19.36 -0.11
C MET B 546 7.23 -19.60 1.34
N THR B 547 7.98 -20.34 2.16
CA THR B 547 7.56 -20.44 3.57
C THR B 547 7.80 -19.08 4.23
N PHE B 548 8.88 -18.40 3.84
CA PHE B 548 9.16 -17.05 4.34
C PHE B 548 8.02 -16.08 4.00
N LYS B 549 7.59 -16.05 2.75
CA LYS B 549 6.45 -15.22 2.33
C LYS B 549 5.20 -15.52 3.15
N ALA B 550 4.90 -16.81 3.38
CA ALA B 550 3.67 -17.14 4.10
C ALA B 550 3.80 -16.62 5.50
N LYS B 551 4.97 -16.78 6.06
CA LYS B 551 5.15 -16.39 7.45
C LYS B 551 5.05 -14.84 7.61
N LEU B 552 5.36 -14.08 6.54
CA LEU B 552 5.24 -12.62 6.59
C LEU B 552 3.79 -12.19 6.51
N PHE B 553 3.06 -12.78 5.56
CA PHE B 553 1.63 -12.49 5.41
C PHE B 553 0.84 -12.91 6.63
N ASP B 554 1.07 -14.12 7.12
CA ASP B 554 0.33 -14.60 8.27
C ASP B 554 0.52 -13.73 9.50
N ASN B 555 1.70 -13.15 9.67
CA ASN B 555 1.95 -12.33 10.85
C ASN B 555 1.66 -10.85 10.66
N HIS B 556 1.63 -10.36 9.42
CA HIS B 556 1.62 -8.92 9.26
C HIS B 556 0.52 -8.36 8.37
N LEU B 557 0.04 -9.11 7.39
CA LEU B 557 -1.00 -8.54 6.56
C LEU B 557 -2.25 -8.37 7.41
N GLY B 558 -2.72 -7.13 7.55
CA GLY B 558 -3.87 -6.85 8.36
C GLY B 558 -3.53 -6.45 9.78
N LYS B 559 -2.51 -7.05 10.35
CA LYS B 559 -2.15 -6.72 11.71
C LYS B 559 -1.23 -5.50 11.76
N SER B 560 -0.33 -5.36 10.77
CA SER B 560 0.55 -4.18 10.66
C SER B 560 0.08 -3.35 9.47
N ALA B 561 -0.40 -2.13 9.71
CA ALA B 561 -0.93 -1.32 8.60
C ALA B 561 0.12 -1.01 7.54
N ASN B 562 1.38 -0.89 7.94
CA ASN B 562 2.43 -0.59 6.98
C ASN B 562 2.81 -1.73 6.06
N PHE B 563 2.28 -2.94 6.29
CA PHE B 563 2.55 -4.08 5.43
C PHE B 563 1.41 -4.33 4.45
N GLN B 564 1.70 -4.44 3.16
CA GLN B 564 0.61 -4.49 2.23
C GLN B 564 0.92 -5.48 1.12
N LYS B 565 -0.12 -5.89 0.39
CA LYS B 565 0.07 -6.73 -0.78
C LYS B 565 0.89 -5.96 -1.80
N PRO B 566 1.64 -6.68 -2.66
CA PRO B 566 2.39 -5.95 -3.67
C PRO B 566 1.45 -5.28 -4.67
N ARG B 567 1.89 -4.17 -5.24
CA ARG B 567 1.19 -3.46 -6.31
C ARG B 567 1.78 -3.86 -7.67
N ASN B 568 1.45 -5.05 -8.16
CA ASN B 568 2.17 -5.54 -9.34
C ASN B 568 1.73 -4.88 -10.65
N ILE B 569 2.69 -4.20 -11.26
CA ILE B 569 2.48 -3.44 -12.47
C ILE B 569 3.01 -4.28 -13.62
N LYS B 570 2.20 -4.46 -14.66
CA LYS B 570 2.64 -5.22 -15.84
C LYS B 570 3.93 -4.62 -16.37
N GLY B 571 4.80 -5.49 -16.86
CA GLY B 571 6.14 -5.12 -17.30
C GLY B 571 7.01 -4.48 -16.23
N LYS B 572 6.54 -4.49 -14.98
CA LYS B 572 7.41 -4.20 -13.84
C LYS B 572 7.60 -5.58 -13.22
N PRO B 573 8.85 -5.92 -12.84
CA PRO B 573 9.16 -7.26 -12.34
C PRO B 573 8.31 -7.67 -11.11
N GLU B 574 8.11 -8.96 -10.85
CA GLU B 574 7.28 -9.37 -9.71
C GLU B 574 7.83 -8.88 -8.37
N ALA B 575 6.93 -8.31 -7.59
CA ALA B 575 7.18 -8.07 -6.18
C ALA B 575 6.21 -8.93 -5.38
N HIS B 576 6.53 -9.16 -4.12
CA HIS B 576 5.80 -10.03 -3.22
C HIS B 576 5.10 -9.36 -2.06
N PHE B 577 5.59 -8.23 -1.60
CA PHE B 577 4.85 -7.44 -0.60
C PHE B 577 5.21 -6.00 -0.75
N SER B 578 4.48 -5.13 -0.10
CA SER B 578 4.82 -3.75 -0.28
C SER B 578 4.84 -3.17 1.10
N LEU B 579 5.68 -2.14 1.26
CA LEU B 579 5.95 -1.52 2.55
C LEU B 579 5.59 -0.05 2.44
N ILE B 580 4.95 0.50 3.47
CA ILE B 580 4.60 1.91 3.44
C ILE B 580 5.67 2.61 4.26
N HIS B 581 6.60 3.26 3.57
CA HIS B 581 7.67 4.04 4.20
C HIS B 581 7.30 5.53 4.25
N TYR B 582 8.08 6.35 4.98
CA TYR B 582 7.84 7.78 4.99
C TYR B 582 7.92 8.32 3.56
N ALA B 583 8.69 7.67 2.73
CA ALA B 583 9.01 8.17 1.39
C ALA B 583 8.06 7.66 0.33
N GLY B 584 7.12 6.82 0.72
CA GLY B 584 6.23 6.23 -0.23
C GLY B 584 6.15 4.73 -0.09
N ILE B 585 5.41 4.12 -1.01
CA ILE B 585 5.14 2.71 -0.95
C ILE B 585 6.14 2.01 -1.80
N VAL B 586 6.77 0.99 -1.23
CA VAL B 586 7.79 0.28 -1.97
C VAL B 586 7.41 -1.20 -2.08
N ASP B 587 7.49 -1.72 -3.29
CA ASP B 587 7.32 -3.14 -3.58
C ASP B 587 8.62 -3.91 -3.46
N TYR B 588 8.65 -4.93 -2.62
CA TYR B 588 9.83 -5.78 -2.46
C TYR B 588 9.65 -7.16 -3.05
N ASN B 589 10.68 -7.63 -3.77
CA ASN B 589 10.79 -9.00 -4.24
C ASN B 589 11.66 -9.80 -3.24
N ILE B 590 11.17 -10.96 -2.78
CA ILE B 590 11.86 -11.64 -1.69
C ILE B 590 12.67 -12.83 -2.14
N ILE B 591 12.79 -13.05 -3.44
CA ILE B 591 13.54 -14.18 -3.95
C ILE B 591 14.98 -14.15 -3.49
N GLY B 592 15.41 -15.25 -2.87
CA GLY B 592 16.79 -15.37 -2.53
C GLY B 592 17.17 -14.76 -1.20
N TRP B 593 16.22 -14.21 -0.44
CA TRP B 593 16.62 -13.50 0.79
C TRP B 593 17.20 -14.44 1.82
N LEU B 594 16.68 -15.64 1.91
CA LEU B 594 17.27 -16.62 2.82
C LEU B 594 18.73 -16.87 2.51
N GLN B 595 19.03 -17.08 1.24
CA GLN B 595 20.37 -17.32 0.80
C GLN B 595 21.24 -16.07 1.11
N LYS B 596 20.74 -14.87 0.83
CA LYS B 596 21.49 -13.64 1.07
C LYS B 596 21.71 -13.35 2.54
N ASN B 597 20.75 -13.68 3.39
CA ASN B 597 20.88 -13.30 4.80
C ASN B 597 21.90 -14.14 5.54
N LYS B 598 21.92 -15.44 5.30
CA LYS B 598 22.86 -16.24 6.11
C LYS B 598 24.23 -16.34 5.42
N ASP B 599 24.25 -16.14 4.11
CA ASP B 599 25.51 -16.09 3.35
C ASP B 599 26.39 -17.33 3.59
N PRO B 600 25.87 -18.54 3.30
CA PRO B 600 26.59 -19.78 3.59
C PRO B 600 27.92 -19.95 2.85
N LEU B 601 28.91 -20.46 3.58
CA LEU B 601 30.22 -20.73 3.06
C LEU B 601 30.59 -22.21 3.15
N ASN B 602 31.31 -22.73 2.16
CA ASN B 602 31.93 -24.04 2.31
C ASN B 602 32.83 -24.09 3.52
N GLU B 603 32.38 -24.78 4.57
CA GLU B 603 33.09 -24.68 5.84
C GLU B 603 34.33 -25.58 5.88
N THR B 604 34.47 -26.44 4.88
CA THR B 604 35.68 -27.23 4.74
C THR B 604 36.78 -26.27 4.29
N VAL B 605 36.49 -25.47 3.26
CA VAL B 605 37.46 -24.50 2.78
C VAL B 605 37.75 -23.39 3.81
N VAL B 606 36.71 -22.90 4.49
CA VAL B 606 36.90 -21.90 5.54
C VAL B 606 37.83 -22.50 6.60
N GLY B 607 37.70 -23.81 6.82
CA GLY B 607 38.58 -24.55 7.72
C GLY B 607 40.06 -24.45 7.30
N LEU B 608 40.33 -24.61 5.99
CA LEU B 608 41.65 -24.37 5.42
C LEU B 608 42.11 -22.91 5.60
N TYR B 609 41.22 -21.94 5.33
CA TYR B 609 41.58 -20.54 5.52
C TYR B 609 42.08 -20.35 6.96
N GLN B 610 41.41 -20.96 7.92
CA GLN B 610 41.73 -20.71 9.33
C GLN B 610 43.12 -21.18 9.68
N LYS B 611 43.61 -22.16 8.93
CA LYS B 611 44.93 -22.73 9.14
C LYS B 611 45.94 -22.28 8.09
N SER B 612 45.58 -21.26 7.32
CA SER B 612 46.44 -20.77 6.24
C SER B 612 47.81 -20.34 6.74
N SER B 613 48.84 -20.49 5.91
CA SER B 613 50.15 -20.03 6.33
C SER B 613 50.30 -18.54 6.01
N LEU B 614 49.37 -17.98 5.24
CA LEU B 614 49.39 -16.53 5.04
C LEU B 614 48.67 -15.93 6.24
N LYS B 615 49.42 -15.24 7.07
CA LYS B 615 48.90 -14.77 8.35
C LYS B 615 47.61 -13.94 8.21
N LEU B 616 47.55 -13.07 7.19
CA LEU B 616 46.40 -12.18 7.06
C LEU B 616 45.13 -13.01 6.85
N LEU B 617 45.22 -13.99 5.93
CA LEU B 617 44.07 -14.82 5.59
C LEU B 617 43.62 -15.57 6.81
N SER B 618 44.57 -16.09 7.56
CA SER B 618 44.28 -16.80 8.79
C SER B 618 43.56 -15.92 9.81
N THR B 619 43.96 -14.66 9.89
CA THR B 619 43.29 -13.70 10.75
C THR B 619 41.83 -13.40 10.35
N LEU B 620 41.56 -13.26 9.05
CA LEU B 620 40.23 -12.91 8.57
C LEU B 620 39.17 -13.92 8.96
N PHE B 621 39.54 -15.17 9.14
CA PHE B 621 38.51 -16.15 9.44
C PHE B 621 38.67 -16.78 10.80
N ALA B 622 39.58 -16.22 11.60
CA ALA B 622 39.80 -16.68 12.97
C ALA B 622 38.49 -16.86 13.72
N ASN B 623 37.82 -15.75 13.96
CA ASN B 623 36.57 -15.81 14.69
C ASN B 623 35.42 -16.14 13.74
N TYR B 624 35.36 -17.41 13.36
CA TYR B 624 34.32 -17.90 12.47
C TYR B 624 33.91 -19.30 12.88
N PHE B 644 26.81 -19.05 13.43
CA PHE B 644 26.47 -18.15 12.33
C PHE B 644 25.89 -16.86 12.85
N GLN B 645 26.02 -15.84 12.02
CA GLN B 645 25.50 -14.51 12.28
C GLN B 645 25.04 -13.97 10.93
N THR B 646 23.79 -13.56 10.88
CA THR B 646 23.19 -13.14 9.63
C THR B 646 23.52 -11.71 9.28
N VAL B 647 23.38 -11.38 8.00
CA VAL B 647 23.58 -10.03 7.50
C VAL B 647 22.65 -9.02 8.18
N SER B 648 21.39 -9.40 8.38
CA SER B 648 20.44 -8.49 8.99
C SER B 648 20.78 -8.28 10.46
N ALA B 649 21.22 -9.34 11.14
CA ALA B 649 21.55 -9.22 12.56
C ALA B 649 22.78 -8.31 12.73
N LEU B 650 23.78 -8.49 11.89
CA LEU B 650 24.97 -7.68 11.98
C LEU B 650 24.59 -6.22 11.67
N HIS B 651 23.74 -6.02 10.66
CA HIS B 651 23.35 -4.66 10.34
C HIS B 651 22.57 -4.03 11.48
N ARG B 652 21.73 -4.81 12.16
CA ARG B 652 20.95 -4.21 13.24
C ARG B 652 21.89 -3.76 14.36
N GLU B 653 22.91 -4.56 14.65
CA GLU B 653 23.86 -4.23 15.70
C GLU B 653 24.60 -2.91 15.33
N ASN B 654 25.05 -2.81 14.08
CA ASN B 654 25.72 -1.62 13.59
C ASN B 654 24.84 -0.39 13.62
N LEU B 655 23.58 -0.56 13.28
CA LEU B 655 22.70 0.57 13.18
C LEU B 655 22.43 1.04 14.60
N ASN B 656 22.37 0.07 15.51
CA ASN B 656 22.10 0.46 16.89
C ASN B 656 23.28 1.24 17.48
N LYS B 657 24.50 0.89 17.12
CA LYS B 657 25.65 1.68 17.59
C LYS B 657 25.68 3.08 16.96
N LEU B 658 25.40 3.16 15.66
CA LEU B 658 25.34 4.45 14.96
C LEU B 658 24.31 5.40 15.58
N MET B 659 23.10 4.92 15.85
CA MET B 659 22.05 5.77 16.39
C MET B 659 22.39 6.20 17.81
N THR B 660 22.99 5.31 18.58
CA THR B 660 23.49 5.69 19.90
C THR B 660 24.51 6.83 19.80
N ASN B 661 25.46 6.70 18.87
CA ASN B 661 26.39 7.80 18.62
C ASN B 661 25.68 9.05 18.17
N LEU B 662 24.79 8.94 17.17
CA LEU B 662 24.15 10.14 16.64
C LEU B 662 23.29 10.84 17.68
N ARG B 663 22.64 10.07 18.54
CA ARG B 663 21.73 10.67 19.52
C ARG B 663 22.53 11.36 20.61
N SER B 664 23.83 11.16 20.64
CA SER B 664 24.64 11.88 21.61
C SER B 664 25.16 13.19 21.03
N THR B 665 24.62 13.59 19.88
CA THR B 665 25.11 14.74 19.15
C THR B 665 24.06 15.78 18.86
N HIS B 666 24.53 16.98 18.54
CA HIS B 666 23.76 18.01 17.88
C HIS B 666 23.95 17.83 16.36
N PRO B 667 22.90 17.41 15.64
CA PRO B 667 23.04 17.03 14.22
C PRO B 667 22.85 18.13 13.20
N HIS B 668 23.42 17.93 12.00
CA HIS B 668 23.33 18.84 10.85
C HIS B 668 23.10 18.03 9.58
N PHE B 669 22.34 18.58 8.63
CA PHE B 669 21.86 17.71 7.58
C PHE B 669 22.14 18.28 6.23
N VAL B 670 22.70 17.41 5.40
CA VAL B 670 23.11 17.84 4.07
C VAL B 670 22.44 16.90 3.08
N ARG B 671 21.75 17.47 2.11
CA ARG B 671 21.01 16.67 1.12
C ARG B 671 21.67 16.85 -0.26
N CYS B 672 22.20 15.78 -0.83
CA CYS B 672 22.81 15.87 -2.15
C CYS B 672 21.84 15.46 -3.22
N ILE B 673 21.76 16.26 -4.28
CA ILE B 673 20.79 16.07 -5.36
C ILE B 673 21.56 15.79 -6.66
N ILE B 674 21.20 14.74 -7.37
CA ILE B 674 21.70 14.59 -8.72
C ILE B 674 20.68 15.20 -9.70
N PRO B 675 21.11 16.19 -10.48
CA PRO B 675 20.14 16.96 -11.28
C PRO B 675 19.63 16.27 -12.54
N ASN B 676 20.44 15.41 -13.17
CA ASN B 676 20.07 14.77 -14.43
C ASN B 676 20.89 13.53 -14.63
N GLU B 677 20.55 12.73 -15.64
CA GLU B 677 21.22 11.46 -15.84
C GLU B 677 22.40 11.50 -16.81
N THR B 678 22.71 12.65 -17.39
CA THR B 678 23.79 12.68 -18.39
C THR B 678 25.01 13.53 -18.00
N LYS B 679 25.19 13.74 -16.70
CA LYS B 679 26.29 14.55 -16.19
C LYS B 679 26.41 15.90 -16.91
N SER B 680 25.27 16.54 -17.14
CA SER B 680 25.18 17.86 -17.76
C SER B 680 24.98 18.98 -16.74
N PRO B 681 25.86 19.99 -16.79
CA PRO B 681 25.84 21.15 -15.90
C PRO B 681 24.62 22.05 -16.11
N GLY B 682 24.06 22.60 -15.05
CA GLY B 682 23.01 23.63 -15.17
C GLY B 682 21.59 23.10 -15.44
N VAL B 683 21.46 21.81 -15.75
CA VAL B 683 20.20 21.23 -16.21
C VAL B 683 19.54 20.28 -15.20
N MET B 684 18.25 20.47 -14.96
CA MET B 684 17.51 19.54 -14.11
C MET B 684 16.42 18.77 -14.83
N ASP B 685 16.42 17.44 -14.70
CA ASP B 685 15.22 16.65 -15.01
C ASP B 685 14.24 16.80 -13.86
N ASN B 686 13.12 17.49 -14.06
CA ASN B 686 12.14 17.68 -12.98
C ASN B 686 11.71 16.39 -12.24
N PRO B 687 11.34 15.31 -12.96
CA PRO B 687 10.88 14.14 -12.20
C PRO B 687 12.03 13.51 -11.37
N LEU B 688 13.22 13.39 -11.96
CA LEU B 688 14.39 12.92 -11.22
C LEU B 688 14.57 13.66 -9.87
N VAL B 689 14.51 14.98 -9.92
CA VAL B 689 14.75 15.75 -8.71
C VAL B 689 13.56 15.62 -7.74
N MET B 690 12.36 15.65 -8.32
CA MET B 690 11.12 15.48 -7.58
C MET B 690 11.16 14.20 -6.74
N HIS B 691 11.50 13.10 -7.36
CA HIS B 691 11.62 11.81 -6.67
C HIS B 691 12.54 11.89 -5.44
N GLN B 692 13.67 12.60 -5.60
CA GLN B 692 14.74 12.69 -4.58
C GLN B 692 14.24 13.49 -3.42
N LEU B 693 13.53 14.58 -3.72
CA LEU B 693 12.92 15.43 -2.72
C LEU B 693 11.90 14.68 -1.88
N ARG B 694 11.14 13.78 -2.51
CA ARG B 694 10.19 12.97 -1.75
C ARG B 694 10.89 11.96 -0.86
N CYS B 695 12.08 11.53 -1.28
CA CYS B 695 12.76 10.46 -0.56
C CYS B 695 13.78 10.93 0.48
N ASN B 696 14.32 12.12 0.30
CA ASN B 696 15.48 12.51 1.10
C ASN B 696 15.22 13.34 2.35
N GLY B 697 13.95 13.56 2.70
CA GLY B 697 13.65 14.25 3.93
C GLY B 697 13.16 15.67 3.78
N VAL B 698 13.42 16.27 2.62
CA VAL B 698 13.07 17.67 2.47
C VAL B 698 11.54 17.86 2.49
N LEU B 699 10.80 17.07 1.72
CA LEU B 699 9.36 17.29 1.75
C LEU B 699 8.81 16.83 3.11
N GLU B 700 9.43 15.80 3.71
CA GLU B 700 9.04 15.39 5.05
C GLU B 700 9.17 16.53 6.07
N GLY B 701 10.32 17.20 6.06
CA GLY B 701 10.54 18.34 6.93
C GLY B 701 9.50 19.42 6.76
N ILE B 702 9.19 19.76 5.51
CA ILE B 702 8.09 20.68 5.23
C ILE B 702 6.74 20.21 5.80
N ARG B 703 6.38 18.96 5.56
CA ARG B 703 5.13 18.38 6.06
C ARG B 703 4.97 18.54 7.57
N ILE B 704 6.00 18.21 8.33
CA ILE B 704 5.84 18.13 9.77
C ILE B 704 5.77 19.52 10.41
N CYS B 705 6.34 20.54 9.78
CA CYS B 705 6.19 21.89 10.32
C CYS B 705 4.88 22.55 9.86
N ARG B 706 4.31 22.02 8.78
CA ARG B 706 3.04 22.48 8.24
C ARG B 706 1.87 22.11 9.15
N LYS B 707 2.04 21.07 9.97
CA LYS B 707 1.03 20.68 10.95
C LYS B 707 0.60 21.85 11.84
N GLY B 708 1.58 22.64 12.27
CA GLY B 708 1.31 23.81 13.08
C GLY B 708 1.37 25.08 12.24
N PHE B 709 2.19 26.01 12.70
CA PHE B 709 2.37 27.29 12.03
C PHE B 709 3.81 27.47 11.58
N PRO B 710 4.06 27.16 10.30
CA PRO B 710 5.40 27.21 9.72
C PRO B 710 5.96 28.60 9.68
N ASN B 711 5.14 29.56 9.25
CA ASN B 711 5.60 30.94 9.09
C ASN B 711 5.34 31.77 10.34
N ARG B 712 6.39 32.38 10.87
CA ARG B 712 6.28 33.24 12.05
C ARG B 712 6.85 34.64 11.79
N ILE B 713 6.05 35.67 12.06
CA ILE B 713 6.47 37.05 11.77
C ILE B 713 6.46 37.89 13.04
N LEU B 714 7.63 38.44 13.38
CA LEU B 714 7.80 39.45 14.44
C LEU B 714 6.83 40.60 14.29
N TYR B 715 6.16 40.99 15.39
CA TYR B 715 5.15 42.03 15.36
C TYR B 715 5.70 43.29 14.70
N GLY B 716 6.98 43.56 14.95
CA GLY B 716 7.66 44.68 14.35
C GLY B 716 7.78 44.54 12.84
N ASP B 717 8.25 43.39 12.38
CA ASP B 717 8.40 43.16 10.93
C ASP B 717 7.08 43.15 10.17
N PHE B 718 6.03 42.70 10.83
CA PHE B 718 4.72 42.60 10.19
C PHE B 718 4.12 44.01 9.95
N ARG B 719 4.19 44.85 10.97
CA ARG B 719 3.72 46.24 10.86
C ARG B 719 4.44 46.99 9.73
N GLN B 720 5.77 46.93 9.71
CA GLN B 720 6.56 47.66 8.71
C GLN B 720 6.49 47.05 7.32
N ARG B 721 5.44 46.27 7.07
CA ARG B 721 5.25 45.58 5.79
C ARG B 721 3.76 45.46 5.44
N TYR B 722 2.95 45.14 6.44
CA TYR B 722 1.53 44.90 6.23
C TYR B 722 0.59 45.93 6.88
N ARG B 723 1.15 47.06 7.32
CA ARG B 723 0.34 48.15 7.88
C ARG B 723 -0.61 48.69 6.81
N ILE B 724 -0.03 48.95 5.64
CA ILE B 724 -0.71 49.53 4.47
C ILE B 724 -2.03 48.83 4.12
N LEU B 725 -2.20 47.59 4.57
CA LEU B 725 -3.43 46.84 4.33
C LEU B 725 -4.58 47.41 5.16
N ASN B 726 -4.26 48.05 6.29
CA ASN B 726 -5.27 48.65 7.17
C ASN B 726 -4.67 49.51 8.28
N PRO B 727 -4.16 50.71 7.95
CA PRO B 727 -3.47 51.53 8.97
C PRO B 727 -4.38 51.92 10.14
N ALA B 728 -5.68 52.03 9.87
CA ALA B 728 -6.70 52.26 10.89
C ALA B 728 -6.77 51.18 11.99
N ALA B 729 -5.65 50.85 12.61
CA ALA B 729 -5.62 49.77 13.62
C ALA B 729 -4.38 49.87 14.51
N SER B 738 2.31 46.64 19.89
CA SER B 738 2.37 45.95 18.60
C SER B 738 1.54 44.67 18.61
N ARG B 739 1.41 44.04 19.79
CA ARG B 739 0.57 42.85 19.94
C ARG B 739 -0.92 43.16 19.75
N LYS B 740 -1.35 44.29 20.29
CA LYS B 740 -2.73 44.76 20.13
C LYS B 740 -2.99 45.21 18.69
N GLY B 741 -1.98 45.82 18.08
CA GLY B 741 -2.07 46.30 16.71
C GLY B 741 -2.43 45.20 15.74
N ALA B 742 -1.79 44.05 15.91
CA ALA B 742 -2.04 42.91 15.03
C ALA B 742 -3.39 42.27 15.33
N GLU B 743 -3.75 42.17 16.61
CA GLU B 743 -5.02 41.55 17.02
C GLU B 743 -6.21 42.35 16.47
N LYS B 744 -6.04 43.66 16.35
CA LYS B 744 -7.06 44.52 15.76
C LYS B 744 -7.02 44.41 14.24
N LEU B 745 -5.81 44.47 13.67
CA LEU B 745 -5.64 44.39 12.21
C LEU B 745 -6.10 43.02 11.70
N LEU B 746 -5.61 41.96 12.33
CA LEU B 746 -5.94 40.58 11.94
C LEU B 746 -7.43 40.27 12.08
N SER B 747 -8.10 40.91 13.05
CA SER B 747 -9.51 40.65 13.31
C SER B 747 -10.39 41.05 12.11
N SER B 748 -9.87 41.93 11.26
CA SER B 748 -10.57 42.38 10.08
C SER B 748 -10.17 41.58 8.84
N ASN B 754 -8.72 33.15 10.32
CA ASN B 754 -8.75 31.94 11.13
C ASN B 754 -7.45 31.08 11.03
N GLN B 755 -6.49 31.58 10.27
CA GLN B 755 -5.24 30.87 9.98
C GLN B 755 -4.03 31.43 10.77
N TYR B 756 -4.26 31.95 11.98
CA TYR B 756 -3.17 32.53 12.76
C TYR B 756 -3.35 32.47 14.29
N LYS B 757 -2.23 32.50 15.01
CA LYS B 757 -2.24 32.54 16.48
C LYS B 757 -1.17 33.54 16.94
N PHE B 758 -1.29 34.05 18.15
CA PHE B 758 -0.43 35.15 18.60
C PHE B 758 0.63 34.76 19.65
N GLY B 759 1.90 34.94 19.30
CA GLY B 759 2.98 34.66 20.23
C GLY B 759 3.44 35.90 20.95
N HIS B 760 4.41 35.76 21.86
CA HIS B 760 4.90 36.87 22.65
C HIS B 760 5.55 37.97 21.83
N THR B 761 6.40 37.60 20.87
CA THR B 761 7.07 38.59 20.06
C THR B 761 6.78 38.41 18.57
N LYS B 762 6.00 37.38 18.25
CA LYS B 762 5.75 37.01 16.85
C LYS B 762 4.31 36.55 16.57
N VAL B 763 3.90 36.63 15.30
CA VAL B 763 2.65 36.00 14.85
C VAL B 763 2.88 34.71 14.10
N PHE B 764 2.12 33.69 14.46
CA PHE B 764 2.25 32.36 13.86
C PHE B 764 1.19 32.13 12.78
N PHE B 765 1.61 31.67 11.60
CA PHE B 765 0.69 31.53 10.47
C PHE B 765 0.68 30.12 9.88
N LYS B 766 -0.49 29.61 9.53
CA LYS B 766 -0.59 28.48 8.61
C LYS B 766 -0.01 28.86 7.25
N ALA B 767 0.54 27.89 6.54
CA ALA B 767 1.12 28.12 5.21
C ALA B 767 0.11 28.73 4.25
N GLY B 768 0.62 29.40 3.21
CA GLY B 768 -0.26 30.03 2.21
C GLY B 768 -0.80 31.41 2.58
N LEU B 769 -1.09 31.60 3.87
CA LEU B 769 -1.76 32.81 4.36
C LEU B 769 -0.98 34.08 3.99
N LEU B 770 0.34 33.99 3.98
CA LEU B 770 1.18 35.10 3.58
C LEU B 770 1.01 35.37 2.07
N GLY B 771 0.43 34.40 1.34
CA GLY B 771 0.29 34.48 -0.10
C GLY B 771 -0.81 35.38 -0.61
N LEU B 772 -1.91 35.40 0.14
CA LEU B 772 -2.98 36.34 -0.12
C LEU B 772 -2.54 37.74 0.29
N LEU B 773 -1.86 37.85 1.45
CA LEU B 773 -1.37 39.13 1.95
C LEU B 773 -0.46 39.79 0.93
N GLU B 774 0.34 38.96 0.26
CA GLU B 774 1.23 39.44 -0.77
C GLU B 774 0.42 39.86 -2.00
N GLU B 775 -0.75 39.24 -2.18
CA GLU B 775 -1.69 39.62 -3.25
C GLU B 775 -2.48 40.88 -2.89
N MET B 776 -3.03 40.92 -1.69
CA MET B 776 -3.73 42.10 -1.20
C MET B 776 -2.80 43.31 -1.24
N ARG B 777 -1.56 43.16 -0.78
CA ARG B 777 -0.58 44.27 -0.81
C ARG B 777 -0.22 44.66 -2.25
N ASP B 778 -0.03 43.66 -3.09
CA ASP B 778 0.32 43.90 -4.48
C ASP B 778 -0.82 44.67 -5.18
N GLU B 779 -2.06 44.31 -4.83
CA GLU B 779 -3.27 44.96 -5.36
C GLU B 779 -3.45 46.38 -4.84
N ARG B 780 -3.37 46.52 -3.51
CA ARG B 780 -3.49 47.83 -2.86
C ARG B 780 -2.41 48.78 -3.36
N LEU B 781 -1.18 48.28 -3.47
CA LEU B 781 -0.06 49.08 -3.99
C LEU B 781 -0.32 49.58 -5.41
N SER B 782 -1.15 48.83 -6.15
CA SER B 782 -1.49 49.18 -7.51
C SER B 782 -2.50 50.34 -7.50
N ARG B 783 -3.44 50.28 -6.56
CA ARG B 783 -4.39 51.37 -6.31
C ARG B 783 -3.65 52.65 -5.94
N ILE B 784 -2.71 52.53 -5.01
CA ILE B 784 -1.85 53.64 -4.59
C ILE B 784 -1.08 54.20 -5.77
N ILE B 785 -0.44 53.32 -6.52
CA ILE B 785 0.38 53.69 -7.68
C ILE B 785 -0.42 54.51 -8.69
N THR B 786 -1.67 54.12 -8.87
CA THR B 786 -2.62 54.83 -9.74
C THR B 786 -2.76 56.31 -9.37
N ARG B 787 -3.01 56.58 -8.08
CA ARG B 787 -3.26 57.93 -7.60
C ARG B 787 -2.09 58.86 -7.93
N THR B 788 -0.89 58.29 -8.02
CA THR B 788 0.31 59.05 -8.35
C THR B 788 0.36 59.40 -9.83
N PRO B 800 -5.84 77.46 -11.23
CA PRO B 800 -6.58 78.72 -11.10
C PRO B 800 -7.58 78.67 -9.93
N ILE B 801 -7.62 79.72 -9.11
CA ILE B 801 -8.48 79.74 -7.93
C ILE B 801 -9.53 80.86 -7.89
N LEU B 802 -10.73 80.51 -7.48
CA LEU B 802 -11.76 81.50 -7.17
C LEU B 802 -12.24 81.29 -5.72
N VAL B 803 -12.29 82.37 -4.94
CA VAL B 803 -12.76 82.31 -3.55
C VAL B 803 -13.98 83.23 -3.30
N GLU B 804 -14.93 82.75 -2.50
CA GLU B 804 -16.13 83.50 -2.18
C GLU B 804 -16.48 83.31 -0.70
N LEU B 805 -16.55 84.40 0.06
CA LEU B 805 -16.88 84.35 1.49
C LEU B 805 -18.11 85.19 1.86
N ASP B 806 -18.91 84.69 2.78
CA ASP B 806 -20.04 85.44 3.35
C ASP B 806 -20.02 85.40 4.88
N GLY B 807 -19.47 86.45 5.50
CA GLY B 807 -19.23 86.45 6.93
C GLY B 807 -20.27 87.11 7.82
N ASP B 808 -20.16 86.83 9.12
CA ASP B 808 -21.05 87.41 10.14
C ASP B 808 -20.45 87.21 11.54
N VAL B 809 -19.47 88.04 11.90
CA VAL B 809 -18.76 87.91 13.17
C VAL B 809 -19.18 88.96 14.18
N ASN B 810 -19.74 88.51 15.30
CA ASN B 810 -20.21 89.40 16.36
C ASN B 810 -21.19 90.46 15.85
N GLY B 811 -22.09 90.06 14.97
CA GLY B 811 -23.10 90.97 14.42
C GLY B 811 -22.71 91.78 13.19
N HIS B 812 -21.52 91.53 12.64
CA HIS B 812 -21.06 92.27 11.48
C HIS B 812 -20.95 91.38 10.26
N LYS B 813 -21.90 91.52 9.33
CA LYS B 813 -21.83 90.77 8.07
C LYS B 813 -20.85 91.43 7.07
N PHE B 814 -20.17 90.60 6.26
CA PHE B 814 -19.24 91.09 5.24
C PHE B 814 -19.04 90.02 4.16
N SER B 815 -18.55 90.43 3.00
CA SER B 815 -18.37 89.50 1.88
C SER B 815 -17.11 89.82 1.09
N VAL B 816 -16.24 88.82 0.95
CA VAL B 816 -14.99 88.98 0.19
C VAL B 816 -14.90 87.96 -0.94
N SER B 817 -14.28 88.35 -2.05
CA SER B 817 -14.03 87.44 -3.17
C SER B 817 -12.57 87.58 -3.61
N GLY B 818 -11.98 86.49 -4.09
CA GLY B 818 -10.56 86.47 -4.45
C GLY B 818 -10.20 85.86 -5.79
N GLU B 819 -9.08 86.30 -6.36
CA GLU B 819 -8.62 85.76 -7.65
C GLU B 819 -7.10 85.66 -7.76
N GLY B 820 -6.62 84.46 -8.09
CA GLY B 820 -5.20 84.21 -8.27
C GLY B 820 -4.88 82.87 -8.94
N GLU B 821 -3.60 82.51 -8.95
CA GLU B 821 -3.17 81.26 -9.57
C GLU B 821 -2.36 80.40 -8.59
N GLY B 822 -2.53 79.08 -8.67
CA GLY B 822 -1.82 78.14 -7.81
C GLY B 822 -0.88 77.19 -8.54
N ASP B 823 0.20 76.80 -7.87
CA ASP B 823 1.22 75.96 -8.49
C ASP B 823 1.84 74.94 -7.53
N ALA B 824 1.36 73.69 -7.59
CA ALA B 824 1.75 72.66 -6.63
C ALA B 824 3.21 72.19 -6.78
N THR B 825 3.71 72.16 -8.01
CA THR B 825 5.07 71.69 -8.28
C THR B 825 6.10 72.49 -7.48
N TYR B 826 5.79 73.75 -7.20
CA TYR B 826 6.66 74.62 -6.41
C TYR B 826 6.08 74.86 -5.01
N GLY B 827 4.90 74.32 -4.76
CA GLY B 827 4.22 74.49 -3.48
C GLY B 827 3.88 75.94 -3.20
N LYS B 828 3.55 76.69 -4.26
CA LYS B 828 3.25 78.12 -4.16
C LYS B 828 1.82 78.47 -4.59
N LEU B 829 1.25 79.47 -3.91
CA LEU B 829 0.00 80.07 -4.36
C LEU B 829 0.07 81.58 -4.22
N THR B 830 -0.62 82.30 -5.11
CA THR B 830 -0.70 83.75 -5.02
C THR B 830 -2.09 84.27 -5.45
N LEU B 831 -2.82 84.86 -4.51
CA LEU B 831 -4.15 85.38 -4.77
C LEU B 831 -4.32 86.82 -4.26
N LYS B 832 -5.29 87.54 -4.79
CA LYS B 832 -5.65 88.84 -4.24
C LYS B 832 -7.08 88.78 -3.71
N PHE B 833 -7.28 89.23 -2.48
CA PHE B 833 -8.62 89.23 -1.87
C PHE B 833 -9.08 90.66 -1.53
N ILE B 834 -10.25 91.03 -2.06
CA ILE B 834 -10.87 92.32 -1.75
C ILE B 834 -12.28 92.12 -1.16
N CYS B 835 -12.52 92.71 0.02
CA CYS B 835 -13.86 92.75 0.62
C CYS B 835 -14.77 93.73 -0.08
N THR B 836 -15.70 93.22 -0.88
CA THR B 836 -16.53 94.03 -1.77
C THR B 836 -17.82 94.62 -1.18
N THR B 837 -17.92 94.69 0.15
CA THR B 837 -19.08 95.34 0.78
C THR B 837 -18.61 96.35 1.83
N GLY B 838 -17.52 97.04 1.52
CA GLY B 838 -16.98 98.11 2.35
C GLY B 838 -15.64 97.80 3.00
N LYS B 839 -15.41 98.32 4.20
CA LYS B 839 -14.17 98.05 4.94
C LYS B 839 -14.32 96.74 5.71
N LEU B 840 -13.24 95.98 5.85
CA LEU B 840 -13.39 94.67 6.48
C LEU B 840 -13.56 94.84 7.99
N PRO B 841 -14.60 94.22 8.55
CA PRO B 841 -14.96 94.26 9.97
C PRO B 841 -13.87 93.66 10.88
N VAL B 842 -13.03 92.81 10.31
CA VAL B 842 -12.02 92.08 11.05
C VAL B 842 -10.62 92.29 10.46
N PRO B 843 -9.57 92.06 11.27
CA PRO B 843 -8.21 92.18 10.72
C PRO B 843 -7.89 91.08 9.70
N TRP B 844 -7.26 91.48 8.59
CA TRP B 844 -6.99 90.59 7.45
C TRP B 844 -6.11 89.32 7.65
N PRO B 845 -5.07 89.38 8.50
CA PRO B 845 -4.34 88.12 8.67
C PRO B 845 -5.07 87.07 9.53
N THR B 846 -6.38 87.25 9.72
CA THR B 846 -7.20 86.29 10.45
C THR B 846 -8.15 85.53 9.52
N LEU B 847 -8.11 85.87 8.22
CA LEU B 847 -8.96 85.21 7.23
C LEU B 847 -8.11 84.42 6.27
N VAL B 848 -6.80 84.51 6.44
CA VAL B 848 -5.83 83.82 5.60
C VAL B 848 -6.06 82.31 5.59
N THR B 849 -6.14 81.72 6.79
CA THR B 849 -6.29 80.27 6.95
C THR B 849 -7.50 79.66 6.22
N THR B 850 -8.50 80.47 5.96
CA THR B 850 -9.72 79.97 5.34
C THR B 850 -9.76 80.26 3.84
N PHE B 851 -9.08 81.32 3.43
CA PHE B 851 -8.98 81.67 2.01
C PHE B 851 -8.23 80.59 1.24
N1 CRO B 852 -7.24 80.60 2.15
CA1 CRO B 852 -6.27 79.81 1.44
CB1 CRO B 852 -5.12 80.69 1.05
OG1 CRO B 852 -4.52 81.31 1.91
C1 CRO B 852 -5.76 78.71 2.31
N2 CRO B 852 -4.45 78.53 2.65
N3 CRO B 852 -6.48 77.74 2.90
C2 CRO B 852 -5.64 76.95 3.59
O2 CRO B 852 -6.01 75.85 4.33
CA2 CRO B 852 -4.36 77.45 3.45
CA3 CRO B 852 -7.90 77.51 2.81
C3 CRO B 852 -8.33 76.34 1.96
O3 CRO B 852 -9.45 75.85 2.10
CB2 CRO B 852 -3.11 76.88 4.02
CG2 CRO B 852 -2.55 77.60 5.21
CD1 CRO B 852 -1.52 78.52 5.03
CD2 CRO B 852 -3.03 77.34 6.49
CE1 CRO B 852 -0.99 79.18 6.14
CE2 CRO B 852 -2.50 77.99 7.59
CZ CRO B 852 -1.47 78.92 7.41
OH CRO B 852 -0.93 79.57 8.51
N VAL B 853 -7.49 76.09 0.87
CA VAL B 853 -7.06 75.31 -0.30
C VAL B 853 -5.74 74.59 -0.07
N GLN B 854 -5.78 73.57 0.79
CA GLN B 854 -4.59 72.81 1.16
C GLN B 854 -4.15 71.81 0.08
N CYS B 855 -4.90 71.77 -1.02
CA CYS B 855 -4.65 70.85 -2.11
C CYS B 855 -3.51 71.26 -3.05
N PHE B 856 -2.87 72.38 -2.77
CA PHE B 856 -1.82 72.90 -3.62
C PHE B 856 -0.40 72.61 -3.09
N SER B 857 -0.32 71.83 -2.01
CA SER B 857 0.97 71.44 -1.45
C SER B 857 1.89 70.67 -2.41
N ARG B 858 3.20 70.85 -2.21
CA ARG B 858 4.21 70.08 -2.91
C ARG B 858 4.65 68.88 -2.07
N TYR B 859 4.09 67.71 -2.37
CA TYR B 859 4.54 66.47 -1.75
C TYR B 859 5.80 65.92 -2.41
N PRO B 860 6.84 65.63 -1.60
CA PRO B 860 8.09 65.03 -2.09
C PRO B 860 7.87 63.69 -2.76
N ASP B 861 8.81 63.29 -3.61
CA ASP B 861 8.69 62.06 -4.41
C ASP B 861 8.53 60.78 -3.58
N HIS B 862 8.69 60.87 -2.26
CA HIS B 862 8.61 59.69 -1.40
C HIS B 862 7.33 59.64 -0.57
N MET B 863 6.55 60.71 -0.62
CA MET B 863 5.32 60.79 0.19
C MET B 863 4.08 60.70 -0.67
N LYS B 864 4.29 60.54 -1.98
CA LYS B 864 3.22 60.69 -2.96
C LYS B 864 1.91 59.98 -2.57
N ARG B 865 2.02 58.87 -1.86
CA ARG B 865 0.84 58.11 -1.42
C ARG B 865 0.05 58.80 -0.30
N HIS B 866 0.52 59.97 0.14
CA HIS B 866 -0.09 60.65 1.30
C HIS B 866 -0.88 61.94 1.00
N ASP B 867 -1.13 62.25 -0.27
CA ASP B 867 -1.83 63.49 -0.61
C ASP B 867 -3.36 63.33 -0.63
N PHE B 868 -3.97 63.32 0.57
CA PHE B 868 -5.44 63.20 0.70
C PHE B 868 -6.20 64.26 -0.10
N PHE B 869 -5.73 65.50 -0.03
CA PHE B 869 -6.40 66.65 -0.62
C PHE B 869 -6.51 66.55 -2.14
N LYS B 870 -5.37 66.30 -2.78
CA LYS B 870 -5.32 66.13 -4.22
C LYS B 870 -6.17 64.93 -4.64
N SER B 871 -6.25 63.92 -3.77
CA SER B 871 -6.96 62.70 -4.08
C SER B 871 -8.49 62.83 -4.09
N ALA B 872 -9.01 63.89 -3.46
CA ALA B 872 -10.46 64.10 -3.39
C ALA B 872 -11.01 64.82 -4.63
N MET B 873 -10.10 65.31 -5.48
CA MET B 873 -10.49 65.97 -6.72
C MET B 873 -10.87 64.93 -7.79
N PRO B 874 -11.75 65.31 -8.75
CA PRO B 874 -12.36 66.63 -8.92
C PRO B 874 -13.53 66.90 -7.96
N GLU B 875 -13.95 65.89 -7.22
CA GLU B 875 -15.07 66.04 -6.29
C GLU B 875 -14.83 67.11 -5.22
N GLY B 876 -13.58 67.29 -4.81
CA GLY B 876 -13.24 68.32 -3.84
C GLY B 876 -13.49 67.86 -2.42
N TYR B 877 -13.43 68.79 -1.47
CA TYR B 877 -13.68 68.48 -0.06
C TYR B 877 -14.35 69.65 0.68
N VAL B 878 -14.98 69.32 1.80
CA VAL B 878 -15.62 70.32 2.65
C VAL B 878 -14.66 70.73 3.77
N GLN B 879 -14.37 72.02 3.91
CA GLN B 879 -13.47 72.46 4.98
C GLN B 879 -14.19 73.16 6.12
N GLU B 880 -14.39 72.45 7.21
CA GLU B 880 -15.01 73.03 8.40
C GLU B 880 -13.94 73.39 9.45
N ARG B 881 -14.01 74.62 9.97
CA ARG B 881 -13.09 75.04 11.04
C ARG B 881 -13.78 75.72 12.23
N THR B 882 -13.04 75.88 13.32
CA THR B 882 -13.48 76.65 14.48
C THR B 882 -12.27 77.30 15.15
N ILE B 883 -12.07 78.58 14.84
CA ILE B 883 -10.91 79.31 15.33
C ILE B 883 -11.20 80.05 16.64
N PHE B 884 -10.69 79.52 17.75
CA PHE B 884 -10.81 80.17 19.07
C PHE B 884 -9.66 81.14 19.33
N PHE B 885 -9.97 82.42 19.47
CA PHE B 885 -8.96 83.42 19.78
C PHE B 885 -8.75 83.58 21.29
N GLY B 889 -12.87 87.80 19.05
CA GLY B 889 -14.19 87.51 18.52
C GLY B 889 -14.16 86.32 17.58
N ASN B 890 -14.11 85.13 18.17
CA ASN B 890 -13.81 83.89 17.43
C ASN B 890 -14.70 83.58 16.22
N TYR B 891 -14.09 82.94 15.23
CA TYR B 891 -14.72 82.60 13.97
C TYR B 891 -15.33 81.21 13.92
N LYS B 892 -16.50 81.09 13.30
CA LYS B 892 -17.08 79.78 12.98
C LYS B 892 -17.08 79.56 11.45
N THR B 893 -16.30 78.58 10.99
CA THR B 893 -16.06 78.39 9.55
C THR B 893 -16.75 77.15 8.94
N ARG B 894 -17.40 77.35 7.79
CA ARG B 894 -17.91 76.24 6.99
C ARG B 894 -17.73 76.53 5.51
N ALA B 895 -16.80 75.83 4.86
CA ALA B 895 -16.53 76.04 3.45
C ALA B 895 -16.82 74.81 2.59
N GLU B 896 -17.09 75.07 1.31
CA GLU B 896 -17.21 74.02 0.32
C GLU B 896 -16.18 74.26 -0.78
N VAL B 897 -15.28 73.30 -0.98
CA VAL B 897 -14.19 73.42 -1.94
C VAL B 897 -14.37 72.42 -3.09
N LYS B 898 -14.64 72.91 -4.30
CA LYS B 898 -14.81 72.04 -5.46
C LYS B 898 -14.09 72.60 -6.69
N THR B 903 -11.54 73.96 -12.68
CA THR B 903 -10.97 74.99 -11.80
C THR B 903 -11.53 74.82 -10.38
N LEU B 904 -10.70 75.12 -9.38
CA LEU B 904 -11.03 74.86 -7.98
C LEU B 904 -11.67 76.04 -7.28
N VAL B 905 -12.90 75.84 -6.83
CA VAL B 905 -13.71 76.90 -6.23
C VAL B 905 -13.84 76.70 -4.73
N ASN B 906 -13.54 77.75 -3.97
CA ASN B 906 -13.66 77.71 -2.51
C ASN B 906 -14.77 78.66 -2.02
N ARG B 907 -15.98 78.15 -1.84
CA ARG B 907 -17.12 79.00 -1.46
C ARG B 907 -17.51 78.82 0.01
N ILE B 908 -17.08 79.76 0.84
CA ILE B 908 -17.22 79.68 2.29
C ILE B 908 -18.26 80.62 2.90
N GLU B 909 -18.93 80.15 3.96
CA GLU B 909 -19.70 81.03 4.83
C GLU B 909 -19.15 80.94 6.25
N LEU B 910 -18.99 82.08 6.93
CA LEU B 910 -18.46 82.08 8.29
C LEU B 910 -19.28 82.94 9.25
N LYS B 911 -19.22 82.60 10.54
CA LYS B 911 -19.89 83.39 11.59
C LYS B 911 -19.17 83.24 12.93
N GLU B 927 -1.36 93.26 13.59
CA GLU B 927 -0.46 93.79 12.58
C GLU B 927 -0.71 93.11 11.24
N TYR B 928 -0.32 93.77 10.15
CA TYR B 928 -0.51 93.23 8.80
C TYR B 928 0.64 92.30 8.37
N ASN B 929 0.70 91.13 9.01
CA ASN B 929 1.70 90.13 8.68
C ASN B 929 1.23 88.72 9.10
N TYR B 930 1.90 87.70 8.60
CA TYR B 930 1.64 86.32 9.01
C TYR B 930 2.95 85.59 9.30
N ASN B 931 2.84 84.57 10.14
CA ASN B 931 3.97 83.73 10.52
C ASN B 931 3.95 82.36 9.85
N SER B 932 5.10 81.69 9.83
CA SER B 932 5.15 80.30 9.36
C SER B 932 4.52 79.37 10.37
N HIS B 933 3.71 78.44 9.89
CA HIS B 933 3.10 77.43 10.76
C HIS B 933 3.08 76.04 10.13
N ASN B 934 3.01 75.03 10.99
CA ASN B 934 2.77 73.67 10.55
C ASN B 934 1.33 73.26 10.86
N VAL B 935 0.65 72.68 9.88
CA VAL B 935 -0.68 72.11 10.12
C VAL B 935 -0.60 70.59 10.29
N TYR B 936 -0.98 70.11 11.47
CA TYR B 936 -0.87 68.70 11.78
C TYR B 936 -2.07 67.90 11.23
N ILE B 937 -1.82 67.08 10.21
CA ILE B 937 -2.86 66.29 9.56
C ILE B 937 -2.92 64.82 10.03
N MET B 938 -4.13 64.37 10.35
CA MET B 938 -4.40 62.96 10.69
C MET B 938 -5.38 62.33 9.72
N ALA B 939 -5.91 61.16 10.08
CA ALA B 939 -6.88 60.47 9.23
C ALA B 939 -8.20 60.15 9.94
N ASP B 940 -9.04 59.39 9.24
CA ASP B 940 -10.36 58.96 9.69
C ASP B 940 -10.98 58.11 8.57
N LYS B 941 -11.13 56.81 8.82
CA LYS B 941 -11.60 55.87 7.81
C LYS B 941 -13.12 55.86 7.65
N GLN B 942 -13.84 55.85 8.78
CA GLN B 942 -15.31 55.80 8.80
C GLN B 942 -15.94 57.20 8.81
N LYS B 943 -15.09 58.21 8.93
CA LYS B 943 -15.46 59.61 8.65
C LYS B 943 -14.80 60.04 7.35
N ASN B 944 -14.39 59.03 6.58
CA ASN B 944 -13.55 59.13 5.38
C ASN B 944 -12.85 60.47 5.14
N GLY B 945 -12.21 61.01 6.16
CA GLY B 945 -11.58 62.32 6.04
C GLY B 945 -10.43 62.55 7.00
N ILE B 946 -10.04 63.82 7.17
CA ILE B 946 -8.93 64.17 8.05
C ILE B 946 -9.38 65.02 9.25
N LYS B 947 -8.41 65.39 10.08
CA LYS B 947 -8.64 66.22 11.26
C LYS B 947 -7.33 66.92 11.67
N ALA B 948 -7.40 68.22 11.95
CA ALA B 948 -6.20 68.98 12.26
C ALA B 948 -6.29 69.76 13.57
N ASN B 949 -5.14 70.22 14.06
CA ASN B 949 -5.04 71.07 15.25
C ASN B 949 -3.76 71.91 15.23
N PHE B 950 -3.90 73.23 15.26
CA PHE B 950 -2.72 74.11 15.25
C PHE B 950 -2.94 75.52 15.78
N LYS B 951 -1.84 76.15 16.18
CA LYS B 951 -1.86 77.49 16.75
C LYS B 951 -1.10 78.53 15.90
N THR B 952 -1.82 79.54 15.45
CA THR B 952 -1.28 80.61 14.62
C THR B 952 -1.03 81.85 15.48
N ARG B 953 0.03 82.61 15.19
CA ARG B 953 0.38 83.75 16.02
C ARG B 953 0.10 85.09 15.33
N HIS B 954 -0.52 86.02 16.07
CA HIS B 954 -0.89 87.34 15.55
C HIS B 954 -0.35 88.47 16.44
N ASN B 955 0.41 89.38 15.82
CA ASN B 955 1.16 90.40 16.54
C ASN B 955 0.43 91.73 16.68
N ILE B 956 0.77 92.48 17.73
CA ILE B 956 0.17 93.78 18.01
C ILE B 956 0.59 94.83 16.99
N GLU B 957 0.23 96.09 17.24
CA GLU B 957 0.52 97.18 16.33
C GLU B 957 0.72 98.50 17.06
N LEU B 963 -2.82 85.02 19.00
CA LEU B 963 -2.93 83.57 19.17
C LEU B 963 -4.30 83.04 18.71
N ALA B 964 -4.29 81.91 18.00
CA ALA B 964 -5.52 81.30 17.49
C ALA B 964 -5.42 79.76 17.29
N ASP B 965 -6.32 79.01 17.93
CA ASP B 965 -6.31 77.56 17.78
C ASP B 965 -7.36 77.15 16.74
N HIS B 966 -6.97 76.30 15.79
CA HIS B 966 -7.87 75.86 14.74
C HIS B 966 -8.27 74.40 14.91
N TYR B 967 -9.54 74.10 14.68
CA TYR B 967 -10.03 72.72 14.73
C TYR B 967 -10.73 72.37 13.42
N GLN B 968 -9.96 71.81 12.49
CA GLN B 968 -10.38 71.61 11.11
C GLN B 968 -10.74 70.15 10.78
N GLN B 969 -11.82 69.95 10.02
CA GLN B 969 -12.20 68.63 9.51
C GLN B 969 -12.51 68.73 8.02
N ASN B 970 -11.89 67.86 7.21
CA ASN B 970 -12.12 67.86 5.76
C ASN B 970 -12.75 66.57 5.25
N THR B 971 -13.57 66.64 4.21
CA THR B 971 -14.29 65.47 3.71
C THR B 971 -14.59 65.49 2.21
N PRO B 972 -14.18 64.44 1.47
CA PRO B 972 -14.38 64.29 0.02
C PRO B 972 -15.85 64.16 -0.37
N ILE B 973 -16.14 64.23 -1.66
CA ILE B 973 -17.51 64.15 -2.16
C ILE B 973 -17.71 62.91 -3.02
N LEU B 979 -7.07 58.03 -1.34
CA LEU B 979 -5.87 57.66 -0.59
C LEU B 979 -5.78 58.48 0.69
N LEU B 980 -6.08 57.84 1.83
CA LEU B 980 -5.95 58.47 3.14
C LEU B 980 -4.53 58.32 3.69
N PRO B 981 -3.95 59.41 4.21
CA PRO B 981 -2.53 59.47 4.58
C PRO B 981 -2.23 59.10 6.04
N ASP B 982 -0.99 58.71 6.28
CA ASP B 982 -0.48 58.55 7.65
C ASP B 982 -0.14 59.93 8.22
N ASN B 983 -0.10 60.04 9.55
CA ASN B 983 0.23 61.29 10.23
C ASN B 983 1.41 62.01 9.60
N HIS B 984 1.12 63.19 9.05
CA HIS B 984 2.15 64.05 8.50
C HIS B 984 1.66 65.48 8.62
N TYR B 985 2.52 66.44 8.28
CA TYR B 985 2.17 67.84 8.42
C TYR B 985 2.54 68.61 7.17
N LEU B 986 1.83 69.70 6.93
CA LEU B 986 2.14 70.61 5.83
C LEU B 986 2.83 71.85 6.37
N SER B 987 3.94 72.21 5.77
CA SER B 987 4.72 73.38 6.19
C SER B 987 4.30 74.63 5.43
N THR B 988 3.90 75.68 6.14
CA THR B 988 3.35 76.88 5.51
C THR B 988 4.06 78.21 5.80
N GLN B 989 4.17 79.05 4.78
CA GLN B 989 4.68 80.41 4.89
C GLN B 989 3.71 81.41 4.22
N SER B 990 3.44 82.55 4.84
CA SER B 990 2.47 83.49 4.27
C SER B 990 2.93 84.95 4.20
N ALA B 991 2.80 85.56 3.02
CA ALA B 991 3.29 86.91 2.75
C ALA B 991 2.24 87.95 2.32
N LEU B 992 1.81 88.82 3.26
CA LEU B 992 0.77 89.83 3.00
C LEU B 992 1.26 91.13 2.36
N SER B 993 0.78 91.45 1.17
CA SER B 993 1.13 92.71 0.52
C SER B 993 -0.08 93.34 -0.17
N LYS B 999 -6.95 100.49 -4.74
CA LYS B 999 -7.89 101.50 -4.28
C LYS B 999 -8.83 100.91 -3.23
N ARG B 1000 -9.45 99.79 -3.57
CA ARG B 1000 -10.40 99.09 -2.70
C ARG B 1000 -9.65 98.47 -1.51
N ASP B 1001 -10.37 98.18 -0.44
CA ASP B 1001 -9.78 97.51 0.72
C ASP B 1001 -9.47 96.06 0.35
N HIS B 1002 -8.20 95.68 0.43
CA HIS B 1002 -7.76 94.43 -0.18
C HIS B 1002 -6.62 93.74 0.57
N MET B 1003 -6.29 92.54 0.10
CA MET B 1003 -5.15 91.77 0.60
C MET B 1003 -4.49 90.98 -0.54
N VAL B 1004 -3.20 91.19 -0.75
CA VAL B 1004 -2.44 90.33 -1.66
C VAL B 1004 -1.64 89.32 -0.85
N LEU B 1005 -1.67 88.06 -1.27
CA LEU B 1005 -0.99 87.01 -0.51
C LEU B 1005 -0.11 86.10 -1.39
N LEU B 1006 1.06 85.75 -0.85
CA LEU B 1006 1.94 84.72 -1.41
C LEU B 1006 2.22 83.70 -0.32
N GLU B 1007 1.88 82.44 -0.58
CA GLU B 1007 2.04 81.34 0.39
C GLU B 1007 2.85 80.16 -0.16
N PHE B 1008 3.77 79.67 0.65
CA PHE B 1008 4.56 78.48 0.32
C PHE B 1008 4.17 77.29 1.20
N VAL B 1009 3.68 76.22 0.57
CA VAL B 1009 3.30 75.02 1.30
C VAL B 1009 3.94 73.75 0.73
N THR B 1010 4.60 73.00 1.60
CA THR B 1010 5.28 71.75 1.23
C THR B 1010 5.05 70.67 2.29
N ALA B 1011 4.96 69.42 1.86
CA ALA B 1011 4.66 68.30 2.76
C ALA B 1011 5.90 67.75 3.45
N ALA B 1012 5.73 67.33 4.70
CA ALA B 1012 6.85 66.91 5.54
C ALA B 1012 6.41 65.93 6.63
N GLY B 1013 7.39 65.41 7.40
CA GLY B 1013 7.09 64.60 8.57
C GLY B 1013 7.17 63.09 8.41
N ILE B 1014 7.59 62.63 7.23
CA ILE B 1014 7.73 61.20 6.97
C ILE B 1014 9.02 60.91 6.21
C10 2OW C . -10.48 -22.99 7.33
C13 2OW C . -11.05 -25.03 9.12
C20 2OW C . -9.26 -28.67 6.16
C22 2OW C . -8.35 -30.31 4.64
C24 2OW C . -9.38 -31.22 4.97
C26 2OW C . -10.59 -24.30 6.86
C28 2OW C . -12.62 -21.39 6.94
C01 2OW C . -15.02 -18.03 2.94
O02 2OW C . -13.92 -18.37 3.65
C03 2OW C . -13.91 -18.47 5.03
O04 2OW C . -14.74 -17.84 5.78
N05 2OW C . -13.26 -19.62 5.57
C06 2OW C . -13.32 -20.68 4.60
C07 2OW C . -12.10 -21.49 4.70
N08 2OW C . -11.52 -21.31 5.99
C09 2OW C . -10.20 -21.90 6.28
C11 2OW C . -10.64 -22.70 8.73
C12 2OW C . -10.95 -23.70 9.60
C14 2OW C . -10.88 -25.32 7.74
N15 2OW C . -10.98 -26.67 7.24
C16 2OW C . -11.85 -27.80 7.73
O17 2OW C . -12.65 -27.61 8.65
N18 2OW C . -11.32 -29.13 7.54
C19 2OW C . -10.31 -29.53 6.54
N21 2OW C . -8.30 -29.08 5.21
C23 2OW C . -7.32 -30.71 3.64
C25 2OW C . -10.39 -30.83 5.95
F27 2OW C . -10.40 -24.54 5.54
C29 2OW C . -13.43 -20.15 6.86
C10 2OW D . 9.29 26.37 8.67
C13 2OW D . 11.01 27.70 10.46
C20 2OW D . 9.31 32.13 7.44
C22 2OW D . 7.83 33.65 6.27
C24 2OW D . 7.48 34.28 7.48
C26 2OW D . 9.50 27.77 8.55
C28 2OW D . 9.04 23.39 7.25
C01 2OW D . 12.78 20.66 4.25
O02 2OW D . 12.26 21.77 4.79
C03 2OW D . 11.95 21.88 6.13
O04 2OW D . 12.22 20.99 7.01
N05 2OW D . 11.26 23.05 6.60
C06 2OW D . 10.99 24.02 5.58
C07 2OW D . 10.01 25.09 5.95
N08 2OW D . 8.90 24.72 6.78
C09 2OW D . 8.33 25.69 7.67
C11 2OW D . 9.94 25.66 9.75
C12 2OW D . 10.79 26.30 10.61
C14 2OW D . 10.35 28.43 9.41
N15 2OW D . 10.54 29.86 9.27
C16 2OW D . 9.84 30.79 10.22
O17 2OW D . 9.14 30.31 11.11
N18 2OW D . 9.65 32.19 9.90
C19 2OW D . 9.01 32.69 8.70
N21 2OW D . 8.72 32.62 6.26
C23 2OW D . 7.25 34.12 4.99
C25 2OW D . 8.09 33.79 8.73
F27 2OW D . 8.87 28.41 7.56
C29 2OW D . 10.44 23.14 7.71
C1 GOL E . 40.64 -24.02 -15.13
O1 GOL E . 40.66 -24.98 -14.08
C2 GOL E . 41.92 -23.17 -15.16
O2 GOL E . 43.02 -23.86 -14.58
C3 GOL E . 42.20 -22.76 -16.61
O3 GOL E . 43.54 -22.36 -16.77
C1 GOL F . 26.11 -5.08 -8.70
O1 GOL F . 26.50 -6.35 -8.24
C2 GOL F . 27.16 -4.42 -9.64
O2 GOL F . 28.38 -5.12 -9.75
C3 GOL F . 26.56 -4.23 -11.03
O3 GOL F . 27.51 -3.75 -11.94
C1 GOL G . 30.40 -5.61 5.09
O1 GOL G . 30.44 -6.45 6.24
C2 GOL G . 29.72 -4.28 5.41
O2 GOL G . 28.41 -4.48 5.92
C3 GOL G . 30.56 -3.56 6.47
O3 GOL G . 31.74 -3.06 5.88
#